data_5T3K
# 
_entry.id   5T3K 
# 
_audit_conform.dict_name       mmcif_pdbx.dic 
_audit_conform.dict_version    5.387 
_audit_conform.dict_location   http://mmcif.pdb.org/dictionaries/ascii/mmcif_pdbx.dic 
# 
loop_
_database_2.database_id 
_database_2.database_code 
_database_2.pdbx_database_accession 
_database_2.pdbx_DOI 
PDB   5T3K         pdb_00005t3k 10.2210/pdb5t3k/pdb 
WWPDB D_1000223514 ?            ?                   
# 
loop_
_pdbx_audit_revision_history.ordinal 
_pdbx_audit_revision_history.data_content_type 
_pdbx_audit_revision_history.major_revision 
_pdbx_audit_revision_history.minor_revision 
_pdbx_audit_revision_history.revision_date 
1 'Structure model' 1 0 2017-07-05 
2 'Structure model' 1 1 2024-03-06 
# 
_pdbx_audit_revision_details.ordinal             1 
_pdbx_audit_revision_details.revision_ordinal    1 
_pdbx_audit_revision_details.data_content_type   'Structure model' 
_pdbx_audit_revision_details.provider            repository 
_pdbx_audit_revision_details.type                'Initial release' 
_pdbx_audit_revision_details.description         ? 
_pdbx_audit_revision_details.details             ? 
# 
loop_
_pdbx_audit_revision_group.ordinal 
_pdbx_audit_revision_group.revision_ordinal 
_pdbx_audit_revision_group.data_content_type 
_pdbx_audit_revision_group.group 
1 2 'Structure model' 'Data collection'      
2 2 'Structure model' 'Database references'  
3 2 'Structure model' 'Derived calculations' 
# 
loop_
_pdbx_audit_revision_category.ordinal 
_pdbx_audit_revision_category.revision_ordinal 
_pdbx_audit_revision_category.data_content_type 
_pdbx_audit_revision_category.category 
1 2 'Structure model' chem_comp_atom         
2 2 'Structure model' chem_comp_bond         
3 2 'Structure model' database_2             
4 2 'Structure model' pdbx_struct_conn_angle 
5 2 'Structure model' struct_conn            
# 
loop_
_pdbx_audit_revision_item.ordinal 
_pdbx_audit_revision_item.revision_ordinal 
_pdbx_audit_revision_item.data_content_type 
_pdbx_audit_revision_item.item 
1  2 'Structure model' '_database_2.pdbx_DOI'                        
2  2 'Structure model' '_database_2.pdbx_database_accession'         
3  2 'Structure model' '_pdbx_struct_conn_angle.ptnr1_auth_asym_id'  
4  2 'Structure model' '_pdbx_struct_conn_angle.ptnr1_auth_comp_id'  
5  2 'Structure model' '_pdbx_struct_conn_angle.ptnr1_auth_seq_id'   
6  2 'Structure model' '_pdbx_struct_conn_angle.ptnr1_label_asym_id' 
7  2 'Structure model' '_pdbx_struct_conn_angle.ptnr1_label_atom_id' 
8  2 'Structure model' '_pdbx_struct_conn_angle.ptnr1_label_comp_id' 
9  2 'Structure model' '_pdbx_struct_conn_angle.ptnr1_label_seq_id'  
10 2 'Structure model' '_pdbx_struct_conn_angle.ptnr2_symmetry'      
11 2 'Structure model' '_pdbx_struct_conn_angle.ptnr3_auth_asym_id'  
12 2 'Structure model' '_pdbx_struct_conn_angle.ptnr3_auth_comp_id'  
13 2 'Structure model' '_pdbx_struct_conn_angle.ptnr3_auth_seq_id'   
14 2 'Structure model' '_pdbx_struct_conn_angle.ptnr3_label_asym_id' 
15 2 'Structure model' '_pdbx_struct_conn_angle.ptnr3_label_atom_id' 
16 2 'Structure model' '_pdbx_struct_conn_angle.ptnr3_label_comp_id' 
17 2 'Structure model' '_pdbx_struct_conn_angle.ptnr3_label_seq_id'  
18 2 'Structure model' '_pdbx_struct_conn_angle.value'               
19 2 'Structure model' '_struct_conn.conn_type_id'                   
20 2 'Structure model' '_struct_conn.id'                             
21 2 'Structure model' '_struct_conn.pdbx_dist_value'                
22 2 'Structure model' '_struct_conn.pdbx_leaving_atom_flag'         
23 2 'Structure model' '_struct_conn.ptnr1_auth_asym_id'             
24 2 'Structure model' '_struct_conn.ptnr1_auth_comp_id'             
25 2 'Structure model' '_struct_conn.ptnr1_auth_seq_id'              
26 2 'Structure model' '_struct_conn.ptnr1_label_asym_id'            
27 2 'Structure model' '_struct_conn.ptnr1_label_atom_id'            
28 2 'Structure model' '_struct_conn.ptnr1_label_comp_id'            
29 2 'Structure model' '_struct_conn.ptnr1_label_seq_id'             
30 2 'Structure model' '_struct_conn.ptnr2_auth_asym_id'             
31 2 'Structure model' '_struct_conn.ptnr2_auth_comp_id'             
32 2 'Structure model' '_struct_conn.ptnr2_auth_seq_id'              
33 2 'Structure model' '_struct_conn.ptnr2_label_asym_id'            
34 2 'Structure model' '_struct_conn.ptnr2_label_atom_id'            
35 2 'Structure model' '_struct_conn.ptnr2_label_comp_id'            
36 2 'Structure model' '_struct_conn.ptnr2_label_seq_id'             
37 2 'Structure model' '_struct_conn.ptnr2_symmetry'                 
# 
_pdbx_database_status.status_code                     REL 
_pdbx_database_status.status_code_sf                  REL 
_pdbx_database_status.status_code_mr                  ? 
_pdbx_database_status.entry_id                        5T3K 
_pdbx_database_status.recvd_initial_deposition_date   2016-08-25 
_pdbx_database_status.SG_entry                        N 
_pdbx_database_status.deposit_site                    RCSB 
_pdbx_database_status.process_site                    RCSB 
_pdbx_database_status.status_code_cs                  ? 
_pdbx_database_status.methods_development_category    ? 
_pdbx_database_status.pdb_format_compatible           Y 
_pdbx_database_status.status_code_nmr_data            ? 
# 
loop_
_audit_author.name 
_audit_author.pdbx_ordinal 
'Hermann, T.'    1 
'Boerneke, M.A.' 2 
# 
_citation.abstract                  ? 
_citation.abstract_id_CAS           ? 
_citation.book_id_ISBN              ? 
_citation.book_publisher            ? 
_citation.book_publisher_city       ? 
_citation.book_title                ? 
_citation.coordinate_linkage        ? 
_citation.country                   GE 
_citation.database_id_Medline       ? 
_citation.details                   ? 
_citation.id                        primary 
_citation.journal_abbrev            'Angew. Chem. Int. Ed. Engl.' 
_citation.journal_id_ASTM           ACIEAY 
_citation.journal_id_CSD            0179 
_citation.journal_id_ISSN           1521-3773 
_citation.journal_full              ? 
_citation.journal_issue             ? 
_citation.journal_volume            56 
_citation.language                  ? 
_citation.page_first                2640 
_citation.page_last                 2644 
_citation.title                     
'Structure of the Ribosomal RNA Decoding Site Containing a Selenium-Modified Responsive Fluorescent Ribonucleoside Probe.' 
_citation.year                      2017 
_citation.database_id_CSD           ? 
_citation.pdbx_database_id_DOI      10.1002/anie.201611700 
_citation.pdbx_database_id_PubMed   28156044 
_citation.unpublished_flag          ? 
# 
loop_
_citation_author.citation_id 
_citation_author.name 
_citation_author.ordinal 
_citation_author.identifier_ORCID 
primary 'Nuthanakanti, A.' 1 ? 
primary 'Boerneke, M.A.'   2 ? 
primary 'Hermann, T.'      3 ? 
primary 'Srivatsan, S.G.'  4 ? 
# 
loop_
_entity.id 
_entity.type 
_entity.src_method 
_entity.pdbx_description 
_entity.formula_weight 
_entity.pdbx_number_of_molecules 
_entity.pdbx_ec 
_entity.pdbx_mutation 
_entity.pdbx_fragment 
_entity.details 
1 polymer     syn 
;RNA (5'-R(*GP*GP*UP*GP*GP*UP*GP*AP*AP*GP*UP*CP*GP*CP*UP*GP*G)-3')
;
5555.333 2  ? ? ? ? 
2 polymer     syn 
;RNA (5'-R(*CP*AP*GP*CP*GP*(75B)P*CP*AP*CP*AP*CP*CP*AP*CP*CP*C)-3')
;
5144.098 2  ? ? ? ? 
3 non-polymer syn 'MAGNESIUM ION'                                                      24.305   10 ? ? ? ? 
4 water       nat water                                                                18.015   60 ? ? ? ? 
# 
loop_
_entity_poly.entity_id 
_entity_poly.type 
_entity_poly.nstd_linkage 
_entity_poly.nstd_monomer 
_entity_poly.pdbx_seq_one_letter_code 
_entity_poly.pdbx_seq_one_letter_code_can 
_entity_poly.pdbx_strand_id 
_entity_poly.pdbx_target_identifier 
1 polyribonucleotide no no  GGUGGUGAAGUCGCUGG      GGUGGUGAAGUCGCUGG A,C ? 
2 polyribonucleotide no yes 'CAGCG(75B)CACACCACCC' CAGCGXCACACCACCC  B,D ? 
# 
loop_
_pdbx_entity_nonpoly.entity_id 
_pdbx_entity_nonpoly.name 
_pdbx_entity_nonpoly.comp_id 
3 'MAGNESIUM ION' MG  
4 water           HOH 
# 
loop_
_entity_poly_seq.entity_id 
_entity_poly_seq.num 
_entity_poly_seq.mon_id 
_entity_poly_seq.hetero 
1 1  G   n 
1 2  G   n 
1 3  U   n 
1 4  G   n 
1 5  G   n 
1 6  U   n 
1 7  G   n 
1 8  A   n 
1 9  A   n 
1 10 G   n 
1 11 U   n 
1 12 C   n 
1 13 G   n 
1 14 C   n 
1 15 U   n 
1 16 G   n 
1 17 G   n 
2 1  C   n 
2 2  A   n 
2 3  G   n 
2 4  C   n 
2 5  G   n 
2 6  75B n 
2 7  C   n 
2 8  A   n 
2 9  C   n 
2 10 A   n 
2 11 C   n 
2 12 C   n 
2 13 A   n 
2 14 C   n 
2 15 C   n 
2 16 C   n 
# 
loop_
_pdbx_entity_src_syn.entity_id 
_pdbx_entity_src_syn.pdbx_src_id 
_pdbx_entity_src_syn.pdbx_alt_source_flag 
_pdbx_entity_src_syn.pdbx_beg_seq_num 
_pdbx_entity_src_syn.pdbx_end_seq_num 
_pdbx_entity_src_syn.organism_scientific 
_pdbx_entity_src_syn.organism_common_name 
_pdbx_entity_src_syn.ncbi_taxonomy_id 
_pdbx_entity_src_syn.details 
1 1 sample 1 17 'synthetic construct' ? 32630 ? 
2 1 sample 1 16 'synthetic construct' ? 32630 ? 
# 
loop_
_chem_comp.id 
_chem_comp.type 
_chem_comp.mon_nstd_flag 
_chem_comp.name 
_chem_comp.pdbx_synonyms 
_chem_comp.formula 
_chem_comp.formula_weight 
75B 'RNA linking' n 
;5-selenophen-2-yluridine 5'-(dihydrogen phosphate)
;
? 'C13 H15 N2 O9 P Se' 453.200 
A   'RNA linking' y "ADENOSINE-5'-MONOPHOSPHATE"                         ? 'C10 H14 N5 O7 P'    347.221 
C   'RNA linking' y "CYTIDINE-5'-MONOPHOSPHATE"                          ? 'C9 H14 N3 O8 P'     323.197 
G   'RNA linking' y "GUANOSINE-5'-MONOPHOSPHATE"                         ? 'C10 H14 N5 O8 P'    363.221 
HOH non-polymer   . WATER                                                ? 'H2 O'               18.015  
MG  non-polymer   . 'MAGNESIUM ION'                                      ? 'Mg 2'               24.305  
U   'RNA linking' y "URIDINE-5'-MONOPHOSPHATE"                           ? 'C9 H13 N2 O9 P'     324.181 
# 
loop_
_pdbx_poly_seq_scheme.asym_id 
_pdbx_poly_seq_scheme.entity_id 
_pdbx_poly_seq_scheme.seq_id 
_pdbx_poly_seq_scheme.mon_id 
_pdbx_poly_seq_scheme.ndb_seq_num 
_pdbx_poly_seq_scheme.pdb_seq_num 
_pdbx_poly_seq_scheme.auth_seq_num 
_pdbx_poly_seq_scheme.pdb_mon_id 
_pdbx_poly_seq_scheme.auth_mon_id 
_pdbx_poly_seq_scheme.pdb_strand_id 
_pdbx_poly_seq_scheme.pdb_ins_code 
_pdbx_poly_seq_scheme.hetero 
A 1 1  G   1  1  1  G   G   A . n 
A 1 2  G   2  2  2  G   G   A . n 
A 1 3  U   3  3  3  U   U   A . n 
A 1 4  G   4  4  4  G   G   A . n 
A 1 5  G   5  5  5  G   G   A . n 
A 1 6  U   6  6  6  U   U   A . n 
A 1 7  G   7  7  7  G   G   A . n 
A 1 8  A   8  8  8  A   A   A . n 
A 1 9  A   9  9  9  A   A   A . n 
A 1 10 G   10 10 10 G   G   A . n 
A 1 11 U   11 11 11 U   U   A . n 
A 1 12 C   12 12 12 C   C   A . n 
A 1 13 G   13 13 13 G   G   A . n 
A 1 14 C   14 14 14 C   C   A . n 
A 1 15 U   15 15 15 U   U   A . n 
A 1 16 G   16 16 16 G   G   A . n 
A 1 17 G   17 17 17 G   G   A . n 
B 2 1  C   1  20 20 C   C   B . n 
B 2 2  A   2  21 21 A   A   B . n 
B 2 3  G   3  22 22 G   G   B . n 
B 2 4  C   4  23 23 C   C   B . n 
B 2 5  G   5  24 24 G   G   B . n 
B 2 6  75B 6  25 25 75B U5S B . n 
B 2 7  C   7  26 26 C   C   B . n 
B 2 8  A   8  27 27 A   A   B . n 
B 2 9  C   9  28 28 C   C   B . n 
B 2 10 A   10 29 29 A   A   B . n 
B 2 11 C   11 30 30 C   C   B . n 
B 2 12 C   12 31 31 C   C   B . n 
B 2 13 A   13 32 32 A   A   B . n 
B 2 14 C   14 33 33 C   C   B . n 
B 2 15 C   15 34 34 C   C   B . n 
B 2 16 C   16 35 35 C   C   B . n 
C 1 1  G   1  1  1  G   G   C . n 
C 1 2  G   2  2  2  G   G   C . n 
C 1 3  U   3  3  3  U   U   C . n 
C 1 4  G   4  4  4  G   G   C . n 
C 1 5  G   5  5  5  G   G   C . n 
C 1 6  U   6  6  6  U   U   C . n 
C 1 7  G   7  7  7  G   G   C . n 
C 1 8  A   8  8  8  A   A   C . n 
C 1 9  A   9  9  9  A   A   C . n 
C 1 10 G   10 10 10 G   G   C . n 
C 1 11 U   11 11 11 U   U   C . n 
C 1 12 C   12 12 12 C   C   C . n 
C 1 13 G   13 13 13 G   G   C . n 
C 1 14 C   14 14 14 C   C   C . n 
C 1 15 U   15 15 15 U   U   C . n 
C 1 16 G   16 16 16 G   G   C . n 
C 1 17 G   17 17 17 G   G   C . n 
D 2 1  C   1  20 20 C   C   D . n 
D 2 2  A   2  21 21 A   A   D . n 
D 2 3  G   3  22 22 G   G   D . n 
D 2 4  C   4  23 23 C   C   D . n 
D 2 5  G   5  24 24 G   G   D . n 
D 2 6  75B 6  25 25 75B U5S D . n 
D 2 7  C   7  26 26 C   C   D . n 
D 2 8  A   8  27 27 A   A   D . n 
D 2 9  C   9  28 28 C   C   D . n 
D 2 10 A   10 29 29 A   A   D . n 
D 2 11 C   11 30 30 C   C   D . n 
D 2 12 C   12 31 31 C   C   D . n 
D 2 13 A   13 32 32 A   A   D . n 
D 2 14 C   14 33 33 C   C   D . n 
D 2 15 C   15 34 34 C   C   D . n 
D 2 16 C   16 35 35 C   C   D . n 
# 
loop_
_pdbx_nonpoly_scheme.asym_id 
_pdbx_nonpoly_scheme.entity_id 
_pdbx_nonpoly_scheme.mon_id 
_pdbx_nonpoly_scheme.ndb_seq_num 
_pdbx_nonpoly_scheme.pdb_seq_num 
_pdbx_nonpoly_scheme.auth_seq_num 
_pdbx_nonpoly_scheme.pdb_mon_id 
_pdbx_nonpoly_scheme.auth_mon_id 
_pdbx_nonpoly_scheme.pdb_strand_id 
_pdbx_nonpoly_scheme.pdb_ins_code 
E 3 MG  1  101 1  MG  MG  A . 
F 3 MG  1  102 2  MG  MG  A . 
G 3 MG  1  101 5  MG  MG  B . 
H 3 MG  1  102 10 MG  MG  B . 
I 3 MG  1  101 3  MG  MG  C . 
J 3 MG  1  102 6  MG  MG  C . 
K 3 MG  1  103 7  MG  MG  C . 
L 3 MG  1  104 8  MG  MG  C . 
M 3 MG  1  101 4  MG  MG  D . 
N 3 MG  1  102 9  MG  MG  D . 
O 4 HOH 1  201 21 HOH HOH A . 
O 4 HOH 2  202 45 HOH HOH A . 
O 4 HOH 3  203 27 HOH HOH A . 
O 4 HOH 4  204 14 HOH HOH A . 
O 4 HOH 5  205 32 HOH HOH A . 
O 4 HOH 6  206 52 HOH HOH A . 
O 4 HOH 7  207 17 HOH HOH A . 
O 4 HOH 8  208 34 HOH HOH A . 
O 4 HOH 9  209 58 HOH HOH A . 
O 4 HOH 10 210 24 HOH HOH A . 
O 4 HOH 11 211 50 HOH HOH A . 
O 4 HOH 12 212 60 HOH HOH A . 
O 4 HOH 13 213 20 HOH HOH A . 
O 4 HOH 14 214 57 HOH HOH A . 
O 4 HOH 15 215 18 HOH HOH A . 
O 4 HOH 16 216 4  HOH HOH A . 
O 4 HOH 17 217 5  HOH HOH A . 
O 4 HOH 18 218 44 HOH HOH A . 
O 4 HOH 19 219 23 HOH HOH A . 
O 4 HOH 20 220 35 HOH HOH A . 
O 4 HOH 21 221 25 HOH HOH A . 
O 4 HOH 22 222 29 HOH HOH A . 
P 4 HOH 1  201 56 HOH HOH B . 
P 4 HOH 2  202 22 HOH HOH B . 
P 4 HOH 3  203 11 HOH HOH B . 
P 4 HOH 4  204 16 HOH HOH B . 
P 4 HOH 5  205 59 HOH HOH B . 
P 4 HOH 6  206 28 HOH HOH B . 
P 4 HOH 7  207 55 HOH HOH B . 
P 4 HOH 8  208 3  HOH HOH B . 
P 4 HOH 9  209 41 HOH HOH B . 
P 4 HOH 10 210 42 HOH HOH B . 
P 4 HOH 11 211 43 HOH HOH B . 
Q 4 HOH 1  201 1  HOH HOH C . 
Q 4 HOH 2  202 8  HOH HOH C . 
Q 4 HOH 3  203 6  HOH HOH C . 
Q 4 HOH 4  204 10 HOH HOH C . 
Q 4 HOH 5  205 7  HOH HOH C . 
Q 4 HOH 6  206 40 HOH HOH C . 
Q 4 HOH 7  207 26 HOH HOH C . 
Q 4 HOH 8  208 31 HOH HOH C . 
Q 4 HOH 9  209 46 HOH HOH C . 
Q 4 HOH 10 210 36 HOH HOH C . 
Q 4 HOH 11 211 48 HOH HOH C . 
Q 4 HOH 12 212 39 HOH HOH C . 
Q 4 HOH 13 213 38 HOH HOH C . 
R 4 HOH 1  201 37 HOH HOH D . 
R 4 HOH 2  202 12 HOH HOH D . 
R 4 HOH 3  203 13 HOH HOH D . 
R 4 HOH 4  204 30 HOH HOH D . 
R 4 HOH 5  205 54 HOH HOH D . 
R 4 HOH 6  206 33 HOH HOH D . 
R 4 HOH 7  207 19 HOH HOH D . 
R 4 HOH 8  208 9  HOH HOH D . 
R 4 HOH 9  209 2  HOH HOH D . 
R 4 HOH 10 210 51 HOH HOH D . 
R 4 HOH 11 211 53 HOH HOH D . 
R 4 HOH 12 212 47 HOH HOH D . 
R 4 HOH 13 213 49 HOH HOH D . 
R 4 HOH 14 214 15 HOH HOH D . 
# 
loop_
_software.citation_id 
_software.classification 
_software.compiler_name 
_software.compiler_version 
_software.contact_author 
_software.contact_author_email 
_software.date 
_software.description 
_software.dependencies 
_software.hardware 
_software.language 
_software.location 
_software.mods 
_software.name 
_software.os 
_software.os_version 
_software.type 
_software.version 
_software.pdbx_ordinal 
? refinement       ? ? ? ? ? ? ? ? ? ? ? PHENIX   ? ? ? dev_2313 1 
? 'data reduction' ? ? ? ? ? ? ? ? ? ? ? HKL-2000 ? ? ? .        2 
? 'data scaling'   ? ? ? ? ? ? ? ? ? ? ? HKL-2000 ? ? ? .        3 
# 
_cell.angle_alpha                  90.00 
_cell.angle_alpha_esd              ? 
_cell.angle_beta                   94.14 
_cell.angle_beta_esd               ? 
_cell.angle_gamma                  90.00 
_cell.angle_gamma_esd              ? 
_cell.entry_id                     5T3K 
_cell.details                      ? 
_cell.formula_units_Z              ? 
_cell.length_a                     31.553 
_cell.length_a_esd                 ? 
_cell.length_b                     86.956 
_cell.length_b_esd                 ? 
_cell.length_c                     32.564 
_cell.length_c_esd                 ? 
_cell.volume                       ? 
_cell.volume_esd                   ? 
_cell.Z_PDB                        4 
_cell.reciprocal_angle_alpha       ? 
_cell.reciprocal_angle_beta        ? 
_cell.reciprocal_angle_gamma       ? 
_cell.reciprocal_angle_alpha_esd   ? 
_cell.reciprocal_angle_beta_esd    ? 
_cell.reciprocal_angle_gamma_esd   ? 
_cell.reciprocal_length_a          ? 
_cell.reciprocal_length_b          ? 
_cell.reciprocal_length_c          ? 
_cell.reciprocal_length_a_esd      ? 
_cell.reciprocal_length_b_esd      ? 
_cell.reciprocal_length_c_esd      ? 
_cell.pdbx_unique_axis             ? 
# 
_symmetry.entry_id                         5T3K 
_symmetry.cell_setting                     ? 
_symmetry.Int_Tables_number                4 
_symmetry.space_group_name_Hall            ? 
_symmetry.space_group_name_H-M             'P 1 21 1' 
_symmetry.pdbx_full_space_group_name_H-M   ? 
# 
_exptl.absorpt_coefficient_mu     ? 
_exptl.absorpt_correction_T_max   ? 
_exptl.absorpt_correction_T_min   ? 
_exptl.absorpt_correction_type    ? 
_exptl.absorpt_process_details    ? 
_exptl.entry_id                   5T3K 
_exptl.crystals_number            1 
_exptl.details                    ? 
_exptl.method                     'X-RAY DIFFRACTION' 
_exptl.method_details             ? 
# 
_exptl_crystal.colour                      ? 
_exptl_crystal.density_diffrn              ? 
_exptl_crystal.density_Matthews            2.08 
_exptl_crystal.density_method              ? 
_exptl_crystal.density_percent_sol         40.93 
_exptl_crystal.description                 ? 
_exptl_crystal.F_000                       ? 
_exptl_crystal.id                          1 
_exptl_crystal.preparation                 ? 
_exptl_crystal.size_max                    ? 
_exptl_crystal.size_mid                    ? 
_exptl_crystal.size_min                    ? 
_exptl_crystal.size_rad                    ? 
_exptl_crystal.colour_lustre               ? 
_exptl_crystal.colour_modifier             ? 
_exptl_crystal.colour_primary              ? 
_exptl_crystal.density_meas                ? 
_exptl_crystal.density_meas_esd            ? 
_exptl_crystal.density_meas_gt             ? 
_exptl_crystal.density_meas_lt             ? 
_exptl_crystal.density_meas_temp           ? 
_exptl_crystal.density_meas_temp_esd       ? 
_exptl_crystal.density_meas_temp_gt        ? 
_exptl_crystal.density_meas_temp_lt        ? 
_exptl_crystal.pdbx_crystal_image_url      ? 
_exptl_crystal.pdbx_crystal_image_format   ? 
_exptl_crystal.pdbx_mosaicity              ? 
_exptl_crystal.pdbx_mosaicity_esd          ? 
# 
_exptl_crystal_grow.apparatus       ? 
_exptl_crystal_grow.atmosphere      ? 
_exptl_crystal_grow.crystal_id      1 
_exptl_crystal_grow.details         ? 
_exptl_crystal_grow.method          'VAPOR DIFFUSION, HANGING DROP' 
_exptl_crystal_grow.method_ref      ? 
_exptl_crystal_grow.pH              5.6 
_exptl_crystal_grow.pressure        ? 
_exptl_crystal_grow.pressure_esd    ? 
_exptl_crystal_grow.seeding         ? 
_exptl_crystal_grow.seeding_ref     ? 
_exptl_crystal_grow.temp            295 
_exptl_crystal_grow.temp_details    ? 
_exptl_crystal_grow.temp_esd        ? 
_exptl_crystal_grow.time            ? 
_exptl_crystal_grow.pdbx_details    
'0.2mM RNA, 2.40-2.55M ammonium sulfate, 10mM magnesium acetate, 40mM2-(N-morpholino)ethanesulfonic acid (MES) buffer, pH 5.6' 
_exptl_crystal_grow.pdbx_pH_range   ? 
# 
_diffrn.ambient_environment    ? 
_diffrn.ambient_temp           100 
_diffrn.ambient_temp_details   ? 
_diffrn.ambient_temp_esd       ? 
_diffrn.crystal_id             1 
_diffrn.crystal_support        ? 
_diffrn.crystal_treatment      ? 
_diffrn.details                ? 
_diffrn.id                     1 
_diffrn.ambient_pressure       ? 
_diffrn.ambient_pressure_esd   ? 
_diffrn.ambient_pressure_gt    ? 
_diffrn.ambient_pressure_lt    ? 
_diffrn.ambient_temp_gt        ? 
_diffrn.ambient_temp_lt        ? 
# 
_diffrn_detector.details                      ? 
_diffrn_detector.detector                     'IMAGE PLATE' 
_diffrn_detector.diffrn_id                    1 
_diffrn_detector.type                         'MAR scanner 345 mm plate' 
_diffrn_detector.area_resol_mean              ? 
_diffrn_detector.dtime                        ? 
_diffrn_detector.pdbx_frames_total            ? 
_diffrn_detector.pdbx_collection_time_total   ? 
_diffrn_detector.pdbx_collection_date         2015-02-12 
# 
_diffrn_radiation.collimation                      ? 
_diffrn_radiation.diffrn_id                        1 
_diffrn_radiation.filter_edge                      ? 
_diffrn_radiation.inhomogeneity                    ? 
_diffrn_radiation.monochromator                    ? 
_diffrn_radiation.polarisn_norm                    ? 
_diffrn_radiation.polarisn_ratio                   ? 
_diffrn_radiation.probe                            ? 
_diffrn_radiation.type                             ? 
_diffrn_radiation.xray_symbol                      ? 
_diffrn_radiation.wavelength_id                    1 
_diffrn_radiation.pdbx_monochromatic_or_laue_m_l   M 
_diffrn_radiation.pdbx_wavelength_list             ? 
_diffrn_radiation.pdbx_wavelength                  ? 
_diffrn_radiation.pdbx_diffrn_protocol             'SINGLE WAVELENGTH' 
_diffrn_radiation.pdbx_analyzer                    ? 
_diffrn_radiation.pdbx_scattering_type             x-ray 
# 
_diffrn_radiation_wavelength.id           1 
_diffrn_radiation_wavelength.wavelength   1.54 
_diffrn_radiation_wavelength.wt           1.0 
# 
_diffrn_source.current                     ? 
_diffrn_source.details                     ? 
_diffrn_source.diffrn_id                   1 
_diffrn_source.power                       ? 
_diffrn_source.size                        ? 
_diffrn_source.source                      'ROTATING ANODE' 
_diffrn_source.target                      ? 
_diffrn_source.type                        'RIGAKU FR-D' 
_diffrn_source.voltage                     ? 
_diffrn_source.take-off_angle              ? 
_diffrn_source.pdbx_wavelength_list        1.54 
_diffrn_source.pdbx_wavelength             ? 
_diffrn_source.pdbx_synchrotron_beamline   ? 
_diffrn_source.pdbx_synchrotron_site       ? 
# 
_reflns.B_iso_Wilson_estimate            ? 
_reflns.entry_id                         5T3K 
_reflns.data_reduction_details           ? 
_reflns.data_reduction_method            ? 
_reflns.d_resolution_high                2.14 
_reflns.d_resolution_low                 26.02 
_reflns.details                          ? 
_reflns.limit_h_max                      ? 
_reflns.limit_h_min                      ? 
_reflns.limit_k_max                      ? 
_reflns.limit_k_min                      ? 
_reflns.limit_l_max                      ? 
_reflns.limit_l_min                      ? 
_reflns.number_all                       ? 
_reflns.number_obs                       7483 
_reflns.observed_criterion               ? 
_reflns.observed_criterion_F_max         ? 
_reflns.observed_criterion_F_min         ? 
_reflns.observed_criterion_I_max         ? 
_reflns.observed_criterion_I_min         ? 
_reflns.observed_criterion_sigma_F       ? 
_reflns.observed_criterion_sigma_I       ? 
_reflns.percent_possible_obs             77.6 
_reflns.R_free_details                   ? 
_reflns.Rmerge_F_all                     ? 
_reflns.Rmerge_F_obs                     ? 
_reflns.Friedel_coverage                 ? 
_reflns.number_gt                        ? 
_reflns.threshold_expression             ? 
_reflns.pdbx_redundancy                  2.9 
_reflns.pdbx_Rmerge_I_obs                ? 
_reflns.pdbx_Rmerge_I_all                ? 
_reflns.pdbx_Rsym_value                  ? 
_reflns.pdbx_netI_over_av_sigmaI         ? 
_reflns.pdbx_netI_over_sigmaI            11.32 
_reflns.pdbx_res_netI_over_av_sigmaI_2   ? 
_reflns.pdbx_res_netI_over_sigmaI_2      ? 
_reflns.pdbx_chi_squared                 ? 
_reflns.pdbx_scaling_rejects             ? 
_reflns.pdbx_d_res_high_opt              ? 
_reflns.pdbx_d_res_low_opt               ? 
_reflns.pdbx_d_res_opt_method            ? 
_reflns.phase_calculation_details        ? 
_reflns.pdbx_Rrim_I_all                  ? 
_reflns.pdbx_Rpim_I_all                  ? 
_reflns.pdbx_d_opt                       ? 
_reflns.pdbx_number_measured_all         ? 
_reflns.pdbx_diffrn_id                   1 
_reflns.pdbx_ordinal                     1 
_reflns.pdbx_CC_half                     ? 
_reflns.pdbx_R_split                     ? 
# 
_reflns_shell.d_res_high                  2.14 
_reflns_shell.d_res_low                   2.22 
_reflns_shell.meanI_over_sigI_all         ? 
_reflns_shell.meanI_over_sigI_obs         4.25 
_reflns_shell.number_measured_all         ? 
_reflns_shell.number_measured_obs         ? 
_reflns_shell.number_possible             ? 
_reflns_shell.number_unique_all           ? 
_reflns_shell.number_unique_obs           ? 
_reflns_shell.percent_possible_all        46.7 
_reflns_shell.percent_possible_obs        ? 
_reflns_shell.Rmerge_F_all                ? 
_reflns_shell.Rmerge_F_obs                ? 
_reflns_shell.Rmerge_I_all                ? 
_reflns_shell.Rmerge_I_obs                ? 
_reflns_shell.meanI_over_sigI_gt          ? 
_reflns_shell.meanI_over_uI_all           ? 
_reflns_shell.meanI_over_uI_gt            ? 
_reflns_shell.number_measured_gt          ? 
_reflns_shell.number_unique_gt            ? 
_reflns_shell.percent_possible_gt         ? 
_reflns_shell.Rmerge_F_gt                 ? 
_reflns_shell.Rmerge_I_gt                 ? 
_reflns_shell.pdbx_redundancy             1.7 
_reflns_shell.pdbx_Rsym_value             ? 
_reflns_shell.pdbx_chi_squared            ? 
_reflns_shell.pdbx_netI_over_sigmaI_all   ? 
_reflns_shell.pdbx_netI_over_sigmaI_obs   ? 
_reflns_shell.pdbx_Rrim_I_all             ? 
_reflns_shell.pdbx_Rpim_I_all             ? 
_reflns_shell.pdbx_rejects                ? 
_reflns_shell.pdbx_ordinal                1 
_reflns_shell.pdbx_diffrn_id              1 
_reflns_shell.pdbx_CC_half                ? 
_reflns_shell.pdbx_R_split                ? 
# 
_refine.aniso_B[1][1]                            ? 
_refine.aniso_B[1][2]                            ? 
_refine.aniso_B[1][3]                            ? 
_refine.aniso_B[2][2]                            ? 
_refine.aniso_B[2][3]                            ? 
_refine.aniso_B[3][3]                            ? 
_refine.B_iso_max                                ? 
_refine.B_iso_mean                               32.6 
_refine.B_iso_min                                ? 
_refine.correlation_coeff_Fo_to_Fc               ? 
_refine.correlation_coeff_Fo_to_Fc_free          ? 
_refine.details                                  ? 
_refine.diff_density_max                         ? 
_refine.diff_density_max_esd                     ? 
_refine.diff_density_min                         ? 
_refine.diff_density_min_esd                     ? 
_refine.diff_density_rms                         ? 
_refine.diff_density_rms_esd                     ? 
_refine.entry_id                                 5T3K 
_refine.pdbx_refine_id                           'X-RAY DIFFRACTION' 
_refine.ls_abs_structure_details                 ? 
_refine.ls_abs_structure_Flack                   ? 
_refine.ls_abs_structure_Flack_esd               ? 
_refine.ls_abs_structure_Rogers                  ? 
_refine.ls_abs_structure_Rogers_esd              ? 
_refine.ls_d_res_high                            2.142 
_refine.ls_d_res_low                             26.020 
_refine.ls_extinction_coef                       ? 
_refine.ls_extinction_coef_esd                   ? 
_refine.ls_extinction_expression                 ? 
_refine.ls_extinction_method                     ? 
_refine.ls_goodness_of_fit_all                   ? 
_refine.ls_goodness_of_fit_all_esd               ? 
_refine.ls_goodness_of_fit_obs                   ? 
_refine.ls_goodness_of_fit_obs_esd               ? 
_refine.ls_hydrogen_treatment                    ? 
_refine.ls_matrix_type                           ? 
_refine.ls_number_constraints                    ? 
_refine.ls_number_parameters                     ? 
_refine.ls_number_reflns_all                     ? 
_refine.ls_number_reflns_obs                     7483 
_refine.ls_number_reflns_R_free                  726 
_refine.ls_number_reflns_R_work                  ? 
_refine.ls_number_restraints                     ? 
_refine.ls_percent_reflns_obs                    77.41 
_refine.ls_percent_reflns_R_free                 9.70 
_refine.ls_R_factor_all                          ? 
_refine.ls_R_factor_obs                          0.2028 
_refine.ls_R_factor_R_free                       0.2465 
_refine.ls_R_factor_R_free_error                 ? 
_refine.ls_R_factor_R_free_error_details         ? 
_refine.ls_R_factor_R_work                       0.1974 
_refine.ls_R_Fsqd_factor_obs                     ? 
_refine.ls_R_I_factor_obs                        ? 
_refine.ls_redundancy_reflns_all                 ? 
_refine.ls_redundancy_reflns_obs                 ? 
_refine.ls_restrained_S_all                      ? 
_refine.ls_restrained_S_obs                      ? 
_refine.ls_shift_over_esd_max                    ? 
_refine.ls_shift_over_esd_mean                   ? 
_refine.ls_structure_factor_coef                 ? 
_refine.ls_weighting_details                     ? 
_refine.ls_weighting_scheme                      ? 
_refine.ls_wR_factor_all                         ? 
_refine.ls_wR_factor_obs                         ? 
_refine.ls_wR_factor_R_free                      ? 
_refine.ls_wR_factor_R_work                      ? 
_refine.occupancy_max                            ? 
_refine.occupancy_min                            ? 
_refine.solvent_model_details                    ? 
_refine.solvent_model_param_bsol                 ? 
_refine.solvent_model_param_ksol                 ? 
_refine.ls_R_factor_gt                           ? 
_refine.ls_goodness_of_fit_gt                    ? 
_refine.ls_goodness_of_fit_ref                   ? 
_refine.ls_shift_over_su_max                     ? 
_refine.ls_shift_over_su_max_lt                  ? 
_refine.ls_shift_over_su_mean                    ? 
_refine.ls_shift_over_su_mean_lt                 ? 
_refine.pdbx_ls_sigma_I                          ? 
_refine.pdbx_ls_sigma_F                          1.35 
_refine.pdbx_ls_sigma_Fsqd                       ? 
_refine.pdbx_data_cutoff_high_absF               ? 
_refine.pdbx_data_cutoff_high_rms_absF           ? 
_refine.pdbx_data_cutoff_low_absF                ? 
_refine.pdbx_isotropic_thermal_model             ? 
_refine.pdbx_ls_cross_valid_method               'FREE R-VALUE' 
_refine.pdbx_method_to_determine_struct          'MOLECULAR REPLACEMENT' 
_refine.pdbx_starting_model                      ? 
_refine.pdbx_stereochemistry_target_values       ? 
_refine.pdbx_R_Free_selection_details            ? 
_refine.pdbx_stereochem_target_val_spec_case     ? 
_refine.pdbx_overall_ESU_R                       ? 
_refine.pdbx_overall_ESU_R_Free                  ? 
_refine.pdbx_solvent_vdw_probe_radii             1.11 
_refine.pdbx_solvent_ion_probe_radii             ? 
_refine.pdbx_solvent_shrinkage_radii             0.90 
_refine.pdbx_real_space_R                        ? 
_refine.pdbx_density_correlation                 ? 
_refine.pdbx_pd_number_of_powder_patterns        ? 
_refine.pdbx_pd_number_of_points                 ? 
_refine.pdbx_pd_meas_number_of_points            ? 
_refine.pdbx_pd_proc_ls_prof_R_factor            ? 
_refine.pdbx_pd_proc_ls_prof_wR_factor           ? 
_refine.pdbx_pd_Marquardt_correlation_coeff      ? 
_refine.pdbx_pd_Fsqrd_R_factor                   ? 
_refine.pdbx_pd_ls_matrix_band_width             ? 
_refine.pdbx_overall_phase_error                 31.64 
_refine.pdbx_overall_SU_R_free_Cruickshank_DPI   ? 
_refine.pdbx_overall_SU_R_free_Blow_DPI          ? 
_refine.pdbx_overall_SU_R_Blow_DPI               ? 
_refine.pdbx_TLS_residual_ADP_flag               ? 
_refine.pdbx_diffrn_id                           1 
_refine.overall_SU_B                             ? 
_refine.overall_SU_ML                            0.33 
_refine.overall_SU_R_Cruickshank_DPI             ? 
_refine.overall_SU_R_free                        ? 
_refine.overall_FOM_free_R_set                   ? 
_refine.overall_FOM_work_R_set                   ? 
_refine.pdbx_average_fsc_overall                 ? 
_refine.pdbx_average_fsc_work                    ? 
_refine.pdbx_average_fsc_free                    ? 
# 
_refine_hist.pdbx_refine_id                   'X-RAY DIFFRACTION' 
_refine_hist.cycle_id                         LAST 
_refine_hist.pdbx_number_atoms_protein        0 
_refine_hist.pdbx_number_atoms_nucleic_acid   1408 
_refine_hist.pdbx_number_atoms_ligand         10 
_refine_hist.number_atoms_solvent             60 
_refine_hist.number_atoms_total               1478 
_refine_hist.d_res_high                       2.142 
_refine_hist.d_res_low                        26.020 
# 
loop_
_refine_ls_restr.pdbx_refine_id 
_refine_ls_restr.criterion 
_refine_ls_restr.dev_ideal 
_refine_ls_restr.dev_ideal_target 
_refine_ls_restr.number 
_refine_ls_restr.rejects 
_refine_ls_restr.type 
_refine_ls_restr.weight 
_refine_ls_restr.pdbx_restraint_function 
'X-RAY DIFFRACTION' ? 0.007  ? 1572 ? f_bond_d           ? ? 
'X-RAY DIFFRACTION' ? 1.366  ? 2444 ? f_angle_d          ? ? 
'X-RAY DIFFRACTION' ? 20.892 ? 816  ? f_dihedral_angle_d ? ? 
'X-RAY DIFFRACTION' ? 0.049  ? 316  ? f_chiral_restr     ? ? 
'X-RAY DIFFRACTION' ? 0.009  ? 68   ? f_plane_restr      ? ? 
# 
loop_
_refine_ls_shell.pdbx_refine_id 
_refine_ls_shell.d_res_high 
_refine_ls_shell.d_res_low 
_refine_ls_shell.number_reflns_all 
_refine_ls_shell.number_reflns_obs 
_refine_ls_shell.number_reflns_R_free 
_refine_ls_shell.number_reflns_R_work 
_refine_ls_shell.percent_reflns_obs 
_refine_ls_shell.percent_reflns_R_free 
_refine_ls_shell.R_factor_all 
_refine_ls_shell.R_factor_obs 
_refine_ls_shell.R_factor_R_free 
_refine_ls_shell.R_factor_R_free_error 
_refine_ls_shell.R_factor_R_work 
_refine_ls_shell.redundancy_reflns_all 
_refine_ls_shell.redundancy_reflns_obs 
_refine_ls_shell.wR_factor_all 
_refine_ls_shell.wR_factor_obs 
_refine_ls_shell.wR_factor_R_free 
_refine_ls_shell.wR_factor_R_work 
_refine_ls_shell.pdbx_total_number_of_bins_used 
_refine_ls_shell.pdbx_phase_error 
_refine_ls_shell.pdbx_fsc_work 
_refine_ls_shell.pdbx_fsc_free 
'X-RAY DIFFRACTION' 2.1424 2.3077  . . 85  816  47.00 . . . 0.4037 . 0.3191 . . . . . . . . . . 
'X-RAY DIFFRACTION' 2.3077 2.5398  . . 149 1298 76.00 . . . 0.3035 . 0.2597 . . . . . . . . . . 
'X-RAY DIFFRACTION' 2.5398 2.9069  . . 151 1538 86.00 . . . 0.3480 . 0.2642 . . . . . . . . . . 
'X-RAY DIFFRACTION' 2.9069 3.6608  . . 163 1548 89.00 . . . 0.2659 . 0.1991 . . . . . . . . . . 
'X-RAY DIFFRACTION' 3.6608 26.0223 . . 178 1557 89.00 . . . 0.1792 . 0.1455 . . . . . . . . . . 
# 
_struct.entry_id                     5T3K 
_struct.title                        
;Fluorescence detection of RNA-ligand binding and crystal structure determination of ribosomal decoding site RNA using a heavy atom containing fluorescent ribonucleoside
;
_struct.pdbx_model_details           ? 
_struct.pdbx_formula_weight          ? 
_struct.pdbx_formula_weight_method   ? 
_struct.pdbx_model_type_details      ? 
_struct.pdbx_CASP_flag               N 
# 
_struct_keywords.entry_id        5T3K 
_struct_keywords.text            'bacterial decoding site RNA, RNA' 
_struct_keywords.pdbx_keywords   RNA 
# 
loop_
_struct_asym.id 
_struct_asym.pdbx_blank_PDB_chainid_flag 
_struct_asym.pdbx_modified 
_struct_asym.entity_id 
_struct_asym.details 
A N N 1 ? 
B N N 2 ? 
C N N 1 ? 
D N N 2 ? 
E N N 3 ? 
F N N 3 ? 
G N N 3 ? 
H N N 3 ? 
I N N 3 ? 
J N N 3 ? 
K N N 3 ? 
L N N 3 ? 
M N N 3 ? 
N N N 3 ? 
O N N 4 ? 
P N N 4 ? 
Q N N 4 ? 
R N N 4 ? 
# 
loop_
_struct_ref.id 
_struct_ref.db_name 
_struct_ref.db_code 
_struct_ref.pdbx_db_accession 
_struct_ref.pdbx_db_isoform 
_struct_ref.entity_id 
_struct_ref.pdbx_seq_one_letter_code 
_struct_ref.pdbx_align_begin 
1 PDB 5T3K 5T3K ? 1 ? 1 
2 PDB 5T3K 5T3K ? 2 ? 1 
# 
loop_
_struct_ref_seq.align_id 
_struct_ref_seq.ref_id 
_struct_ref_seq.pdbx_PDB_id_code 
_struct_ref_seq.pdbx_strand_id 
_struct_ref_seq.seq_align_beg 
_struct_ref_seq.pdbx_seq_align_beg_ins_code 
_struct_ref_seq.seq_align_end 
_struct_ref_seq.pdbx_seq_align_end_ins_code 
_struct_ref_seq.pdbx_db_accession 
_struct_ref_seq.db_align_beg 
_struct_ref_seq.pdbx_db_align_beg_ins_code 
_struct_ref_seq.db_align_end 
_struct_ref_seq.pdbx_db_align_end_ins_code 
_struct_ref_seq.pdbx_auth_seq_align_beg 
_struct_ref_seq.pdbx_auth_seq_align_end 
1 1 5T3K A 1 ? 17 ? 5T3K 1  ? 17 ? 1  17 
2 2 5T3K B 1 ? 16 ? 5T3K 20 ? 35 ? 20 35 
3 1 5T3K C 1 ? 17 ? 5T3K 1  ? 17 ? 1  17 
4 2 5T3K D 1 ? 16 ? 5T3K 20 ? 35 ? 20 35 
# 
loop_
_pdbx_struct_assembly.id 
_pdbx_struct_assembly.details 
_pdbx_struct_assembly.method_details 
_pdbx_struct_assembly.oligomeric_details 
_pdbx_struct_assembly.oligomeric_count 
1 author_and_software_defined_assembly PISA dimeric 2 
2 author_and_software_defined_assembly PISA dimeric 2 
# 
loop_
_pdbx_struct_assembly_prop.biol_id 
_pdbx_struct_assembly_prop.type 
_pdbx_struct_assembly_prop.value 
_pdbx_struct_assembly_prop.details 
1 'ABSA (A^2)' 2090 ? 
1 MORE         -37  ? 
1 'SSA (A^2)'  6120 ? 
2 'ABSA (A^2)' 2080 ? 
2 MORE         -41  ? 
2 'SSA (A^2)'  6240 ? 
# 
loop_
_pdbx_struct_assembly_gen.assembly_id 
_pdbx_struct_assembly_gen.oper_expression 
_pdbx_struct_assembly_gen.asym_id_list 
1 1 A,B,E,F,G,H,O,P     
2 1 C,D,I,J,K,L,M,N,Q,R 
# 
_pdbx_struct_oper_list.id                   1 
_pdbx_struct_oper_list.type                 'identity operation' 
_pdbx_struct_oper_list.name                 1_555 
_pdbx_struct_oper_list.symmetry_operation   x,y,z 
_pdbx_struct_oper_list.matrix[1][1]         1.0000000000 
_pdbx_struct_oper_list.matrix[1][2]         0.0000000000 
_pdbx_struct_oper_list.matrix[1][3]         0.0000000000 
_pdbx_struct_oper_list.vector[1]            0.0000000000 
_pdbx_struct_oper_list.matrix[2][1]         0.0000000000 
_pdbx_struct_oper_list.matrix[2][2]         1.0000000000 
_pdbx_struct_oper_list.matrix[2][3]         0.0000000000 
_pdbx_struct_oper_list.vector[2]            0.0000000000 
_pdbx_struct_oper_list.matrix[3][1]         0.0000000000 
_pdbx_struct_oper_list.matrix[3][2]         0.0000000000 
_pdbx_struct_oper_list.matrix[3][3]         1.0000000000 
_pdbx_struct_oper_list.vector[3]            0.0000000000 
# 
loop_
_struct_conn.id 
_struct_conn.conn_type_id 
_struct_conn.pdbx_leaving_atom_flag 
_struct_conn.pdbx_PDB_id 
_struct_conn.ptnr1_label_asym_id 
_struct_conn.ptnr1_label_comp_id 
_struct_conn.ptnr1_label_seq_id 
_struct_conn.ptnr1_label_atom_id 
_struct_conn.pdbx_ptnr1_label_alt_id 
_struct_conn.pdbx_ptnr1_PDB_ins_code 
_struct_conn.pdbx_ptnr1_standard_comp_id 
_struct_conn.ptnr1_symmetry 
_struct_conn.ptnr2_label_asym_id 
_struct_conn.ptnr2_label_comp_id 
_struct_conn.ptnr2_label_seq_id 
_struct_conn.ptnr2_label_atom_id 
_struct_conn.pdbx_ptnr2_label_alt_id 
_struct_conn.pdbx_ptnr2_PDB_ins_code 
_struct_conn.ptnr1_auth_asym_id 
_struct_conn.ptnr1_auth_comp_id 
_struct_conn.ptnr1_auth_seq_id 
_struct_conn.ptnr2_auth_asym_id 
_struct_conn.ptnr2_auth_comp_id 
_struct_conn.ptnr2_auth_seq_id 
_struct_conn.ptnr2_symmetry 
_struct_conn.pdbx_ptnr3_label_atom_id 
_struct_conn.pdbx_ptnr3_label_seq_id 
_struct_conn.pdbx_ptnr3_label_comp_id 
_struct_conn.pdbx_ptnr3_label_asym_id 
_struct_conn.pdbx_ptnr3_label_alt_id 
_struct_conn.pdbx_ptnr3_PDB_ins_code 
_struct_conn.details 
_struct_conn.pdbx_dist_value 
_struct_conn.pdbx_value_order 
_struct_conn.pdbx_role 
covale1  covale both ? B G   5  "O3'" ? ? ? 1_555 B 75B 6  P  ? ? B G   24  B 75B 25  1_555 ? ? ? ? ? ? ?             1.609 ? ? 
covale2  covale one  ? B 75B 6  "O3'" ? ? ? 1_555 B C   7  P  ? ? B 75B 25  B C   26  1_555 ? ? ? ? ? ? ?             1.599 ? ? 
covale3  covale both ? D G   5  "O3'" ? ? ? 1_555 D 75B 6  P  ? ? D G   24  D 75B 25  1_555 ? ? ? ? ? ? ?             1.593 ? ? 
covale4  covale one  ? D 75B 6  "O3'" ? ? ? 1_555 D C   7  P  ? ? D 75B 25  D C   26  1_555 ? ? ? ? ? ? ?             1.593 ? ? 
metalc1  metalc ?    ? A U   11 "O2'" ? ? ? 1_555 L MG  .  MG ? ? A U   11  C MG  104 1_556 ? ? ? ? ? ? ?             2.993 ? ? 
metalc2  metalc ?    ? F MG  .  MG    ? ? ? 1_555 O HOH .  O  ? ? A MG  102 A HOH 207 1_555 ? ? ? ? ? ? ?             2.965 ? ? 
metalc3  metalc ?    ? B C   7  O2    ? ? ? 1_555 L MG  .  MG ? ? B C   26  C MG  104 1_556 ? ? ? ? ? ? ?             2.988 ? ? 
metalc4  metalc ?    ? G MG  .  MG    ? ? ? 1_555 P HOH .  O  ? ? B MG  101 B HOH 203 1_555 ? ? ? ? ? ? ?             2.892 ? ? 
metalc5  metalc ?    ? H MG  .  MG    ? ? ? 1_555 P HOH .  O  ? ? B MG  102 B HOH 205 1_555 ? ? ? ? ? ? ?             2.627 ? ? 
metalc6  metalc ?    ? H MG  .  MG    ? ? ? 1_555 P HOH .  O  ? ? B MG  102 B HOH 207 1_555 ? ? ? ? ? ? ?             2.785 ? ? 
metalc7  metalc ?    ? C U   3  "O3'" ? ? ? 1_555 L MG  .  MG ? ? C U   3   C MG  104 1_555 ? ? ? ? ? ? ?             2.972 ? ? 
metalc8  metalc ?    ? C G   4  OP1   ? ? ? 1_555 L MG  .  MG ? ? C G   4   C MG  104 1_555 ? ? ? ? ? ? ?             2.910 ? ? 
metalc9  metalc ?    ? C C   12 OP2   ? ? ? 1_555 K MG  .  MG ? ? C C   12  C MG  103 1_555 ? ? ? ? ? ? ?             2.219 ? ? 
metalc10 metalc ?    ? Q HOH .  O     ? ? ? 1_555 M MG  .  MG ? ? C HOH 213 D MG  101 1_555 ? ? ? ? ? ? ?             2.793 ? ? 
metalc11 metalc ?    ? N MG  .  MG    ? ? ? 1_555 R HOH .  O  ? ? D MG  102 D HOH 205 1_555 ? ? ? ? ? ? ?             2.656 ? ? 
hydrog1  hydrog ?    ? A G   1  N1    ? ? ? 1_555 B C   15 N3 ? ? A G   1   B C   34  1_555 ? ? ? ? ? ? WATSON-CRICK  ?     ? ? 
hydrog2  hydrog ?    ? A G   1  N2    ? ? ? 1_555 B C   15 O2 ? ? A G   1   B C   34  1_555 ? ? ? ? ? ? WATSON-CRICK  ?     ? ? 
hydrog3  hydrog ?    ? A G   1  O6    ? ? ? 1_555 B C   15 N4 ? ? A G   1   B C   34  1_555 ? ? ? ? ? ? WATSON-CRICK  ?     ? ? 
hydrog4  hydrog ?    ? A G   2  N1    ? ? ? 1_555 B C   14 N3 ? ? A G   2   B C   33  1_555 ? ? ? ? ? ? WATSON-CRICK  ?     ? ? 
hydrog5  hydrog ?    ? A G   2  N2    ? ? ? 1_555 B C   14 O2 ? ? A G   2   B C   33  1_555 ? ? ? ? ? ? WATSON-CRICK  ?     ? ? 
hydrog6  hydrog ?    ? A G   2  O6    ? ? ? 1_555 B C   14 N4 ? ? A G   2   B C   33  1_555 ? ? ? ? ? ? WATSON-CRICK  ?     ? ? 
hydrog7  hydrog ?    ? A U   3  N3    ? ? ? 1_555 B A   13 N1 ? ? A U   3   B A   32  1_555 ? ? ? ? ? ? WATSON-CRICK  ?     ? ? 
hydrog8  hydrog ?    ? A U   3  O4    ? ? ? 1_555 B A   13 N6 ? ? A U   3   B A   32  1_555 ? ? ? ? ? ? WATSON-CRICK  ?     ? ? 
hydrog9  hydrog ?    ? A G   4  N1    ? ? ? 1_555 B C   12 N3 ? ? A G   4   B C   31  1_555 ? ? ? ? ? ? WATSON-CRICK  ?     ? ? 
hydrog10 hydrog ?    ? A G   4  N2    ? ? ? 1_555 B C   12 O2 ? ? A G   4   B C   31  1_555 ? ? ? ? ? ? WATSON-CRICK  ?     ? ? 
hydrog11 hydrog ?    ? A G   4  O6    ? ? ? 1_555 B C   12 N4 ? ? A G   4   B C   31  1_555 ? ? ? ? ? ? WATSON-CRICK  ?     ? ? 
hydrog12 hydrog ?    ? A G   5  N1    ? ? ? 1_555 B C   11 N3 ? ? A G   5   B C   30  1_555 ? ? ? ? ? ? WATSON-CRICK  ?     ? ? 
hydrog13 hydrog ?    ? A G   5  N2    ? ? ? 1_555 B C   11 O2 ? ? A G   5   B C   30  1_555 ? ? ? ? ? ? WATSON-CRICK  ?     ? ? 
hydrog14 hydrog ?    ? A G   5  O6    ? ? ? 1_555 B C   11 N4 ? ? A G   5   B C   30  1_555 ? ? ? ? ? ? WATSON-CRICK  ?     ? ? 
hydrog15 hydrog ?    ? A U   6  N3    ? ? ? 1_555 B A   10 N1 ? ? A U   6   B A   29  1_555 ? ? ? ? ? ? WATSON-CRICK  ?     ? ? 
hydrog16 hydrog ?    ? A U   6  O4    ? ? ? 1_555 B A   10 N6 ? ? A U   6   B A   29  1_555 ? ? ? ? ? ? WATSON-CRICK  ?     ? ? 
hydrog17 hydrog ?    ? A G   7  N1    ? ? ? 1_555 B C   9  N3 ? ? A G   7   B C   28  1_555 ? ? ? ? ? ? WATSON-CRICK  ?     ? ? 
hydrog18 hydrog ?    ? A G   7  N2    ? ? ? 1_555 B C   9  O2 ? ? A G   7   B C   28  1_555 ? ? ? ? ? ? WATSON-CRICK  ?     ? ? 
hydrog19 hydrog ?    ? A G   7  O6    ? ? ? 1_555 B C   9  N4 ? ? A G   7   B C   28  1_555 ? ? ? ? ? ? WATSON-CRICK  ?     ? ? 
hydrog20 hydrog ?    ? A A   8  N1    ? ? ? 1_555 B A   8  N6 ? ? A A   8   B A   27  1_555 ? ? ? ? ? ? 'A-A MISPAIR' ?     ? ? 
hydrog21 hydrog ?    ? A G   10 N1    ? ? ? 1_555 B C   7  N3 ? ? A G   10  B C   26  1_555 ? ? ? ? ? ? WATSON-CRICK  ?     ? ? 
hydrog22 hydrog ?    ? A G   10 N2    ? ? ? 1_555 B C   7  O2 ? ? A G   10  B C   26  1_555 ? ? ? ? ? ? WATSON-CRICK  ?     ? ? 
hydrog23 hydrog ?    ? A G   10 O6    ? ? ? 1_555 B C   7  N4 ? ? A G   10  B C   26  1_555 ? ? ? ? ? ? WATSON-CRICK  ?     ? ? 
hydrog24 hydrog ?    ? A C   12 N3    ? ? ? 1_555 B G   5  N1 ? ? A C   12  B G   24  1_555 ? ? ? ? ? ? WATSON-CRICK  ?     ? ? 
hydrog25 hydrog ?    ? A C   12 N4    ? ? ? 1_555 B G   5  O6 ? ? A C   12  B G   24  1_555 ? ? ? ? ? ? WATSON-CRICK  ?     ? ? 
hydrog26 hydrog ?    ? A C   12 O2    ? ? ? 1_555 B G   5  N2 ? ? A C   12  B G   24  1_555 ? ? ? ? ? ? WATSON-CRICK  ?     ? ? 
hydrog27 hydrog ?    ? A G   13 N1    ? ? ? 1_555 B C   4  N3 ? ? A G   13  B C   23  1_555 ? ? ? ? ? ? WATSON-CRICK  ?     ? ? 
hydrog28 hydrog ?    ? A G   13 N2    ? ? ? 1_555 B C   4  O2 ? ? A G   13  B C   23  1_555 ? ? ? ? ? ? WATSON-CRICK  ?     ? ? 
hydrog29 hydrog ?    ? A G   13 O6    ? ? ? 1_555 B C   4  N4 ? ? A G   13  B C   23  1_555 ? ? ? ? ? ? WATSON-CRICK  ?     ? ? 
hydrog30 hydrog ?    ? A C   14 N3    ? ? ? 1_555 B G   3  N1 ? ? A C   14  B G   22  1_555 ? ? ? ? ? ? WATSON-CRICK  ?     ? ? 
hydrog31 hydrog ?    ? A C   14 N4    ? ? ? 1_555 B G   3  O6 ? ? A C   14  B G   22  1_555 ? ? ? ? ? ? WATSON-CRICK  ?     ? ? 
hydrog32 hydrog ?    ? A C   14 O2    ? ? ? 1_555 B G   3  N2 ? ? A C   14  B G   22  1_555 ? ? ? ? ? ? WATSON-CRICK  ?     ? ? 
hydrog33 hydrog ?    ? A U   15 N3    ? ? ? 1_555 B A   2  N1 ? ? A U   15  B A   21  1_555 ? ? ? ? ? ? WATSON-CRICK  ?     ? ? 
hydrog34 hydrog ?    ? A U   15 O4    ? ? ? 1_555 B A   2  N6 ? ? A U   15  B A   21  1_555 ? ? ? ? ? ? WATSON-CRICK  ?     ? ? 
hydrog35 hydrog ?    ? A G   16 N1    ? ? ? 1_555 B C   1  N3 ? ? A G   16  B C   20  1_555 ? ? ? ? ? ? WATSON-CRICK  ?     ? ? 
hydrog36 hydrog ?    ? A G   16 N2    ? ? ? 1_555 B C   1  O2 ? ? A G   16  B C   20  1_555 ? ? ? ? ? ? WATSON-CRICK  ?     ? ? 
hydrog37 hydrog ?    ? A G   16 O6    ? ? ? 1_555 B C   1  N4 ? ? A G   16  B C   20  1_555 ? ? ? ? ? ? WATSON-CRICK  ?     ? ? 
hydrog38 hydrog ?    ? C G   1  N1    ? ? ? 1_555 D C   15 N3 ? ? C G   1   D C   34  1_555 ? ? ? ? ? ? WATSON-CRICK  ?     ? ? 
hydrog39 hydrog ?    ? C G   1  N2    ? ? ? 1_555 D C   15 O2 ? ? C G   1   D C   34  1_555 ? ? ? ? ? ? WATSON-CRICK  ?     ? ? 
hydrog40 hydrog ?    ? C G   1  O6    ? ? ? 1_555 D C   15 N4 ? ? C G   1   D C   34  1_555 ? ? ? ? ? ? WATSON-CRICK  ?     ? ? 
hydrog41 hydrog ?    ? C G   2  N1    ? ? ? 1_555 D C   14 N3 ? ? C G   2   D C   33  1_555 ? ? ? ? ? ? WATSON-CRICK  ?     ? ? 
hydrog42 hydrog ?    ? C G   2  N2    ? ? ? 1_555 D C   14 O2 ? ? C G   2   D C   33  1_555 ? ? ? ? ? ? WATSON-CRICK  ?     ? ? 
hydrog43 hydrog ?    ? C G   2  O6    ? ? ? 1_555 D C   14 N4 ? ? C G   2   D C   33  1_555 ? ? ? ? ? ? WATSON-CRICK  ?     ? ? 
hydrog44 hydrog ?    ? C U   3  N3    ? ? ? 1_555 D A   13 N1 ? ? C U   3   D A   32  1_555 ? ? ? ? ? ? WATSON-CRICK  ?     ? ? 
hydrog45 hydrog ?    ? C U   3  O4    ? ? ? 1_555 D A   13 N6 ? ? C U   3   D A   32  1_555 ? ? ? ? ? ? WATSON-CRICK  ?     ? ? 
hydrog46 hydrog ?    ? C G   4  N1    ? ? ? 1_555 D C   12 N3 ? ? C G   4   D C   31  1_555 ? ? ? ? ? ? WATSON-CRICK  ?     ? ? 
hydrog47 hydrog ?    ? C G   4  N2    ? ? ? 1_555 D C   12 O2 ? ? C G   4   D C   31  1_555 ? ? ? ? ? ? WATSON-CRICK  ?     ? ? 
hydrog48 hydrog ?    ? C G   4  O6    ? ? ? 1_555 D C   12 N4 ? ? C G   4   D C   31  1_555 ? ? ? ? ? ? WATSON-CRICK  ?     ? ? 
hydrog49 hydrog ?    ? C G   5  N1    ? ? ? 1_555 D C   11 N3 ? ? C G   5   D C   30  1_555 ? ? ? ? ? ? WATSON-CRICK  ?     ? ? 
hydrog50 hydrog ?    ? C G   5  N2    ? ? ? 1_555 D C   11 O2 ? ? C G   5   D C   30  1_555 ? ? ? ? ? ? WATSON-CRICK  ?     ? ? 
hydrog51 hydrog ?    ? C G   5  O6    ? ? ? 1_555 D C   11 N4 ? ? C G   5   D C   30  1_555 ? ? ? ? ? ? WATSON-CRICK  ?     ? ? 
hydrog52 hydrog ?    ? C U   6  N3    ? ? ? 1_555 D A   10 N1 ? ? C U   6   D A   29  1_555 ? ? ? ? ? ? WATSON-CRICK  ?     ? ? 
hydrog53 hydrog ?    ? C U   6  O4    ? ? ? 1_555 D A   10 N6 ? ? C U   6   D A   29  1_555 ? ? ? ? ? ? WATSON-CRICK  ?     ? ? 
hydrog54 hydrog ?    ? C G   7  N1    ? ? ? 1_555 D C   9  N3 ? ? C G   7   D C   28  1_555 ? ? ? ? ? ? WATSON-CRICK  ?     ? ? 
hydrog55 hydrog ?    ? C G   7  N2    ? ? ? 1_555 D C   9  O2 ? ? C G   7   D C   28  1_555 ? ? ? ? ? ? WATSON-CRICK  ?     ? ? 
hydrog56 hydrog ?    ? C G   7  O6    ? ? ? 1_555 D C   9  N4 ? ? C G   7   D C   28  1_555 ? ? ? ? ? ? WATSON-CRICK  ?     ? ? 
hydrog57 hydrog ?    ? C G   10 N1    ? ? ? 1_555 D C   7  N3 ? ? C G   10  D C   26  1_555 ? ? ? ? ? ? WATSON-CRICK  ?     ? ? 
hydrog58 hydrog ?    ? C G   10 N2    ? ? ? 1_555 D C   7  O2 ? ? C G   10  D C   26  1_555 ? ? ? ? ? ? WATSON-CRICK  ?     ? ? 
hydrog59 hydrog ?    ? C G   10 O6    ? ? ? 1_555 D C   7  N4 ? ? C G   10  D C   26  1_555 ? ? ? ? ? ? WATSON-CRICK  ?     ? ? 
hydrog60 hydrog ?    ? C C   12 N3    ? ? ? 1_555 D G   5  N1 ? ? C C   12  D G   24  1_555 ? ? ? ? ? ? WATSON-CRICK  ?     ? ? 
hydrog61 hydrog ?    ? C C   12 N4    ? ? ? 1_555 D G   5  O6 ? ? C C   12  D G   24  1_555 ? ? ? ? ? ? WATSON-CRICK  ?     ? ? 
hydrog62 hydrog ?    ? C C   12 O2    ? ? ? 1_555 D G   5  N2 ? ? C C   12  D G   24  1_555 ? ? ? ? ? ? WATSON-CRICK  ?     ? ? 
hydrog63 hydrog ?    ? C G   13 N1    ? ? ? 1_555 D C   4  N3 ? ? C G   13  D C   23  1_555 ? ? ? ? ? ? WATSON-CRICK  ?     ? ? 
hydrog64 hydrog ?    ? C G   13 N2    ? ? ? 1_555 D C   4  O2 ? ? C G   13  D C   23  1_555 ? ? ? ? ? ? WATSON-CRICK  ?     ? ? 
hydrog65 hydrog ?    ? C G   13 O6    ? ? ? 1_555 D C   4  N4 ? ? C G   13  D C   23  1_555 ? ? ? ? ? ? WATSON-CRICK  ?     ? ? 
hydrog66 hydrog ?    ? C C   14 N3    ? ? ? 1_555 D G   3  N1 ? ? C C   14  D G   22  1_555 ? ? ? ? ? ? WATSON-CRICK  ?     ? ? 
hydrog67 hydrog ?    ? C C   14 N4    ? ? ? 1_555 D G   3  O6 ? ? C C   14  D G   22  1_555 ? ? ? ? ? ? WATSON-CRICK  ?     ? ? 
hydrog68 hydrog ?    ? C C   14 O2    ? ? ? 1_555 D G   3  N2 ? ? C C   14  D G   22  1_555 ? ? ? ? ? ? WATSON-CRICK  ?     ? ? 
hydrog69 hydrog ?    ? C U   15 N3    ? ? ? 1_555 D A   2  N1 ? ? C U   15  D A   21  1_555 ? ? ? ? ? ? WATSON-CRICK  ?     ? ? 
hydrog70 hydrog ?    ? C U   15 O4    ? ? ? 1_555 D A   2  N6 ? ? C U   15  D A   21  1_555 ? ? ? ? ? ? WATSON-CRICK  ?     ? ? 
hydrog71 hydrog ?    ? C G   16 N1    ? ? ? 1_555 D C   1  N3 ? ? C G   16  D C   20  1_555 ? ? ? ? ? ? WATSON-CRICK  ?     ? ? 
hydrog72 hydrog ?    ? C G   16 N2    ? ? ? 1_555 D C   1  O2 ? ? C G   16  D C   20  1_555 ? ? ? ? ? ? WATSON-CRICK  ?     ? ? 
hydrog73 hydrog ?    ? C G   16 O6    ? ? ? 1_555 D C   1  N4 ? ? C G   16  D C   20  1_555 ? ? ? ? ? ? WATSON-CRICK  ?     ? ? 
# 
loop_
_struct_conn_type.id 
_struct_conn_type.criteria 
_struct_conn_type.reference 
covale ? ? 
metalc ? ? 
hydrog ? ? 
# 
loop_
_pdbx_struct_conn_angle.id 
_pdbx_struct_conn_angle.ptnr1_label_atom_id 
_pdbx_struct_conn_angle.ptnr1_label_alt_id 
_pdbx_struct_conn_angle.ptnr1_label_asym_id 
_pdbx_struct_conn_angle.ptnr1_label_comp_id 
_pdbx_struct_conn_angle.ptnr1_label_seq_id 
_pdbx_struct_conn_angle.ptnr1_auth_atom_id 
_pdbx_struct_conn_angle.ptnr1_auth_asym_id 
_pdbx_struct_conn_angle.ptnr1_auth_comp_id 
_pdbx_struct_conn_angle.ptnr1_auth_seq_id 
_pdbx_struct_conn_angle.ptnr1_PDB_ins_code 
_pdbx_struct_conn_angle.ptnr1_symmetry 
_pdbx_struct_conn_angle.ptnr2_label_atom_id 
_pdbx_struct_conn_angle.ptnr2_label_alt_id 
_pdbx_struct_conn_angle.ptnr2_label_asym_id 
_pdbx_struct_conn_angle.ptnr2_label_comp_id 
_pdbx_struct_conn_angle.ptnr2_label_seq_id 
_pdbx_struct_conn_angle.ptnr2_auth_atom_id 
_pdbx_struct_conn_angle.ptnr2_auth_asym_id 
_pdbx_struct_conn_angle.ptnr2_auth_comp_id 
_pdbx_struct_conn_angle.ptnr2_auth_seq_id 
_pdbx_struct_conn_angle.ptnr2_PDB_ins_code 
_pdbx_struct_conn_angle.ptnr2_symmetry 
_pdbx_struct_conn_angle.ptnr3_label_atom_id 
_pdbx_struct_conn_angle.ptnr3_label_alt_id 
_pdbx_struct_conn_angle.ptnr3_label_asym_id 
_pdbx_struct_conn_angle.ptnr3_label_comp_id 
_pdbx_struct_conn_angle.ptnr3_label_seq_id 
_pdbx_struct_conn_angle.ptnr3_auth_atom_id 
_pdbx_struct_conn_angle.ptnr3_auth_asym_id 
_pdbx_struct_conn_angle.ptnr3_auth_comp_id 
_pdbx_struct_conn_angle.ptnr3_auth_seq_id 
_pdbx_struct_conn_angle.ptnr3_PDB_ins_code 
_pdbx_struct_conn_angle.ptnr3_symmetry 
_pdbx_struct_conn_angle.value 
_pdbx_struct_conn_angle.value_esd 
1 "O2'" ? A U   11 ? A U   11  ? 1_555 MG ? L MG . ? C MG 104 ? 1_556 O2    ? B C   7 ? B C   26  ? 1_555 132.4 ? 
2 "O2'" ? A U   11 ? A U   11  ? 1_555 MG ? L MG . ? C MG 104 ? 1_556 "O3'" ? C U   3 ? C U   3   ? 1_555 109.2 ? 
3 O2    ? B C   7  ? B C   26  ? 1_555 MG ? L MG . ? C MG 104 ? 1_556 "O3'" ? C U   3 ? C U   3   ? 1_555 60.6  ? 
4 "O2'" ? A U   11 ? A U   11  ? 1_555 MG ? L MG . ? C MG 104 ? 1_556 OP1   ? C G   4 ? C G   4   ? 1_555 112.8 ? 
5 O2    ? B C   7  ? B C   26  ? 1_555 MG ? L MG . ? C MG 104 ? 1_556 OP1   ? C G   4 ? C G   4   ? 1_555 56.4  ? 
6 "O3'" ? C U   3  ? C U   3   ? 1_555 MG ? L MG . ? C MG 104 ? 1_556 OP1   ? C G   4 ? C G   4   ? 1_555 4.4   ? 
7 O     ? P HOH .  ? B HOH 205 ? 1_555 MG ? H MG . ? B MG 102 ? 1_555 O     ? P HOH . ? B HOH 207 ? 1_555 127.6 ? 
# 
loop_
_struct_site.id 
_struct_site.pdbx_evidence_code 
_struct_site.pdbx_auth_asym_id 
_struct_site.pdbx_auth_comp_id 
_struct_site.pdbx_auth_seq_id 
_struct_site.pdbx_auth_ins_code 
_struct_site.pdbx_num_residues 
_struct_site.details 
AC1 Software A MG 101 ? 1 'binding site for residue MG A 101' 
AC2 Software A MG 102 ? 3 'binding site for residue MG A 102' 
AC3 Software B MG 101 ? 3 'binding site for residue MG B 101' 
AC4 Software B MG 102 ? 4 'binding site for residue MG B 102' 
AC5 Software C MG 101 ? 2 'binding site for residue MG C 101' 
AC6 Software C MG 102 ? 1 'binding site for residue MG C 102' 
AC7 Software C MG 103 ? 1 'binding site for residue MG C 103' 
AC8 Software C MG 104 ? 4 'binding site for residue MG C 104' 
AC9 Software D MG 101 ? 2 'binding site for residue MG D 101' 
AD1 Software D MG 102 ? 4 'binding site for residue MG D 102' 
# 
loop_
_struct_site_gen.id 
_struct_site_gen.site_id 
_struct_site_gen.pdbx_num_res 
_struct_site_gen.label_comp_id 
_struct_site_gen.label_asym_id 
_struct_site_gen.label_seq_id 
_struct_site_gen.pdbx_auth_ins_code 
_struct_site_gen.auth_comp_id 
_struct_site_gen.auth_asym_id 
_struct_site_gen.auth_seq_id 
_struct_site_gen.label_atom_id 
_struct_site_gen.label_alt_id 
_struct_site_gen.symmetry 
_struct_site_gen.details 
1  AC1 1 G   A 4  ? G   A 4   . ? 1_555 ? 
2  AC2 3 U   A 3  ? U   A 3   . ? 1_555 ? 
3  AC2 3 G   A 4  ? G   A 4   . ? 1_555 ? 
4  AC2 3 HOH O .  ? HOH A 207 . ? 1_555 ? 
5  AC3 3 C   B 4  ? C   B 23  . ? 1_555 ? 
6  AC3 3 G   B 5  ? G   B 24  . ? 1_555 ? 
7  AC3 3 HOH P .  ? HOH B 203 . ? 1_555 ? 
8  AC4 4 C   B 7  ? C   B 26  . ? 1_555 ? 
9  AC4 4 A   B 8  ? A   B 27  . ? 1_555 ? 
10 AC4 4 HOH P .  ? HOH B 205 . ? 1_555 ? 
11 AC4 4 HOH P .  ? HOH B 207 . ? 1_555 ? 
12 AC5 2 U   C 3  ? U   C 3   . ? 1_555 ? 
13 AC5 2 G   C 4  ? G   C 4   . ? 1_555 ? 
14 AC6 1 G   C 1  ? G   C 1   . ? 1_555 ? 
15 AC7 1 C   C 12 ? C   C 12  . ? 1_555 ? 
16 AC8 4 U   A 11 ? U   A 11  . ? 1_554 ? 
17 AC8 4 C   B 7  ? C   B 26  . ? 1_554 ? 
18 AC8 4 U   C 3  ? U   C 3   . ? 1_555 ? 
19 AC8 4 G   C 4  ? G   C 4   . ? 1_555 ? 
20 AC9 2 HOH Q .  ? HOH C 213 . ? 1_555 ? 
21 AC9 2 G   D 5  ? G   D 24  . ? 1_555 ? 
22 AD1 4 C   D 7  ? C   D 26  . ? 1_555 ? 
23 AD1 4 A   D 8  ? A   D 27  . ? 1_555 ? 
24 AD1 4 C   D 9  ? C   D 28  . ? 1_555 ? 
25 AD1 4 HOH R .  ? HOH D 205 . ? 1_555 ? 
# 
loop_
_pdbx_validate_rmsd_angle.id 
_pdbx_validate_rmsd_angle.PDB_model_num 
_pdbx_validate_rmsd_angle.auth_atom_id_1 
_pdbx_validate_rmsd_angle.auth_asym_id_1 
_pdbx_validate_rmsd_angle.auth_comp_id_1 
_pdbx_validate_rmsd_angle.auth_seq_id_1 
_pdbx_validate_rmsd_angle.PDB_ins_code_1 
_pdbx_validate_rmsd_angle.label_alt_id_1 
_pdbx_validate_rmsd_angle.auth_atom_id_2 
_pdbx_validate_rmsd_angle.auth_asym_id_2 
_pdbx_validate_rmsd_angle.auth_comp_id_2 
_pdbx_validate_rmsd_angle.auth_seq_id_2 
_pdbx_validate_rmsd_angle.PDB_ins_code_2 
_pdbx_validate_rmsd_angle.label_alt_id_2 
_pdbx_validate_rmsd_angle.auth_atom_id_3 
_pdbx_validate_rmsd_angle.auth_asym_id_3 
_pdbx_validate_rmsd_angle.auth_comp_id_3 
_pdbx_validate_rmsd_angle.auth_seq_id_3 
_pdbx_validate_rmsd_angle.PDB_ins_code_3 
_pdbx_validate_rmsd_angle.label_alt_id_3 
_pdbx_validate_rmsd_angle.angle_value 
_pdbx_validate_rmsd_angle.angle_target_value 
_pdbx_validate_rmsd_angle.angle_deviation 
_pdbx_validate_rmsd_angle.angle_standard_deviation 
_pdbx_validate_rmsd_angle.linker_flag 
1 1 N1    A G 2  ? ? C6 A G 2  ? ? O6  A G 2  ? ? 116.00 119.90 -3.90 0.60 N 
2 1 "O5'" C G 10 ? ? P  C G 10 ? ? OP1 C G 10 ? ? 99.07  105.70 -6.63 0.90 N 
# 
loop_
_chem_comp_atom.comp_id 
_chem_comp_atom.atom_id 
_chem_comp_atom.type_symbol 
_chem_comp_atom.pdbx_aromatic_flag 
_chem_comp_atom.pdbx_stereo_config 
_chem_comp_atom.pdbx_ordinal 
75B P      P  N N 1   
75B "C5'"  C  N N 2   
75B "O5'"  O  N N 3   
75B "C4'"  C  N R 4   
75B "O4'"  O  N N 5   
75B "C3'"  C  N S 6   
75B "O3'"  O  N N 7   
75B "C2'"  C  N R 8   
75B "O2'"  O  N N 9   
75B "C1'"  C  N R 10  
75B N1     N  N N 11  
75B C2     C  N N 12  
75B O2     O  N N 13  
75B N3     N  N N 14  
75B C4     C  N N 15  
75B O4     O  N N 16  
75B C5     C  N N 17  
75B C6     C  N N 18  
75B C22    C  Y N 19  
75B C33    C  Y N 20  
75B C44    C  Y N 21  
75B C55    C  Y N 22  
75B OP1    O  N N 23  
75B OP2    O  N N 24  
75B SE1    SE Y N 25  
75B H1     H  N N 26  
75B H2     H  N N 27  
75B H3     H  N N 28  
75B H4     H  N N 29  
75B H5     H  N N 30  
75B H6     H  N N 31  
75B H7     H  N N 32  
75B H8     H  N N 33  
75B H9     H  N N 34  
75B H10    H  N N 35  
75B H11    H  N N 36  
75B H12    H  N N 37  
75B H13    H  N N 38  
75B H14    H  N N 39  
75B OP3    O  N N 40  
75B HOP3   H  N N 41  
A   OP3    O  N N 42  
A   P      P  N N 43  
A   OP1    O  N N 44  
A   OP2    O  N N 45  
A   "O5'"  O  N N 46  
A   "C5'"  C  N N 47  
A   "C4'"  C  N R 48  
A   "O4'"  O  N N 49  
A   "C3'"  C  N S 50  
A   "O3'"  O  N N 51  
A   "C2'"  C  N R 52  
A   "O2'"  O  N N 53  
A   "C1'"  C  N R 54  
A   N9     N  Y N 55  
A   C8     C  Y N 56  
A   N7     N  Y N 57  
A   C5     C  Y N 58  
A   C6     C  Y N 59  
A   N6     N  N N 60  
A   N1     N  Y N 61  
A   C2     C  Y N 62  
A   N3     N  Y N 63  
A   C4     C  Y N 64  
A   HOP3   H  N N 65  
A   HOP2   H  N N 66  
A   "H5'"  H  N N 67  
A   "H5''" H  N N 68  
A   "H4'"  H  N N 69  
A   "H3'"  H  N N 70  
A   "HO3'" H  N N 71  
A   "H2'"  H  N N 72  
A   "HO2'" H  N N 73  
A   "H1'"  H  N N 74  
A   H8     H  N N 75  
A   H61    H  N N 76  
A   H62    H  N N 77  
A   H2     H  N N 78  
C   OP3    O  N N 79  
C   P      P  N N 80  
C   OP1    O  N N 81  
C   OP2    O  N N 82  
C   "O5'"  O  N N 83  
C   "C5'"  C  N N 84  
C   "C4'"  C  N R 85  
C   "O4'"  O  N N 86  
C   "C3'"  C  N S 87  
C   "O3'"  O  N N 88  
C   "C2'"  C  N R 89  
C   "O2'"  O  N N 90  
C   "C1'"  C  N R 91  
C   N1     N  N N 92  
C   C2     C  N N 93  
C   O2     O  N N 94  
C   N3     N  N N 95  
C   C4     C  N N 96  
C   N4     N  N N 97  
C   C5     C  N N 98  
C   C6     C  N N 99  
C   HOP3   H  N N 100 
C   HOP2   H  N N 101 
C   "H5'"  H  N N 102 
C   "H5''" H  N N 103 
C   "H4'"  H  N N 104 
C   "H3'"  H  N N 105 
C   "HO3'" H  N N 106 
C   "H2'"  H  N N 107 
C   "HO2'" H  N N 108 
C   "H1'"  H  N N 109 
C   H41    H  N N 110 
C   H42    H  N N 111 
C   H5     H  N N 112 
C   H6     H  N N 113 
G   OP3    O  N N 114 
G   P      P  N N 115 
G   OP1    O  N N 116 
G   OP2    O  N N 117 
G   "O5'"  O  N N 118 
G   "C5'"  C  N N 119 
G   "C4'"  C  N R 120 
G   "O4'"  O  N N 121 
G   "C3'"  C  N S 122 
G   "O3'"  O  N N 123 
G   "C2'"  C  N R 124 
G   "O2'"  O  N N 125 
G   "C1'"  C  N R 126 
G   N9     N  Y N 127 
G   C8     C  Y N 128 
G   N7     N  Y N 129 
G   C5     C  Y N 130 
G   C6     C  N N 131 
G   O6     O  N N 132 
G   N1     N  N N 133 
G   C2     C  N N 134 
G   N2     N  N N 135 
G   N3     N  N N 136 
G   C4     C  Y N 137 
G   HOP3   H  N N 138 
G   HOP2   H  N N 139 
G   "H5'"  H  N N 140 
G   "H5''" H  N N 141 
G   "H4'"  H  N N 142 
G   "H3'"  H  N N 143 
G   "HO3'" H  N N 144 
G   "H2'"  H  N N 145 
G   "HO2'" H  N N 146 
G   "H1'"  H  N N 147 
G   H8     H  N N 148 
G   H1     H  N N 149 
G   H21    H  N N 150 
G   H22    H  N N 151 
HOH O      O  N N 152 
HOH H1     H  N N 153 
HOH H2     H  N N 154 
MG  MG     MG N N 155 
U   OP3    O  N N 156 
U   P      P  N N 157 
U   OP1    O  N N 158 
U   OP2    O  N N 159 
U   "O5'"  O  N N 160 
U   "C5'"  C  N N 161 
U   "C4'"  C  N R 162 
U   "O4'"  O  N N 163 
U   "C3'"  C  N S 164 
U   "O3'"  O  N N 165 
U   "C2'"  C  N R 166 
U   "O2'"  O  N N 167 
U   "C1'"  C  N R 168 
U   N1     N  N N 169 
U   C2     C  N N 170 
U   O2     O  N N 171 
U   N3     N  N N 172 
U   C4     C  N N 173 
U   O4     O  N N 174 
U   C5     C  N N 175 
U   C6     C  N N 176 
U   HOP3   H  N N 177 
U   HOP2   H  N N 178 
U   "H5'"  H  N N 179 
U   "H5''" H  N N 180 
U   "H4'"  H  N N 181 
U   "H3'"  H  N N 182 
U   "HO3'" H  N N 183 
U   "H2'"  H  N N 184 
U   "HO2'" H  N N 185 
U   "H1'"  H  N N 186 
U   H3     H  N N 187 
U   H5     H  N N 188 
U   H6     H  N N 189 
# 
loop_
_chem_comp_bond.comp_id 
_chem_comp_bond.atom_id_1 
_chem_comp_bond.atom_id_2 
_chem_comp_bond.value_order 
_chem_comp_bond.pdbx_aromatic_flag 
_chem_comp_bond.pdbx_stereo_config 
_chem_comp_bond.pdbx_ordinal 
75B OP1   P      sing N N 1   
75B OP2   P      doub N N 2   
75B P     "O5'"  sing N N 3   
75B C33   C22    doub Y N 4   
75B C33   C44    sing Y N 5   
75B C22   SE1    sing Y N 6   
75B C44   C55    doub Y N 7   
75B "O5'" "C5'"  sing N N 8   
75B "C5'" "C4'"  sing N N 9   
75B SE1   C55    sing Y N 10  
75B C55   C5     sing N N 11  
75B "C4'" "O4'"  sing N N 12  
75B "C4'" "C3'"  sing N N 13  
75B "O4'" "C1'"  sing N N 14  
75B C5    C6     doub N N 15  
75B C5    C4     sing N N 16  
75B C6    N1     sing N N 17  
75B "C3'" "O3'"  sing N N 18  
75B "C3'" "C2'"  sing N N 19  
75B N1    "C1'"  sing N N 20  
75B N1    C2     sing N N 21  
75B "C1'" "C2'"  sing N N 22  
75B C4    O4     doub N N 23  
75B C4    N3     sing N N 24  
75B "C2'" "O2'"  sing N N 25  
75B C2    N3     sing N N 26  
75B C2    O2     doub N N 27  
75B "C5'" H1     sing N N 28  
75B "C5'" H2     sing N N 29  
75B "C4'" H3     sing N N 30  
75B "C3'" H4     sing N N 31  
75B "O3'" H5     sing N N 32  
75B "C2'" H6     sing N N 33  
75B "O2'" H7     sing N N 34  
75B "C1'" H8     sing N N 35  
75B N3    H9     sing N N 36  
75B C6    H10    sing N N 37  
75B C22   H11    sing N N 38  
75B C33   H12    sing N N 39  
75B C44   H13    sing N N 40  
75B OP1   H14    sing N N 41  
75B P     OP3    sing N N 42  
75B OP3   HOP3   sing N N 43  
A   OP3   P      sing N N 44  
A   OP3   HOP3   sing N N 45  
A   P     OP1    doub N N 46  
A   P     OP2    sing N N 47  
A   P     "O5'"  sing N N 48  
A   OP2   HOP2   sing N N 49  
A   "O5'" "C5'"  sing N N 50  
A   "C5'" "C4'"  sing N N 51  
A   "C5'" "H5'"  sing N N 52  
A   "C5'" "H5''" sing N N 53  
A   "C4'" "O4'"  sing N N 54  
A   "C4'" "C3'"  sing N N 55  
A   "C4'" "H4'"  sing N N 56  
A   "O4'" "C1'"  sing N N 57  
A   "C3'" "O3'"  sing N N 58  
A   "C3'" "C2'"  sing N N 59  
A   "C3'" "H3'"  sing N N 60  
A   "O3'" "HO3'" sing N N 61  
A   "C2'" "O2'"  sing N N 62  
A   "C2'" "C1'"  sing N N 63  
A   "C2'" "H2'"  sing N N 64  
A   "O2'" "HO2'" sing N N 65  
A   "C1'" N9     sing N N 66  
A   "C1'" "H1'"  sing N N 67  
A   N9    C8     sing Y N 68  
A   N9    C4     sing Y N 69  
A   C8    N7     doub Y N 70  
A   C8    H8     sing N N 71  
A   N7    C5     sing Y N 72  
A   C5    C6     sing Y N 73  
A   C5    C4     doub Y N 74  
A   C6    N6     sing N N 75  
A   C6    N1     doub Y N 76  
A   N6    H61    sing N N 77  
A   N6    H62    sing N N 78  
A   N1    C2     sing Y N 79  
A   C2    N3     doub Y N 80  
A   C2    H2     sing N N 81  
A   N3    C4     sing Y N 82  
C   OP3   P      sing N N 83  
C   OP3   HOP3   sing N N 84  
C   P     OP1    doub N N 85  
C   P     OP2    sing N N 86  
C   P     "O5'"  sing N N 87  
C   OP2   HOP2   sing N N 88  
C   "O5'" "C5'"  sing N N 89  
C   "C5'" "C4'"  sing N N 90  
C   "C5'" "H5'"  sing N N 91  
C   "C5'" "H5''" sing N N 92  
C   "C4'" "O4'"  sing N N 93  
C   "C4'" "C3'"  sing N N 94  
C   "C4'" "H4'"  sing N N 95  
C   "O4'" "C1'"  sing N N 96  
C   "C3'" "O3'"  sing N N 97  
C   "C3'" "C2'"  sing N N 98  
C   "C3'" "H3'"  sing N N 99  
C   "O3'" "HO3'" sing N N 100 
C   "C2'" "O2'"  sing N N 101 
C   "C2'" "C1'"  sing N N 102 
C   "C2'" "H2'"  sing N N 103 
C   "O2'" "HO2'" sing N N 104 
C   "C1'" N1     sing N N 105 
C   "C1'" "H1'"  sing N N 106 
C   N1    C2     sing N N 107 
C   N1    C6     sing N N 108 
C   C2    O2     doub N N 109 
C   C2    N3     sing N N 110 
C   N3    C4     doub N N 111 
C   C4    N4     sing N N 112 
C   C4    C5     sing N N 113 
C   N4    H41    sing N N 114 
C   N4    H42    sing N N 115 
C   C5    C6     doub N N 116 
C   C5    H5     sing N N 117 
C   C6    H6     sing N N 118 
G   OP3   P      sing N N 119 
G   OP3   HOP3   sing N N 120 
G   P     OP1    doub N N 121 
G   P     OP2    sing N N 122 
G   P     "O5'"  sing N N 123 
G   OP2   HOP2   sing N N 124 
G   "O5'" "C5'"  sing N N 125 
G   "C5'" "C4'"  sing N N 126 
G   "C5'" "H5'"  sing N N 127 
G   "C5'" "H5''" sing N N 128 
G   "C4'" "O4'"  sing N N 129 
G   "C4'" "C3'"  sing N N 130 
G   "C4'" "H4'"  sing N N 131 
G   "O4'" "C1'"  sing N N 132 
G   "C3'" "O3'"  sing N N 133 
G   "C3'" "C2'"  sing N N 134 
G   "C3'" "H3'"  sing N N 135 
G   "O3'" "HO3'" sing N N 136 
G   "C2'" "O2'"  sing N N 137 
G   "C2'" "C1'"  sing N N 138 
G   "C2'" "H2'"  sing N N 139 
G   "O2'" "HO2'" sing N N 140 
G   "C1'" N9     sing N N 141 
G   "C1'" "H1'"  sing N N 142 
G   N9    C8     sing Y N 143 
G   N9    C4     sing Y N 144 
G   C8    N7     doub Y N 145 
G   C8    H8     sing N N 146 
G   N7    C5     sing Y N 147 
G   C5    C6     sing N N 148 
G   C5    C4     doub Y N 149 
G   C6    O6     doub N N 150 
G   C6    N1     sing N N 151 
G   N1    C2     sing N N 152 
G   N1    H1     sing N N 153 
G   C2    N2     sing N N 154 
G   C2    N3     doub N N 155 
G   N2    H21    sing N N 156 
G   N2    H22    sing N N 157 
G   N3    C4     sing N N 158 
HOH O     H1     sing N N 159 
HOH O     H2     sing N N 160 
U   OP3   P      sing N N 161 
U   OP3   HOP3   sing N N 162 
U   P     OP1    doub N N 163 
U   P     OP2    sing N N 164 
U   P     "O5'"  sing N N 165 
U   OP2   HOP2   sing N N 166 
U   "O5'" "C5'"  sing N N 167 
U   "C5'" "C4'"  sing N N 168 
U   "C5'" "H5'"  sing N N 169 
U   "C5'" "H5''" sing N N 170 
U   "C4'" "O4'"  sing N N 171 
U   "C4'" "C3'"  sing N N 172 
U   "C4'" "H4'"  sing N N 173 
U   "O4'" "C1'"  sing N N 174 
U   "C3'" "O3'"  sing N N 175 
U   "C3'" "C2'"  sing N N 176 
U   "C3'" "H3'"  sing N N 177 
U   "O3'" "HO3'" sing N N 178 
U   "C2'" "O2'"  sing N N 179 
U   "C2'" "C1'"  sing N N 180 
U   "C2'" "H2'"  sing N N 181 
U   "O2'" "HO2'" sing N N 182 
U   "C1'" N1     sing N N 183 
U   "C1'" "H1'"  sing N N 184 
U   N1    C2     sing N N 185 
U   N1    C6     sing N N 186 
U   C2    O2     doub N N 187 
U   C2    N3     sing N N 188 
U   N3    C4     sing N N 189 
U   N3    H3     sing N N 190 
U   C4    O4     doub N N 191 
U   C4    C5     sing N N 192 
U   C5    C6     doub N N 193 
U   C5    H5     sing N N 194 
U   C6    H6     sing N N 195 
# 
loop_
_ndb_struct_conf_na.entry_id 
_ndb_struct_conf_na.feature 
5T3K 'double helix'        
5T3K 'a-form double helix' 
# 
loop_
_ndb_struct_na_base_pair.model_number 
_ndb_struct_na_base_pair.i_label_asym_id 
_ndb_struct_na_base_pair.i_label_comp_id 
_ndb_struct_na_base_pair.i_label_seq_id 
_ndb_struct_na_base_pair.i_symmetry 
_ndb_struct_na_base_pair.j_label_asym_id 
_ndb_struct_na_base_pair.j_label_comp_id 
_ndb_struct_na_base_pair.j_label_seq_id 
_ndb_struct_na_base_pair.j_symmetry 
_ndb_struct_na_base_pair.shear 
_ndb_struct_na_base_pair.stretch 
_ndb_struct_na_base_pair.stagger 
_ndb_struct_na_base_pair.buckle 
_ndb_struct_na_base_pair.propeller 
_ndb_struct_na_base_pair.opening 
_ndb_struct_na_base_pair.pair_number 
_ndb_struct_na_base_pair.pair_name 
_ndb_struct_na_base_pair.i_auth_asym_id 
_ndb_struct_na_base_pair.i_auth_seq_id 
_ndb_struct_na_base_pair.i_PDB_ins_code 
_ndb_struct_na_base_pair.j_auth_asym_id 
_ndb_struct_na_base_pair.j_auth_seq_id 
_ndb_struct_na_base_pair.j_PDB_ins_code 
_ndb_struct_na_base_pair.hbond_type_28 
_ndb_struct_na_base_pair.hbond_type_12 
1 A G 1  1_555 B C 15 1_555 -0.035 0.050  0.012  -2.287  -11.077 -1.026 1  A_G1:C34_B  A 1  ? B 34 ? 19 1 
1 A G 2  1_555 B C 14 1_555 -0.378 -0.427 -0.024 -4.280  -12.507 0.349  2  A_G2:C33_B  A 2  ? B 33 ? 19 1 
1 A U 3  1_555 B A 13 1_555 -0.163 -0.096 0.164  -3.433  -8.158  -3.003 3  A_U3:A32_B  A 3  ? B 32 ? 20 1 
1 A G 4  1_555 B C 12 1_555 -0.097 -0.046 0.051  -3.595  -11.658 -1.244 4  A_G4:C31_B  A 4  ? B 31 ? 19 1 
1 A G 5  1_555 B C 11 1_555 -0.482 0.080  0.358  -2.743  -16.801 3.008  5  A_G5:C30_B  A 5  ? B 30 ? 19 1 
1 A U 6  1_555 B A 10 1_555 0.112  -0.084 -0.069 -5.302  -19.757 8.108  6  A_U6:A29_B  A 6  ? B 29 ? 20 1 
1 A G 7  1_555 B C 9  1_555 -0.707 -0.114 0.247  -7.398  -12.940 0.606  7  A_G7:C28_B  A 7  ? B 28 ? 19 1 
1 A A 8  1_555 B A 8  1_555 2.214  1.579  0.365  0.972   -12.962 4.148  8  A_A8:A27_B  A 8  ? B 27 ? ?  1 
1 A G 10 1_555 B C 7  1_555 -0.111 -0.136 0.015  -7.775  -15.055 3.966  9  A_G10:C26_B A 10 ? B 26 ? 19 1 
1 A C 12 1_555 B G 5  1_555 0.487  0.113  -0.480 19.982  -3.526  3.918  10 A_C12:G24_B A 12 ? B 24 ? 19 1 
1 A G 13 1_555 B C 4  1_555 -0.157 -0.222 -0.121 -1.951  -9.478  1.573  11 A_G13:C23_B A 13 ? B 23 ? 19 1 
1 A C 14 1_555 B G 3  1_555 0.353  -0.190 0.076  -1.134  -16.080 4.841  12 A_C14:G22_B A 14 ? B 22 ? 19 1 
1 A U 15 1_555 B A 2  1_555 0.128  -0.166 0.174  -4.844  -6.742  1.286  13 A_U15:A21_B A 15 ? B 21 ? 20 1 
1 A G 16 1_555 B C 1  1_555 -0.364 -0.032 0.023  -3.930  -13.343 1.806  14 A_G16:C20_B A 16 ? B 20 ? 19 1 
1 C G 1  1_555 D C 15 1_555 -0.225 -0.288 -0.262 2.219   -14.029 0.889  15 C_G1:C34_D  C 1  ? D 34 ? 19 1 
1 C G 2  1_555 D C 14 1_555 -0.604 -0.131 0.025  -9.068  -16.059 4.234  16 C_G2:C33_D  C 2  ? D 33 ? 19 1 
1 C U 3  1_555 D A 13 1_555 -0.481 0.097  -0.199 -2.660  -11.869 -0.638 17 C_U3:A32_D  C 3  ? D 32 ? 20 1 
1 C G 4  1_555 D C 12 1_555 0.038  -0.121 -0.151 -5.510  -10.582 -1.573 18 C_G4:C31_D  C 4  ? D 31 ? 19 1 
1 C G 5  1_555 D C 11 1_555 -0.257 -0.109 -0.198 -10.746 -16.382 -0.296 19 C_G5:C30_D  C 5  ? D 30 ? 19 1 
1 C U 6  1_555 D A 10 1_555 0.032  -0.085 -0.268 -8.713  -19.180 1.290  20 C_U6:A29_D  C 6  ? D 29 ? 20 1 
1 C G 7  1_555 D C 9  1_555 0.019  -0.120 0.236  4.769   -4.342  -4.935 21 C_G7:C28_D  C 7  ? D 28 ? 19 1 
1 C G 10 1_555 D C 7  1_555 -0.504 -0.146 -0.054 -1.220  -13.326 5.769  22 C_G10:C26_D C 10 ? D 26 ? 19 1 
1 C C 12 1_555 D G 5  1_555 0.311  -0.069 -0.265 7.846   -9.662  5.303  23 C_C12:G24_D C 12 ? D 24 ? 19 1 
1 C G 13 1_555 D C 4  1_555 0.013  -0.191 -0.232 -3.362  -9.018  -2.684 24 C_G13:C23_D C 13 ? D 23 ? 19 1 
1 C C 14 1_555 D G 3  1_555 0.091  0.005  0.123  4.948   -17.351 1.399  25 C_C14:G22_D C 14 ? D 22 ? 19 1 
1 C U 15 1_555 D A 2  1_555 0.365  -0.020 0.098  -2.308  -11.942 -0.020 26 C_U15:A21_D C 15 ? D 21 ? 20 1 
1 C G 16 1_555 D C 1  1_555 0.497  0.018  0.105  -8.005  -14.253 5.504  27 C_G16:C20_D C 16 ? D 20 ? 19 1 
# 
loop_
_ndb_struct_na_base_pair_step.model_number 
_ndb_struct_na_base_pair_step.i_label_asym_id_1 
_ndb_struct_na_base_pair_step.i_label_comp_id_1 
_ndb_struct_na_base_pair_step.i_label_seq_id_1 
_ndb_struct_na_base_pair_step.i_symmetry_1 
_ndb_struct_na_base_pair_step.j_label_asym_id_1 
_ndb_struct_na_base_pair_step.j_label_comp_id_1 
_ndb_struct_na_base_pair_step.j_label_seq_id_1 
_ndb_struct_na_base_pair_step.j_symmetry_1 
_ndb_struct_na_base_pair_step.i_label_asym_id_2 
_ndb_struct_na_base_pair_step.i_label_comp_id_2 
_ndb_struct_na_base_pair_step.i_label_seq_id_2 
_ndb_struct_na_base_pair_step.i_symmetry_2 
_ndb_struct_na_base_pair_step.j_label_asym_id_2 
_ndb_struct_na_base_pair_step.j_label_comp_id_2 
_ndb_struct_na_base_pair_step.j_label_seq_id_2 
_ndb_struct_na_base_pair_step.j_symmetry_2 
_ndb_struct_na_base_pair_step.shift 
_ndb_struct_na_base_pair_step.slide 
_ndb_struct_na_base_pair_step.rise 
_ndb_struct_na_base_pair_step.tilt 
_ndb_struct_na_base_pair_step.roll 
_ndb_struct_na_base_pair_step.twist 
_ndb_struct_na_base_pair_step.x_displacement 
_ndb_struct_na_base_pair_step.y_displacement 
_ndb_struct_na_base_pair_step.helical_rise 
_ndb_struct_na_base_pair_step.inclination 
_ndb_struct_na_base_pair_step.tip 
_ndb_struct_na_base_pair_step.helical_twist 
_ndb_struct_na_base_pair_step.step_number 
_ndb_struct_na_base_pair_step.step_name 
_ndb_struct_na_base_pair_step.i_auth_asym_id_1 
_ndb_struct_na_base_pair_step.i_auth_seq_id_1 
_ndb_struct_na_base_pair_step.i_PDB_ins_code_1 
_ndb_struct_na_base_pair_step.j_auth_asym_id_1 
_ndb_struct_na_base_pair_step.j_auth_seq_id_1 
_ndb_struct_na_base_pair_step.j_PDB_ins_code_1 
_ndb_struct_na_base_pair_step.i_auth_asym_id_2 
_ndb_struct_na_base_pair_step.i_auth_seq_id_2 
_ndb_struct_na_base_pair_step.i_PDB_ins_code_2 
_ndb_struct_na_base_pair_step.j_auth_asym_id_2 
_ndb_struct_na_base_pair_step.j_auth_seq_id_2 
_ndb_struct_na_base_pair_step.j_PDB_ins_code_2 
1 A G 1  1_555 B C 15 1_555 A G 2  1_555 B C 14 1_555 0.410  -2.067 3.121 1.360  10.687 30.777 -5.279 -0.528 2.309 19.405 -2.469  
32.565 1  AA_G1G2:C33C34_BB   A 1  ? B 34 ? A 2  ? B 33 ? 
1 A G 2  1_555 B C 14 1_555 A U 3  1_555 B A 13 1_555 -0.535 -1.414 3.219 -3.088 4.293  31.590 -3.310 0.432  3.043 7.816  5.622   
32.018 2  AA_G2U3:A32C33_BB   A 2  ? B 33 ? A 3  ? B 32 ? 
1 A U 3  1_555 B A 13 1_555 A G 4  1_555 B C 12 1_555 0.252  -1.359 3.181 1.192  8.557  33.114 -3.559 -0.255 2.761 14.704 -2.049  
34.192 3  AA_U3G4:C31A32_BB   A 3  ? B 32 ? A 4  ? B 31 ? 
1 A G 4  1_555 B C 12 1_555 A G 5  1_555 B C 11 1_555 0.181  -1.667 3.084 -2.718 9.286  31.049 -4.395 -0.737 2.471 16.841 4.929   
32.486 4  AA_G4G5:C30C31_BB   A 4  ? B 31 ? A 5  ? B 30 ? 
1 A G 5  1_555 B C 11 1_555 A U 6  1_555 B A 10 1_555 0.630  -1.212 3.352 6.297  7.596  34.830 -3.029 -0.124 3.092 12.385 -10.267 
36.159 5  AA_G5U6:A29C30_BB   A 5  ? B 30 ? A 6  ? B 29 ? 
1 A U 6  1_555 B A 10 1_555 A G 7  1_555 B C 9  1_555 -0.060 -1.691 3.134 -2.493 12.073 30.025 -4.867 -0.271 2.299 22.165 4.576   
32.403 6  AA_U6G7:C28A29_BB   A 6  ? B 29 ? A 7  ? B 28 ? 
1 A G 7  1_555 B C 9  1_555 A A 8  1_555 B A 8  1_555 -0.242 -0.703 3.162 1.361  3.476  40.052 -1.399 0.499  3.084 5.062  -1.982  
40.218 7  AA_G7A8:A27C28_BB   A 7  ? B 28 ? A 8  ? B 27 ? 
1 A A 8  1_555 B A 8  1_555 A G 10 1_555 B C 7  1_555 -2.173 -2.153 3.051 -0.726 11.644 32.779 -5.088 3.547  2.226 19.866 1.239   
34.740 8  AA_A8G10:C26A27_BB  A 8  ? B 27 ? A 10 ? B 26 ? 
1 A G 10 1_555 B C 7  1_555 A C 12 1_555 B G 5  1_555 0.645  -2.256 5.705 6.357  22.130 65.897 -3.325 -0.181 4.867 19.732 -5.669  
69.373 9  AA_G10C12:G24C26_BB A 10 ? B 26 ? A 12 ? B 24 ? 
1 A C 12 1_555 B G 5  1_555 A G 13 1_555 B C 4  1_555 -1.081 -1.569 3.659 -7.536 8.613  30.337 -4.479 0.482  3.272 15.771 13.798  
32.376 10 AA_C12G13:C23G24_BB A 12 ? B 24 ? A 13 ? B 23 ? 
1 A G 13 1_555 B C 4  1_555 A C 14 1_555 B G 3  1_555 -0.365 -1.331 3.231 -2.257 3.732  34.604 -2.771 0.276  3.092 6.243  3.776   
34.870 11 AA_G13C14:G22C23_BB A 13 ? B 23 ? A 14 ? B 22 ? 
1 A C 14 1_555 B G 3  1_555 A U 15 1_555 B A 2  1_555 0.220  -1.283 3.237 -0.311 8.840  32.214 -3.611 -0.432 2.794 15.568 0.548   
33.376 12 AA_C14U15:A21G22_BB A 14 ? B 22 ? A 15 ? B 21 ? 
1 A U 15 1_555 B A 2  1_555 A G 16 1_555 B C 1  1_555 0.518  -1.488 3.078 3.370  10.282 28.063 -4.715 -0.395 2.437 20.276 -6.646  
30.038 13 AA_U15G16:C20A21_BB A 15 ? B 21 ? A 16 ? B 20 ? 
1 C G 1  1_555 D C 15 1_555 C G 2  1_555 D C 14 1_555 0.564  -1.987 3.376 -3.228 10.133 32.708 -4.850 -1.428 2.597 17.429 5.551   
34.348 14 CC_G1G2:C33C34_DD   C 1  ? D 34 ? C 2  ? D 33 ? 
1 C G 2  1_555 D C 14 1_555 C U 3  1_555 D A 13 1_555 -0.782 -1.641 3.044 0.844  3.632  30.300 -3.766 1.637  2.810 6.916  -1.607  
30.524 15 CC_G2U3:A32C33_DD   C 2  ? D 33 ? C 3  ? D 32 ? 
1 C U 3  1_555 D A 13 1_555 C G 4  1_555 D C 12 1_555 0.272  -1.329 3.316 -0.027 11.862 33.746 -3.794 -0.448 2.710 19.693 0.045   
35.713 16 CC_U3G4:C31A32_DD   C 3  ? D 32 ? C 4  ? D 31 ? 
1 C G 4  1_555 D C 12 1_555 C G 5  1_555 D C 11 1_555 0.590  -1.874 3.372 1.443  9.780  29.886 -5.193 -0.833 2.666 18.343 -2.706  
31.443 17 CC_G4G5:C30C31_DD   C 4  ? D 31 ? C 5  ? D 30 ? 
1 C G 5  1_555 D C 11 1_555 C U 6  1_555 D A 10 1_555 -0.062 -1.298 3.193 2.258  7.962  32.724 -3.441 0.449  2.798 13.856 -3.930  
33.727 18 CC_G5U6:A29C30_DD   C 5  ? D 30 ? C 6  ? D 29 ? 
1 C U 6  1_555 D A 10 1_555 C G 7  1_555 D C 9  1_555 0.186  -1.334 2.906 -2.527 15.175 27.462 -4.708 -0.718 1.902 29.237 4.868   
31.404 19 CC_U6G7:C28A29_DD   C 6  ? D 29 ? C 7  ? D 28 ? 
1 C G 7  1_555 D C 9  1_555 C G 10 1_555 D C 7  1_555 -2.150 -2.458 6.302 -7.439 11.766 84.678 -2.321 1.258  6.124 8.684  5.490   
85.601 20 CC_G7G10:C26C28_DD  C 7  ? D 28 ? C 10 ? D 26 ? 
1 C G 10 1_555 D C 7  1_555 C C 12 1_555 D G 5  1_555 0.279  -2.468 6.145 5.861  15.917 69.557 -3.105 0.124  5.550 13.747 -5.062  
71.341 21 CC_G10C12:G24C26_DD C 10 ? D 26 ? C 12 ? D 24 ? 
1 C C 12 1_555 D G 5  1_555 C G 13 1_555 D C 4  1_555 -0.853 -1.683 3.530 -1.889 11.948 27.402 -5.701 1.267  2.634 23.805 3.763   
29.906 22 CC_C12G13:C23G24_DD C 12 ? D 24 ? C 13 ? D 23 ? 
1 C G 13 1_555 D C 4  1_555 C C 14 1_555 D G 3  1_555 0.171  -1.623 3.017 -0.691 3.953  32.731 -3.460 -0.406 2.803 6.982  1.221   
32.969 23 CC_G13C14:G22C23_DD C 13 ? D 23 ? C 14 ? D 22 ? 
1 C C 14 1_555 D G 3  1_555 C U 15 1_555 D A 2  1_555 0.085  -1.533 3.387 2.096  7.460  32.882 -3.832 0.188  2.978 12.955 -3.641  
33.758 24 CC_C14U15:A21G22_DD C 14 ? D 22 ? C 15 ? D 21 ? 
1 C U 15 1_555 D A 2  1_555 C G 16 1_555 D C 1  1_555 0.633  -1.397 3.238 1.687  10.400 36.406 -3.407 -0.773 2.775 16.232 -2.633  
37.850 25 CC_U15G16:C20A21_DD C 15 ? D 21 ? C 16 ? D 20 ? 
# 
_atom_sites.entry_id                    5T3K 
_atom_sites.fract_transf_matrix[1][1]   0.02368857 
_atom_sites.fract_transf_matrix[1][2]   -0.01697690 
_atom_sites.fract_transf_matrix[1][3]   -0.01266293 
_atom_sites.fract_transf_matrix[2][1]   0.00745828 
_atom_sites.fract_transf_matrix[2][2]   0.00510067 
_atom_sites.fract_transf_matrix[2][3]   0.00711387 
_atom_sites.fract_transf_matrix[3][1]   -0.00306354 
_atom_sites.fract_transf_matrix[3][2]   -0.02328615 
_atom_sites.fract_transf_matrix[3][3]   0.01990810 
_atom_sites.fract_transf_vector[1]      0.760450 
_atom_sites.fract_transf_vector[2]      0.496485 
_atom_sites.fract_transf_vector[3]      0.691574 
# 
loop_
_atom_type.symbol 
C  
MG 
N  
O  
P  
SE 
# 
loop_
_atom_site.group_PDB 
_atom_site.id 
_atom_site.type_symbol 
_atom_site.label_atom_id 
_atom_site.label_alt_id 
_atom_site.label_comp_id 
_atom_site.label_asym_id 
_atom_site.label_entity_id 
_atom_site.label_seq_id 
_atom_site.pdbx_PDB_ins_code 
_atom_site.Cartn_x 
_atom_site.Cartn_y 
_atom_site.Cartn_z 
_atom_site.occupancy 
_atom_site.B_iso_or_equiv 
_atom_site.pdbx_formal_charge 
_atom_site.auth_seq_id 
_atom_site.auth_comp_id 
_atom_site.auth_asym_id 
_atom_site.auth_atom_id 
_atom_site.pdbx_PDB_model_num 
ATOM   1    O  "O5'" . G   A 1 1  ? 9.453   -7.004  16.769  1.00 51.76 ?  1   G   A "O5'" 1 
ATOM   2    C  "C5'" . G   A 1 1  ? 8.391   -6.688  17.659  1.00 47.70 ?  1   G   A "C5'" 1 
ATOM   3    C  "C4'" . G   A 1 1  ? 8.200   -5.200  17.762  1.00 50.57 ?  1   G   A "C4'" 1 
ATOM   4    O  "O4'" . G   A 1 1  ? 9.465   -4.585  18.124  1.00 49.89 ?  1   G   A "O4'" 1 
ATOM   5    C  "C3'" . G   A 1 1  ? 7.805   -4.493  16.469  1.00 46.72 ?  1   G   A "C3'" 1 
ATOM   6    O  "O3'" . G   A 1 1  ? 6.420   -4.564  16.196  1.00 47.52 ?  1   G   A "O3'" 1 
ATOM   7    C  "C2'" . G   A 1 1  ? 8.312   -3.080  16.701  1.00 43.00 ?  1   G   A "C2'" 1 
ATOM   8    O  "O2'" . G   A 1 1  ? 7.426   -2.351  17.540  1.00 52.56 ?  1   G   A "O2'" 1 
ATOM   9    C  "C1'" . G   A 1 1  ? 9.617   -3.358  17.447  1.00 43.50 ?  1   G   A "C1'" 1 
ATOM   10   N  N9    . G   A 1 1  ? 10.716  -3.519  16.490  1.00 40.28 ?  1   G   A N9    1 
ATOM   11   C  C8    . G   A 1 1  ? 11.374  -4.663  16.147  1.00 37.23 ?  1   G   A C8    1 
ATOM   12   N  N7    . G   A 1 1  ? 12.279  -4.449  15.226  1.00 37.18 ?  1   G   A N7    1 
ATOM   13   C  C5    . G   A 1 1  ? 12.196  -3.092  14.942  1.00 35.62 ?  1   G   A C5    1 
ATOM   14   C  C6    . G   A 1 1  ? 12.924  -2.277  14.034  1.00 36.28 ?  1   G   A C6    1 
ATOM   15   O  O6    . G   A 1 1  ? 13.829  -2.598  13.244  1.00 38.62 ?  1   G   A O6    1 
ATOM   16   N  N1    . G   A 1 1  ? 12.485  -0.954  14.086  1.00 33.92 ?  1   G   A N1    1 
ATOM   17   C  C2    . G   A 1 1  ? 11.490  -0.470  14.901  1.00 36.93 ?  1   G   A C2    1 
ATOM   18   N  N2    . G   A 1 1  ? 11.204  0.839   14.812  1.00 34.38 ?  1   G   A N2    1 
ATOM   19   N  N3    . G   A 1 1  ? 10.815  -1.217  15.754  1.00 39.93 ?  1   G   A N3    1 
ATOM   20   C  C4    . G   A 1 1  ? 11.221  -2.507  15.713  1.00 37.56 ?  1   G   A C4    1 
ATOM   21   P  P     . G   A 1 2  ? 5.895   -4.879  14.713  1.00 43.25 ?  2   G   A P     1 
ATOM   22   O  OP1   . G   A 1 2  ? 4.477   -5.256  14.924  1.00 43.55 ?  2   G   A OP1   1 
ATOM   23   O  OP2   . G   A 1 2  ? 6.782   -5.830  13.999  1.00 43.69 -1 2   G   A OP2   1 
ATOM   24   O  "O5'" . G   A 1 2  ? 6.059   -3.487  13.959  1.00 40.93 ?  2   G   A "O5'" 1 
ATOM   25   C  "C5'" . G   A 1 2  ? 5.668   -2.274  14.581  1.00 39.23 ?  2   G   A "C5'" 1 
ATOM   26   C  "C4'" . G   A 1 2  ? 6.121   -1.074  13.797  1.00 35.38 ?  2   G   A "C4'" 1 
ATOM   27   O  "O4'" . G   A 1 2  ? 7.536   -0.853  13.986  1.00 34.93 ?  2   G   A "O4'" 1 
ATOM   28   C  "C3'" . G   A 1 2  ? 5.964   -1.163  12.289  1.00 34.49 ?  2   G   A "C3'" 1 
ATOM   29   O  "O3'" . G   A 1 2  ? 4.634   -0.899  11.887  1.00 36.62 ?  2   G   A "O3'" 1 
ATOM   30   C  "C2'" . G   A 1 2  ? 6.969   -0.131  11.798  1.00 32.54 ?  2   G   A "C2'" 1 
ATOM   31   O  "O2'" . G   A 1 2  ? 6.449   1.172   11.948  1.00 35.46 ?  2   G   A "O2'" 1 
ATOM   32   C  "C1'" . G   A 1 2  ? 8.093   -0.284  12.822  1.00 34.26 ?  2   G   A "C1'" 1 
ATOM   33   N  N9    . G   A 1 2  ? 9.194   -1.133  12.331  1.00 34.77 ?  2   G   A N9    1 
ATOM   34   C  C8    . G   A 1 2  ? 9.469   -2.449  12.618  1.00 32.80 ?  2   G   A C8    1 
ATOM   35   N  N7    . G   A 1 2  ? 10.542  -2.866  12.006  1.00 30.75 ?  2   G   A N7    1 
ATOM   36   C  C5    . G   A 1 2  ? 11.015  -1.781  11.278  1.00 32.73 ?  2   G   A C5    1 
ATOM   37   C  C6    . G   A 1 2  ? 12.143  -1.609  10.414  1.00 33.94 ?  2   G   A C6    1 
ATOM   38   O  O6    . G   A 1 2  ? 13.027  -2.395  10.052  1.00 37.53 ?  2   G   A O6    1 
ATOM   39   N  N1    . G   A 1 2  ? 12.220  -0.338  9.897   1.00 30.76 ?  2   G   A N1    1 
ATOM   40   C  C2    . G   A 1 2  ? 11.328  0.661   10.161  1.00 34.91 ?  2   G   A C2    1 
ATOM   41   N  N2    . G   A 1 2  ? 11.586  1.842   9.551   1.00 32.76 ?  2   G   A N2    1 
ATOM   42   N  N3    . G   A 1 2  ? 10.282  0.513   10.964  1.00 31.86 ?  2   G   A N3    1 
ATOM   43   C  C4    . G   A 1 2  ? 10.183  -0.711  11.478  1.00 32.98 ?  2   G   A C4    1 
ATOM   44   P  P     . U   A 1 3  ? 4.092   -1.345  10.440  1.00 35.81 ?  3   U   A P     1 
ATOM   45   O  OP1   . U   A 1 3  ? 2.643   -1.040  10.414  1.00 38.85 ?  3   U   A OP1   1 
ATOM   46   O  OP2   . U   A 1 3  ? 4.509   -2.724  10.088  1.00 38.61 -1 3   U   A OP2   1 
ATOM   47   O  "O5'" . U   A 1 3  ? 4.879   -0.371  9.466   1.00 33.60 ?  3   U   A "O5'" 1 
ATOM   48   C  "C5'" . U   A 1 3  ? 4.497   0.983   9.321   1.00 32.52 ?  3   U   A "C5'" 1 
ATOM   49   C  "C4'" . U   A 1 3  ? 5.442   1.676   8.384   1.00 30.66 ?  3   U   A "C4'" 1 
ATOM   50   O  "O4'" . U   A 1 3  ? 6.780   1.507   8.894   1.00 28.62 ?  3   U   A "O4'" 1 
ATOM   51   C  "C3'" . U   A 1 3  ? 5.543   1.103   6.986   1.00 29.87 ?  3   U   A "C3'" 1 
ATOM   52   O  "O3'" . U   A 1 3  ? 4.510   1.483   6.129   1.00 28.10 ?  3   U   A "O3'" 1 
ATOM   53   C  "C2'" . U   A 1 3  ? 6.881   1.614   6.533   1.00 30.30 ?  3   U   A "C2'" 1 
ATOM   54   O  "O2'" . U   A 1 3  ? 6.779   2.998   6.230   1.00 30.98 ?  3   U   A "O2'" 1 
ATOM   55   C  "C1'" . U   A 1 3  ? 7.685   1.460   7.818   1.00 29.88 ?  3   U   A "C1'" 1 
ATOM   56   N  N1    . U   A 1 3  ? 8.434   0.191   7.882   1.00 33.42 ?  3   U   A N1    1 
ATOM   57   C  C2    . U   A 1 3  ? 9.575   0.133   7.123   1.00 30.98 ?  3   U   A C2    1 
ATOM   58   O  O2    . U   A 1 3  ? 9.946   1.041   6.421   1.00 31.99 ?  3   U   A O2    1 
ATOM   59   N  N3    . U   A 1 3  ? 10.277  -1.021  7.192   1.00 29.98 ?  3   U   A N3    1 
ATOM   60   C  C4    . U   A 1 3  ? 9.968   -2.108  7.945   1.00 29.66 ?  3   U   A C4    1 
ATOM   61   O  O4    . U   A 1 3  ? 10.732  -3.064  7.883   1.00 31.30 ?  3   U   A O4    1 
ATOM   62   C  C5    . U   A 1 3  ? 8.768   -1.987  8.710   1.00 32.82 ?  3   U   A C5    1 
ATOM   63   C  C6    . U   A 1 3  ? 8.049   -0.863  8.666   1.00 30.07 ?  3   U   A C6    1 
ATOM   64   P  P     . G   A 1 4  ? 4.008   0.441   5.024   1.00 37.94 ?  4   G   A P     1 
ATOM   65   O  OP1   . G   A 1 4  ? 2.716   1.002   4.533   1.00 34.35 ?  4   G   A OP1   1 
ATOM   66   O  OP2   . G   A 1 4  ? 4.047   -0.948  5.523   1.00 30.57 -1 4   G   A OP2   1 
ATOM   67   O  "O5'" . G   A 1 4  ? 5.114   0.533   3.879   1.00 32.72 ?  4   G   A "O5'" 1 
ATOM   68   C  "C5'" . G   A 1 4  ? 5.266   1.720   3.119   1.00 27.77 ?  4   G   A "C5'" 1 
ATOM   69   C  "C4'" . G   A 1 4  ? 6.547   1.709   2.336   1.00 27.52 ?  4   G   A "C4'" 1 
ATOM   70   O  "O4'" . G   A 1 4  ? 7.675   1.552   3.229   1.00 28.26 ?  4   G   A "O4'" 1 
ATOM   71   C  "C3'" . G   A 1 4  ? 6.705   0.576   1.336   1.00 27.20 ?  4   G   A "C3'" 1 
ATOM   72   O  "O3'" . G   A 1 4  ? 6.038   0.827   0.123   1.00 29.80 ?  4   G   A "O3'" 1 
ATOM   73   C  "C2'" . G   A 1 4  ? 8.205   0.491   1.174   1.00 29.28 ?  4   G   A "C2'" 1 
ATOM   74   O  "O2'" . G   A 1 4  ? 8.667   1.531   0.330   1.00 29.86 ?  4   G   A "O2'" 1 
ATOM   75   C  "C1'" . G   A 1 4  ? 8.667   0.766   2.608   1.00 30.74 ?  4   G   A "C1'" 1 
ATOM   76   N  N9    . G   A 1 4  ? 8.817   -0.498  3.369   1.00 29.12 ?  4   G   A N9    1 
ATOM   77   C  C8    . G   A 1 4  ? 7.985   -1.074  4.297   1.00 27.61 ?  4   G   A C8    1 
ATOM   78   N  N7    . G   A 1 4  ? 8.439   -2.216  4.756   1.00 29.92 ?  4   G   A N7    1 
ATOM   79   C  C5    . G   A 1 4  ? 9.629   -2.392  4.065   1.00 28.76 ?  4   G   A C5    1 
ATOM   80   C  C6    . G   A 1 4  ? 10.595  -3.423  4.109   1.00 25.90 ?  4   G   A C6    1 
ATOM   81   O  O6    . G   A 1 4  ? 10.624  -4.445  4.781   1.00 25.30 ?  4   G   A O6    1 
ATOM   82   N  N1    . G   A 1 4  ? 11.637  -3.171  3.251   1.00 25.51 ?  4   G   A N1    1 
ATOM   83   C  C2    . G   A 1 4  ? 11.757  -2.092  2.437   1.00 26.75 ?  4   G   A C2    1 
ATOM   84   N  N2    . G   A 1 4  ? 12.842  -2.038  1.676   1.00 28.51 ?  4   G   A N2    1 
ATOM   85   N  N3    . G   A 1 4  ? 10.888  -1.121  2.389   1.00 29.67 ?  4   G   A N3    1 
ATOM   86   C  C4    . G   A 1 4  ? 9.860   -1.348  3.215   1.00 25.31 ?  4   G   A C4    1 
ATOM   87   P  P     . G   A 1 5  ? 5.474   -0.393  -0.740  1.00 29.09 ?  5   G   A P     1 
ATOM   88   O  OP1   . G   A 1 5  ? 4.688   0.169   -1.859  1.00 32.27 ?  5   G   A OP1   1 
ATOM   89   O  OP2   . G   A 1 5  ? 4.833   -1.325  0.177   1.00 34.20 -1 5   G   A OP2   1 
ATOM   90   O  "O5'" . G   A 1 5  ? 6.793   -1.064  -1.314  1.00 29.96 ?  5   G   A "O5'" 1 
ATOM   91   C  "C5'" . G   A 1 5  ? 7.435   -0.513  -2.454  1.00 30.00 ?  5   G   A "C5'" 1 
ATOM   92   C  "C4'" . G   A 1 5  ? 8.759   -1.178  -2.739  1.00 31.77 ?  5   G   A "C4'" 1 
ATOM   93   O  "O4'" . G   A 1 5  ? 9.558   -1.217  -1.527  1.00 30.80 ?  5   G   A "O4'" 1 
ATOM   94   C  "C3'" . G   A 1 5  ? 8.709   -2.630  -3.177  1.00 28.96 ?  5   G   A "C3'" 1 
ATOM   95   O  "O3'" . G   A 1 5  ? 8.373   -2.789  -4.541  1.00 26.59 ?  5   G   A "O3'" 1 
ATOM   96   C  "C2'" . G   A 1 5  ? 10.109  -3.114  -2.828  1.00 27.18 ?  5   G   A "C2'" 1 
ATOM   97   O  "O2'" . G   A 1 5  ? 11.055  -2.633  -3.761  1.00 25.15 ?  5   G   A "O2'" 1 
ATOM   98   C  "C1'" . G   A 1 5  ? 10.348  -2.385  -1.516  1.00 26.60 ?  5   G   A "C1'" 1 
ATOM   99   N  N9    . G   A 1 5  ? 9.910   -3.217  -0.400  1.00 27.82 ?  5   G   A N9    1 
ATOM   100  C  C8    . G   A 1 5  ? 8.795   -3.079  0.359   1.00 28.08 ?  5   G   A C8    1 
ATOM   101  N  N7    . G   A 1 5  ? 8.695   -4.019  1.244   1.00 23.58 ?  5   G   A N7    1 
ATOM   102  C  C5    . G   A 1 5  ? 9.795   -4.826  1.040   1.00 24.18 ?  5   G   A C5    1 
ATOM   103  C  C6    . G   A 1 5  ? 10.204  -6.009  1.692   1.00 26.94 ?  5   G   A C6    1 
ATOM   104  O  O6    . G   A 1 5  ? 9.630   -6.585  2.645   1.00 28.29 ?  5   G   A O6    1 
ATOM   105  N  N1    . G   A 1 5  ? 11.383  -6.502  1.144   1.00 25.28 ?  5   G   A N1    1 
ATOM   106  C  C2    . G   A 1 5  ? 12.076  -5.930  0.106   1.00 27.49 ?  5   G   A C2    1 
ATOM   107  N  N2    . G   A 1 5  ? 13.193  -6.526  -0.318  1.00 24.98 ?  5   G   A N2    1 
ATOM   108  N  N3    . G   A 1 5  ? 11.686  -4.830  -0.506  1.00 30.96 ?  5   G   A N3    1 
ATOM   109  C  C4    . G   A 1 5  ? 10.546  -4.345  0.013   1.00 28.62 ?  5   G   A C4    1 
ATOM   110  P  P     . U   A 1 6  ? 7.338   -3.933  -4.949  1.00 32.98 ?  6   U   A P     1 
ATOM   111  O  OP1   . U   A 1 6  ? 6.832   -3.716  -6.317  1.00 35.41 ?  6   U   A OP1   1 
ATOM   112  O  OP2   . U   A 1 6  ? 6.465   -4.084  -3.767  1.00 24.64 -1 6   U   A OP2   1 
ATOM   113  O  "O5'" . U   A 1 6  ? 8.226   -5.243  -5.025  1.00 32.24 ?  6   U   A "O5'" 1 
ATOM   114  C  "C5'" . U   A 1 6  ? 9.415   -5.282  -5.802  1.00 28.61 ?  6   U   A "C5'" 1 
ATOM   115  C  "C4'" . U   A 1 6  ? 10.276  -6.438  -5.361  1.00 28.15 ?  6   U   A "C4'" 1 
ATOM   116  O  "O4'" . U   A 1 6  ? 10.638  -6.267  -3.971  1.00 27.03 ?  6   U   A "O4'" 1 
ATOM   117  C  "C3'" . U   A 1 6  ? 9.608   -7.797  -5.386  1.00 33.10 ?  6   U   A "C3'" 1 
ATOM   118  O  "O3'" . U   A 1 6  ? 9.589   -8.380  -6.666  1.00 32.38 ?  6   U   A "O3'" 1 
ATOM   119  C  "C2'" . U   A 1 6  ? 10.443  -8.581  -4.401  1.00 30.57 ?  6   U   A "C2'" 1 
ATOM   120  O  "O2'" . U   A 1 6  ? 11.683  -8.923  -5.003  1.00 31.42 ?  6   U   A "O2'" 1 
ATOM   121  C  "C1'" . U   A 1 6  ? 10.707  -7.521  -3.338  1.00 29.28 ?  6   U   A "C1'" 1 
ATOM   122  N  N1    . U   A 1 6  ? 9.732   -7.573  -2.223  1.00 28.63 ?  6   U   A N1    1 
ATOM   123  C  C2    . U   A 1 6  ? 9.984   -8.509  -1.217  1.00 30.60 ?  6   U   A C2    1 
ATOM   124  O  O2    . U   A 1 6  ? 10.941  -9.260  -1.232  1.00 29.96 ?  6   U   A O2    1 
ATOM   125  N  N3    . U   A 1 6  ? 9.073   -8.556  -0.189  1.00 29.22 ?  6   U   A N3    1 
ATOM   126  C  C4    . U   A 1 6  ? 7.952   -7.767  -0.054  1.00 27.92 ?  6   U   A C4    1 
ATOM   127  O  O4    . U   A 1 6  ? 7.228   -7.932  0.924   1.00 29.62 ?  6   U   A O4    1 
ATOM   128  C  C5    . U   A 1 6  ? 7.753   -6.831  -1.112  1.00 22.49 ?  6   U   A C5    1 
ATOM   129  C  C6    . U   A 1 6  ? 8.623   -6.773  -2.135  1.00 28.96 ?  6   U   A C6    1 
ATOM   130  P  P     . G   A 1 7  ? 8.403   -9.380  -7.046  1.00 36.36 ?  7   G   A P     1 
ATOM   131  O  OP1   . G   A 1 7  ? 8.568   -9.604  -8.485  1.00 31.58 ?  7   G   A OP1   1 
ATOM   132  O  OP2   . G   A 1 7  ? 7.115   -8.902  -6.464  1.00 37.53 -1 7   G   A OP2   1 
ATOM   133  O  "O5'" . G   A 1 7  ? 8.766   -10.718 -6.259  1.00 36.42 ?  7   G   A "O5'" 1 
ATOM   134  C  "C5'" . G   A 1 7  ? 9.967   -11.401 -6.536  1.00 31.89 ?  7   G   A "C5'" 1 
ATOM   135  C  "C4'" . G   A 1 7  ? 10.188  -12.483 -5.523  1.00 35.58 ?  7   G   A "C4'" 1 
ATOM   136  O  "O4'" . G   A 1 7  ? 10.184  -11.926 -4.188  1.00 30.70 ?  7   G   A "O4'" 1 
ATOM   137  C  "C3'" . G   A 1 7  ? 9.122   -13.556 -5.456  1.00 34.01 ?  7   G   A "C3'" 1 
ATOM   138  O  "O3'" . G   A 1 7  ? 9.259   -14.511 -6.485  1.00 34.97 ?  7   G   A "O3'" 1 
ATOM   139  C  "C2'" . G   A 1 7  ? 9.335   -14.151 -4.067  1.00 36.45 ?  7   G   A "C2'" 1 
ATOM   140  O  "O2'" . G   A 1 7  ? 10.384  -15.101 -4.100  1.00 31.99 ?  7   G   A "O2'" 1 
ATOM   141  C  "C1'" . G   A 1 7  ? 9.805   -12.930 -3.267  1.00 34.58 ?  7   G   A "C1'" 1 
ATOM   142  N  N9    . G   A 1 7  ? 8.793   -12.395 -2.329  1.00 34.24 ?  7   G   A N9    1 
ATOM   143  C  C8    . G   A 1 7  ? 8.062   -11.269 -2.541  1.00 31.18 ?  7   G   A C8    1 
ATOM   144  N  N7    . G   A 1 7  ? 7.276   -11.014 -1.535  1.00 36.78 ?  7   G   A N7    1 
ATOM   145  C  C5    . G   A 1 7  ? 7.492   -12.003 -0.605  1.00 29.55 ?  7   G   A C5    1 
ATOM   146  C  C6    . G   A 1 7  ? 6.914   -12.201 0.671   1.00 31.50 ?  7   G   A C6    1 
ATOM   147  O  O6    . G   A 1 7  ? 6.059   -11.536 1.256   1.00 36.37 ?  7   G   A O6    1 
ATOM   148  N  N1    . G   A 1 7  ? 7.402   -13.325 1.298   1.00 32.36 ?  7   G   A N1    1 
ATOM   149  C  C2    . G   A 1 7  ? 8.350   -14.151 0.766   1.00 30.85 ?  7   G   A C2    1 
ATOM   150  N  N2    . G   A 1 7  ? 8.674   -15.180 1.545   1.00 31.20 ?  7   G   A N2    1 
ATOM   151  N  N3    . G   A 1 7  ? 8.909   -13.975 -0.420  1.00 31.26 ?  7   G   A N3    1 
ATOM   152  C  C4    . G   A 1 7  ? 8.441   -12.872 -1.066  1.00 32.51 ?  7   G   A C4    1 
ATOM   153  P  P     . A   A 1 8  ? 7.956   -15.139 -7.162  1.00 41.97 ?  8   A   A P     1 
ATOM   154  O  OP1   . A   A 1 8  ? 8.273   -15.456 -8.576  1.00 49.97 ?  8   A   A OP1   1 
ATOM   155  O  OP2   . A   A 1 8  ? 6.826   -14.241 -6.829  1.00 40.47 -1 8   A   A OP2   1 
ATOM   156  O  "O5'" . A   A 1 8  ? 7.698   -16.486 -6.351  1.00 35.00 ?  8   A   A "O5'" 1 
ATOM   157  C  "C5'" . A   A 1 8  ? 8.776   -17.268 -5.867  1.00 39.92 ?  8   A   A "C5'" 1 
ATOM   158  C  "C4'" . A   A 1 8  ? 8.363   -18.066 -4.654  1.00 38.81 ?  8   A   A "C4'" 1 
ATOM   159  O  "O4'" . A   A 1 8  ? 8.451   -17.232 -3.467  1.00 42.57 ?  8   A   A "O4'" 1 
ATOM   160  C  "C3'" . A   A 1 8  ? 6.925   -18.561 -4.672  1.00 32.94 ?  8   A   A "C3'" 1 
ATOM   161  O  "O3'" . A   A 1 8  ? 6.793   -19.779 -5.393  1.00 37.01 ?  8   A   A "O3'" 1 
ATOM   162  C  "C2'" . A   A 1 8  ? 6.579   -18.657 -3.187  1.00 38.31 ?  8   A   A "C2'" 1 
ATOM   163  O  "O2'" . A   A 1 8  ? 7.132   -19.827 -2.603  1.00 44.92 ?  8   A   A "O2'" 1 
ATOM   164  C  "C1'" . A   A 1 8  ? 7.348   -17.464 -2.621  1.00 38.56 ?  8   A   A "C1'" 1 
ATOM   165  N  N9    . A   A 1 8  ? 6.528   -16.228 -2.568  1.00 40.76 ?  8   A   A N9    1 
ATOM   166  C  C8    . A   A 1 8  ? 6.274   -15.326 -3.584  1.00 40.06 ?  8   A   A C8    1 
ATOM   167  N  N7    . A   A 1 8  ? 5.510   -14.315 -3.230  1.00 40.02 ?  8   A   A N7    1 
ATOM   168  C  C5    . A   A 1 8  ? 5.224   -14.575 -1.895  1.00 37.73 ?  8   A   A C5    1 
ATOM   169  C  C6    . A   A 1 8  ? 4.456   -13.881 -0.939  1.00 38.61 ?  8   A   A C6    1 
ATOM   170  N  N6    . A   A 1 8  ? 3.804   -12.743 -1.207  1.00 36.61 ?  8   A   A N6    1 
ATOM   171  N  N1    . A   A 1 8  ? 4.380   -14.407 0.310   1.00 35.96 ?  8   A   A N1    1 
ATOM   172  C  C2    . A   A 1 8  ? 5.026   -15.556 0.584   1.00 33.28 ?  8   A   A C2    1 
ATOM   173  N  N3    . A   A 1 8  ? 5.781   -16.292 -0.230  1.00 36.76 ?  8   A   A N3    1 
ATOM   174  C  C4    . A   A 1 8  ? 5.840   -15.747 -1.468  1.00 38.03 ?  8   A   A C4    1 
ATOM   175  P  P     . A   A 1 9  ? 5.606   -20.019 -6.444  1.00 29.72 ?  9   A   A P     1 
ATOM   176  O  OP1   . A   A 1 9  ? 6.076   -19.764 -7.811  1.00 34.10 ?  9   A   A OP1   1 
ATOM   177  O  OP2   . A   A 1 9  ? 4.369   -19.401 -5.920  1.00 35.00 -1 9   A   A OP2   1 
ATOM   178  O  "O5'" . A   A 1 9  ? 5.396   -21.591 -6.434  1.00 38.20 ?  9   A   A "O5'" 1 
ATOM   179  C  "C5'" . A   A 1 9  ? 4.239   -22.186 -5.867  1.00 30.28 ?  9   A   A "C5'" 1 
ATOM   180  C  "C4'" . A   A 1 9  ? 4.629   -23.312 -4.957  1.00 33.19 ?  9   A   A "C4'" 1 
ATOM   181  O  "O4'" . A   A 1 9  ? 5.789   -23.979 -5.497  1.00 34.36 ?  9   A   A "O4'" 1 
ATOM   182  C  "C3'" . A   A 1 9  ? 5.032   -22.899 -3.551  1.00 32.97 ?  9   A   A "C3'" 1 
ATOM   183  O  "O3'" . A   A 1 9  ? 3.890   -22.866 -2.718  1.00 33.90 ?  9   A   A "O3'" 1 
ATOM   184  C  "C2'" . A   A 1 9  ? 6.023   -23.980 -3.136  1.00 33.56 ?  9   A   A "C2'" 1 
ATOM   185  O  "O2'" . A   A 1 9  ? 5.340   -25.123 -2.645  1.00 33.73 ?  9   A   A "O2'" 1 
ATOM   186  C  "C1'" . A   A 1 9  ? 6.661   -24.358 -4.467  1.00 35.02 ?  9   A   A "C1'" 1 
ATOM   187  N  N9    . A   A 1 9  ? 7.947   -23.703 -4.706  1.00 29.87 ?  9   A   A N9    1 
ATOM   188  C  C8    . A   A 1 9  ? 8.313   -22.414 -4.486  1.00 30.67 ?  9   A   A C8    1 
ATOM   189  N  N7    . A   A 1 9  ? 9.540   -22.183 -4.849  1.00 32.50 ?  9   A   A N7    1 
ATOM   190  C  C5    . A   A 1 9  ? 10.004  -23.387 -5.348  1.00 32.15 ?  9   A   A C5    1 
ATOM   191  C  C6    . A   A 1 9  ? 11.235  -23.796 -5.891  1.00 31.04 ?  9   A   A C6    1 
ATOM   192  N  N6    . A   A 1 9  ? 12.281  -22.972 -6.019  1.00 28.41 ?  9   A   A N6    1 
ATOM   193  N  N1    . A   A 1 9  ? 11.356  -25.089 -6.295  1.00 28.69 ?  9   A   A N1    1 
ATOM   194  C  C2    . A   A 1 9  ? 10.311  -25.913 -6.149  1.00 28.83 ?  9   A   A C2    1 
ATOM   195  N  N3    . A   A 1 9  ? 9.104   -25.637 -5.657  1.00 30.87 ?  9   A   A N3    1 
ATOM   196  C  C4    . A   A 1 9  ? 9.019   -24.343 -5.271  1.00 34.53 ?  9   A   A C4    1 
ATOM   197  P  P     . G   A 1 10 ? 3.582   -21.644 -1.740  1.00 30.13 ?  10  G   A P     1 
ATOM   198  O  OP1   . G   A 1 10 ? 2.681   -20.688 -2.409  1.00 34.37 ?  10  G   A OP1   1 
ATOM   199  O  OP2   . G   A 1 10 ? 4.861   -21.174 -1.150  1.00 32.68 -1 10  G   A OP2   1 
ATOM   200  O  "O5'" . G   A 1 10 ? 2.723   -22.359 -0.594  1.00 30.04 ?  10  G   A "O5'" 1 
ATOM   201  C  "C5'" . G   A 1 10 ? 3.289   -23.402 0.181   1.00 32.28 ?  10  G   A "C5'" 1 
ATOM   202  C  "C4'" . G   A 1 10 ? 3.064   -23.197 1.655   1.00 27.46 ?  10  G   A "C4'" 1 
ATOM   203  O  "O4'" . G   A 1 10 ? 3.766   -22.007 2.088   1.00 29.84 ?  10  G   A "O4'" 1 
ATOM   204  C  "C3'" . G   A 1 10 ? 1.627   -22.957 2.063   1.00 28.03 ?  10  G   A "C3'" 1 
ATOM   205  O  "O3'" . G   A 1 10 ? 0.896   -24.157 2.227   1.00 30.65 ?  10  G   A "O3'" 1 
ATOM   206  C  "C2'" . G   A 1 10 ? 1.773   -22.169 3.350   1.00 29.31 ?  10  G   A "C2'" 1 
ATOM   207  O  "O2'" . G   A 1 10 ? 2.123   -23.053 4.389   1.00 33.61 ?  10  G   A "O2'" 1 
ATOM   208  C  "C1'" . G   A 1 10 ? 2.991   -21.305 3.038   1.00 30.91 ?  10  G   A "C1'" 1 
ATOM   209  N  N9    . G   A 1 10 ? 2.617   -19.983 2.474   1.00 29.55 ?  10  G   A N9    1 
ATOM   210  C  C8    . G   A 1 10 ? 2.987   -19.518 1.233   1.00 27.13 ?  10  G   A C8    1 
ATOM   211  N  N7    . G   A 1 10 ? 2.525   -18.335 0.941   1.00 27.52 ?  10  G   A N7    1 
ATOM   212  C  C5    . G   A 1 10 ? 1.805   -17.982 2.059   1.00 26.13 ?  10  G   A C5    1 
ATOM   213  C  C6    . G   A 1 10 ? 1.106   -16.787 2.310   1.00 26.87 ?  10  G   A C6    1 
ATOM   214  O  O6    . G   A 1 10 ? 0.965   -15.806 1.569   1.00 31.90 ?  10  G   A O6    1 
ATOM   215  N  N1    . G   A 1 10 ? 0.503   -16.809 3.547   1.00 25.38 ?  10  G   A N1    1 
ATOM   216  C  C2    . G   A 1 10 ? 0.585   -17.834 4.437   1.00 23.79 ?  10  G   A C2    1 
ATOM   217  N  N2    . G   A 1 10 ? -0.068  -17.610 5.579   1.00 28.60 ?  10  G   A N2    1 
ATOM   218  N  N3    . G   A 1 10 ? 1.246   -18.955 4.235   1.00 23.01 ?  10  G   A N3    1 
ATOM   219  C  C4    . G   A 1 10 ? 1.842   -18.971 3.023   1.00 27.99 ?  10  G   A C4    1 
ATOM   220  P  P     . U   A 1 11 ? -0.609  -24.248 1.687   1.00 34.09 ?  11  U   A P     1 
ATOM   221  O  OP1   . U   A 1 11 ? -1.199  -25.545 2.071   1.00 28.40 ?  11  U   A OP1   1 
ATOM   222  O  OP2   . U   A 1 11 ? -0.651  -23.896 0.250   1.00 32.46 -1 11  U   A OP2   1 
ATOM   223  O  "O5'" . U   A 1 11 ? -1.350  -23.057 2.457   1.00 32.49 ?  11  U   A "O5'" 1 
ATOM   224  C  "C5'" . U   A 1 11 ? -1.567  -23.112 3.863   1.00 27.72 ?  11  U   A "C5'" 1 
ATOM   225  C  "C4'" . U   A 1 11 ? -2.483  -22.012 4.314   1.00 26.25 ?  11  U   A "C4'" 1 
ATOM   226  O  "O4'" . U   A 1 11 ? -1.774  -20.743 4.239   1.00 26.62 ?  11  U   A "O4'" 1 
ATOM   227  C  "C3'" . U   A 1 11 ? -3.713  -21.821 3.442   1.00 28.44 ?  11  U   A "C3'" 1 
ATOM   228  O  "O3'" . U   A 1 11 ? -4.775  -22.679 3.825   1.00 26.29 ?  11  U   A "O3'" 1 
ATOM   229  C  "C2'" . U   A 1 11 ? -4.018  -20.331 3.588   1.00 29.98 ?  11  U   A "C2'" 1 
ATOM   230  O  "O2'" . U   A 1 11 ? -4.742  -20.059 4.781   1.00 26.92 ?  11  U   A "O2'" 1 
ATOM   231  C  "C1'" . U   A 1 11 ? -2.619  -19.743 3.748   1.00 26.65 ?  11  U   A "C1'" 1 
ATOM   232  N  N1    . U   A 1 11 ? -2.037  -19.248 2.486   1.00 29.38 ?  11  U   A N1    1 
ATOM   233  C  C2    . U   A 1 11 ? -2.296  -17.929 2.208   1.00 25.79 ?  11  U   A C2    1 
ATOM   234  O  O2    . U   A 1 11 ? -2.991  -17.260 2.934   1.00 25.27 ?  11  U   A O2    1 
ATOM   235  N  N3    . U   A 1 11 ? -1.724  -17.441 1.070   1.00 25.17 ?  11  U   A N3    1 
ATOM   236  C  C4    . U   A 1 11 ? -0.953  -18.144 0.197   1.00 24.90 ?  11  U   A C4    1 
ATOM   237  O  O4    . U   A 1 11 ? -0.519  -17.546 -0.771  1.00 28.05 ?  11  U   A O4    1 
ATOM   238  C  C5    . U   A 1 11 ? -0.730  -19.526 0.545   1.00 28.91 ?  11  U   A C5    1 
ATOM   239  C  C6    . U   A 1 11 ? -1.253  -20.016 1.669   1.00 26.32 ?  11  U   A C6    1 
ATOM   240  P  P     . C   A 1 12 ? -5.774  -23.299 2.732   1.00 27.62 ?  12  C   A P     1 
ATOM   241  O  OP1   . C   A 1 12 ? -6.478  -24.475 3.297   1.00 29.44 ?  12  C   A OP1   1 
ATOM   242  O  OP2   . C   A 1 12 ? -5.020  -23.382 1.453   1.00 32.68 -1 12  C   A OP2   1 
ATOM   243  O  "O5'" . C   A 1 12 ? -6.915  -22.194 2.564   1.00 27.76 ?  12  C   A "O5'" 1 
ATOM   244  C  "C5'" . C   A 1 12 ? -7.533  -21.595 3.704   1.00 24.11 ?  12  C   A "C5'" 1 
ATOM   245  C  "C4'" . C   A 1 12 ? -8.227  -20.296 3.358   1.00 25.57 ?  12  C   A "C4'" 1 
ATOM   246  O  "O4'" . C   A 1 12 ? -7.228  -19.330 2.896   1.00 24.90 ?  12  C   A "O4'" 1 
ATOM   247  C  "C3'" . C   A 1 12 ? -9.254  -20.412 2.233   1.00 24.11 ?  12  C   A "C3'" 1 
ATOM   248  O  "O3'" . C   A 1 12 ? -10.264 -19.413 2.400   1.00 31.23 ?  12  C   A "O3'" 1 
ATOM   249  C  "C2'" . C   A 1 12 ? -8.416  -20.046 1.026   1.00 22.12 ?  12  C   A "C2'" 1 
ATOM   250  O  "O2'" . C   A 1 12 ? -9.143  -19.676 -0.118  1.00 22.39 ?  12  C   A "O2'" 1 
ATOM   251  C  "C1'" . C   A 1 12 ? -7.570  -18.914 1.594   1.00 26.63 ?  12  C   A "C1'" 1 
ATOM   252  N  N1    . C   A 1 12 ? -6.374  -18.610 0.788   1.00 28.12 ?  12  C   A N1    1 
ATOM   253  C  C2    . C   A 1 12 ? -6.023  -17.264 0.609   1.00 27.28 ?  12  C   A C2    1 
ATOM   254  O  O2    . C   A 1 12 ? -6.674  -16.410 1.202   1.00 28.88 ?  12  C   A O2    1 
ATOM   255  N  N3    . C   A 1 12 ? -4.966  -16.916 -0.170  1.00 26.61 ?  12  C   A N3    1 
ATOM   256  C  C4    . C   A 1 12 ? -4.285  -17.892 -0.772  1.00 29.06 ?  12  C   A C4    1 
ATOM   257  N  N4    . C   A 1 12 ? -3.265  -17.507 -1.527  1.00 32.73 ?  12  C   A N4    1 
ATOM   258  C  C5    . C   A 1 12 ? -4.608  -19.284 -0.626  1.00 26.25 ?  12  C   A C5    1 
ATOM   259  C  C6    . C   A 1 12 ? -5.664  -19.593 0.143   1.00 26.34 ?  12  C   A C6    1 
ATOM   260  P  P     . G   A 1 13 ? -11.826 -19.795 2.528   1.00 24.12 ?  13  G   A P     1 
ATOM   261  O  OP1   . G   A 1 13 ? -12.161 -19.934 3.962   1.00 28.46 ?  13  G   A OP1   1 
ATOM   262  O  OP2   . G   A 1 13 ? -12.204 -20.803 1.505   1.00 25.33 -1 13  G   A OP2   1 
ATOM   263  O  "O5'" . G   A 1 13 ? -12.552 -18.486 2.021   1.00 30.49 ?  13  G   A "O5'" 1 
ATOM   264  C  "C5'" . G   A 1 13 ? -12.304 -18.011 0.707   1.00 30.99 ?  13  G   A "C5'" 1 
ATOM   265  C  "C4'" . G   A 1 13 ? -12.312 -16.508 0.665   1.00 28.82 ?  13  G   A "C4'" 1 
ATOM   266  O  "O4'" . G   A 1 13 ? -10.970 -16.009 0.872   1.00 31.33 ?  13  G   A "O4'" 1 
ATOM   267  C  "C3'" . G   A 1 13 ? -12.747 -15.886 -0.651  1.00 31.16 ?  13  G   A "C3'" 1 
ATOM   268  O  "O3'" . G   A 1 13 ? -14.146 -15.761 -0.733  1.00 29.18 ?  13  G   A "O3'" 1 
ATOM   269  C  "C2'" . G   A 1 13 ? -12.065 -14.541 -0.620  1.00 27.13 ?  13  G   A "C2'" 1 
ATOM   270  O  "O2'" . G   A 1 13 ? -12.780 -13.715 0.277   1.00 29.90 ?  13  G   A "O2'" 1 
ATOM   271  C  "C1'" . G   A 1 13 ? -10.744 -14.893 0.045   1.00 25.16 ?  13  G   A "C1'" 1 
ATOM   272  N  N9    . G   A 1 13 ? -9.654  -15.249 -0.877  1.00 25.41 ?  13  G   A N9    1 
ATOM   273  C  C8    . G   A 1 13 ? -9.070  -16.490 -0.935  1.00 27.52 ?  13  G   A C8    1 
ATOM   274  N  N7    . G   A 1 13 ? -8.076  -16.562 -1.772  1.00 25.40 ?  13  G   A N7    1 
ATOM   275  C  C5    . G   A 1 13 ? -7.967  -15.282 -2.282  1.00 25.95 ?  13  G   A C5    1 
ATOM   276  C  C6    . G   A 1 13 ? -7.069  -14.752 -3.246  1.00 26.54 ?  13  G   A C6    1 
ATOM   277  O  O6    . G   A 1 13 ? -6.147  -15.331 -3.833  1.00 26.55 ?  13  G   A O6    1 
ATOM   278  N  N1    . G   A 1 13 ? -7.323  -13.416 -3.505  1.00 23.91 ?  13  G   A N1    1 
ATOM   279  C  C2    . G   A 1 13 ? -8.303  -12.687 -2.901  1.00 27.17 ?  13  G   A C2    1 
ATOM   280  N  N2    . G   A 1 13 ? -8.395  -11.403 -3.255  1.00 31.73 ?  13  G   A N2    1 
ATOM   281  N  N3    . G   A 1 13 ? -9.136  -13.152 -1.995  1.00 28.81 ?  13  G   A N3    1 
ATOM   282  C  C4    . G   A 1 13 ? -8.925  -14.455 -1.731  1.00 29.18 ?  13  G   A C4    1 
ATOM   283  P  P     . C   A 1 14 ? -14.877 -16.006 -2.130  1.00 28.89 ?  14  C   A P     1 
ATOM   284  O  OP1   . C   A 1 14 ? -16.321 -15.922 -1.818  1.00 37.32 ?  14  C   A OP1   1 
ATOM   285  O  OP2   . C   A 1 14 ? -14.355 -17.220 -2.789  1.00 26.91 -1 14  C   A OP2   1 
ATOM   286  O  "O5'" . C   A 1 14 ? -14.517 -14.699 -2.960  1.00 32.13 ?  14  C   A "O5'" 1 
ATOM   287  C  "C5'" . C   A 1 14 ? -14.861 -13.407 -2.479  1.00 28.00 ?  14  C   A "C5'" 1 
ATOM   288  C  "C4'" . C   A 1 14 ? -14.307 -12.308 -3.362  1.00 31.73 ?  14  C   A "C4'" 1 
ATOM   289  O  "O4'" . C   A 1 14 ? -12.868 -12.189 -3.181  1.00 28.91 ?  14  C   A "O4'" 1 
ATOM   290  C  "C3'" . C   A 1 14 ? -14.478 -12.490 -4.865  1.00 29.09 ?  14  C   A "C3'" 1 
ATOM   291  O  "O3'" . C   A 1 14 ? -15.764 -12.103 -5.309  1.00 35.26 ?  14  C   A "O3'" 1 
ATOM   292  C  "C2'" . C   A 1 14 ? -13.367 -11.622 -5.420  1.00 27.15 ?  14  C   A "C2'" 1 
ATOM   293  O  "O2'" . C   A 1 14 ? -13.727 -10.267 -5.261  1.00 31.32 ?  14  C   A "O2'" 1 
ATOM   294  C  "C1'" . C   A 1 14 ? -12.253 -11.895 -4.412  1.00 29.34 ?  14  C   A "C1'" 1 
ATOM   295  N  N1    . C   A 1 14 ? -11.394 -13.049 -4.778  1.00 30.50 ?  14  C   A N1    1 
ATOM   296  C  C2    . C   A 1 14 ? -10.349 -12.844 -5.673  1.00 29.85 ?  14  C   A C2    1 
ATOM   297  O  O2    . C   A 1 14 ? -10.200 -11.718 -6.155  1.00 33.34 ?  14  C   A O2    1 
ATOM   298  N  N3    . C   A 1 14 ? -9.541  -13.873 -6.001  1.00 31.17 ?  14  C   A N3    1 
ATOM   299  C  C4    . C   A 1 14 ? -9.738  -15.079 -5.464  1.00 30.09 ?  14  C   A C4    1 
ATOM   300  N  N4    . C   A 1 14 ? -8.901  -16.055 -5.820  1.00 31.38 ?  14  C   A N4    1 
ATOM   301  C  C5    . C   A 1 14 ? -10.787 -15.331 -4.538  1.00 27.30 ?  14  C   A C5    1 
ATOM   302  C  C6    . C   A 1 14 ? -11.575 -14.289 -4.224  1.00 29.10 ?  14  C   A C6    1 
ATOM   303  P  P     . U   A 1 15 ? -16.519 -12.904 -6.486  1.00 32.49 ?  15  U   A P     1 
ATOM   304  O  OP1   . U   A 1 15 ? -17.873 -12.314 -6.566  1.00 36.50 ?  15  U   A OP1   1 
ATOM   305  O  OP2   . U   A 1 15 ? -16.401 -14.353 -6.312  1.00 29.75 -1 15  U   A OP2   1 
ATOM   306  O  "O5'" . U   A 1 15 ? -15.727 -12.496 -7.814  1.00 33.27 ?  15  U   A "O5'" 1 
ATOM   307  C  "C5'" . U   A 1 15 ? -15.630 -11.138 -8.227  1.00 33.26 ?  15  U   A "C5'" 1 
ATOM   308  C  "C4'" . U   A 1 15 ? -14.595 -10.944 -9.315  1.00 32.55 ?  15  U   A "C4'" 1 
ATOM   309  O  "O4'" . U   A 1 15 ? -13.257 -11.120 -8.775  1.00 36.14 ?  15  U   A "O4'" 1 
ATOM   310  C  "C3'" . U   A 1 15 ? -14.640 -11.923 -10.473 1.00 30.02 ?  15  U   A "C3'" 1 
ATOM   311  O  "O3'" . U   A 1 15 ? -15.652 -11.652 -11.417 1.00 29.91 ?  15  U   A "O3'" 1 
ATOM   312  C  "C2'" . U   A 1 15 ? -13.231 -11.828 -11.037 1.00 32.27 ?  15  U   A "C2'" 1 
ATOM   313  O  "O2'" . U   A 1 15 ? -13.061 -10.648 -11.800 1.00 34.19 ?  15  U   A "O2'" 1 
ATOM   314  C  "C1'" . U   A 1 15 ? -12.413 -11.689 -9.756  1.00 31.18 ?  15  U   A "C1'" 1 
ATOM   315  N  N1    . U   A 1 15 ? -11.926 -13.005 -9.284  1.00 30.27 ?  15  U   A N1    1 
ATOM   316  C  C2    . U   A 1 15 ? -10.812 -13.486 -9.938  1.00 32.59 ?  15  U   A C2    1 
ATOM   317  O  O2    . U   A 1 15 ? -10.248 -12.863 -10.828 1.00 31.88 ?  15  U   A O2    1 
ATOM   318  N  N3    . U   A 1 15 ? -10.366 -14.710 -9.508  1.00 32.53 ?  15  U   A N3    1 
ATOM   319  C  C4    . U   A 1 15 ? -10.928 -15.496 -8.523  1.00 31.30 ?  15  U   A C4    1 
ATOM   320  O  O4    . U   A 1 15 ? -10.396 -16.573 -8.276  1.00 32.04 ?  15  U   A O4    1 
ATOM   321  C  C5    . U   A 1 15 ? -12.089 -14.934 -7.893  1.00 31.67 ?  15  U   A C5    1 
ATOM   322  C  C6    . U   A 1 15 ? -12.540 -13.727 -8.281  1.00 32.81 ?  15  U   A C6    1 
ATOM   323  P  P     . G   A 1 16 ? -16.352 -12.870 -12.188 1.00 32.25 ?  16  G   A P     1 
ATOM   324  O  OP1   . G   A 1 16 ? -17.541 -12.278 -12.862 1.00 33.61 ?  16  G   A OP1   1 
ATOM   325  O  OP2   . G   A 1 16 ? -16.505 -14.038 -11.297 1.00 32.90 -1 16  G   A OP2   1 
ATOM   326  O  "O5'" . G   A 1 16 ? -15.279 -13.328 -13.268 1.00 28.37 ?  16  G   A "O5'" 1 
ATOM   327  C  "C5'" . G   A 1 16 ? -14.928 -12.447 -14.315 1.00 32.23 ?  16  G   A "C5'" 1 
ATOM   328  C  "C4'" . G   A 1 16 ? -13.625 -12.836 -14.933 1.00 32.66 ?  16  G   A "C4'" 1 
ATOM   329  O  "O4'" . G   A 1 16 ? -12.631 -12.981 -13.896 1.00 35.73 ?  16  G   A "O4'" 1 
ATOM   330  C  "C3'" . G   A 1 16 ? -13.611 -14.174 -15.638 1.00 32.40 ?  16  G   A "C3'" 1 
ATOM   331  O  "O3'" . G   A 1 16 ? -14.158 -14.095 -16.940 1.00 35.23 ?  16  G   A "O3'" 1 
ATOM   332  C  "C2'" . G   A 1 16 ? -12.135 -14.541 -15.613 1.00 31.26 ?  16  G   A "C2'" 1 
ATOM   333  O  "O2'" . G   A 1 16 ? -11.418 -13.817 -16.598 1.00 37.36 ?  16  G   A "O2'" 1 
ATOM   334  C  "C1'" . G   A 1 16 ? -11.721 -14.001 -14.249 1.00 33.47 ?  16  G   A "C1'" 1 
ATOM   335  N  N9    . G   A 1 16 ? -11.741 -15.059 -13.228 1.00 35.13 ?  16  G   A N9    1 
ATOM   336  C  C8    . G   A 1 16 ? -12.654 -15.341 -12.234 1.00 32.80 ?  16  G   A C8    1 
ATOM   337  N  N7    . G   A 1 16 ? -12.335 -16.387 -11.540 1.00 27.34 ?  16  G   A N7    1 
ATOM   338  C  C5    . G   A 1 16 ? -11.152 -16.848 -12.113 1.00 34.99 ?  16  G   A C5    1 
ATOM   339  C  C6    . G   A 1 16 ? -10.314 -17.960 -11.807 1.00 31.51 ?  16  G   A C6    1 
ATOM   340  O  O6    . G   A 1 16 ? -10.448 -18.822 -10.931 1.00 29.92 ?  16  G   A O6    1 
ATOM   341  N  N1    . G   A 1 16 ? -9.225  -18.014 -12.664 1.00 30.65 ?  16  G   A N1    1 
ATOM   342  C  C2    . G   A 1 16 ? -8.979  -17.144 -13.687 1.00 32.85 ?  16  G   A C2    1 
ATOM   343  N  N2    . G   A 1 16 ? -7.887  -17.353 -14.414 1.00 35.77 ?  16  G   A N2    1 
ATOM   344  N  N3    . G   A 1 16 ? -9.736  -16.117 -13.996 1.00 34.78 ?  16  G   A N3    1 
ATOM   345  C  C4    . G   A 1 16 ? -10.790 -16.035 -13.167 1.00 36.60 ?  16  G   A C4    1 
ATOM   346  P  P     . G   A 1 17 ? -14.791 -15.386 -17.640 1.00 36.46 ?  17  G   A P     1 
ATOM   347  O  OP1   . G   A 1 17 ? -15.220 -14.997 -19.019 1.00 38.90 ?  17  G   A OP1   1 
ATOM   348  O  OP2   . G   A 1 17 ? -15.777 -15.966 -16.693 1.00 36.33 -1 17  G   A OP2   1 
ATOM   349  O  "O5'" . G   A 1 17 ? -13.557 -16.379 -17.825 1.00 35.45 ?  17  G   A "O5'" 1 
ATOM   350  C  "C5'" . G   A 1 17 ? -12.593 -16.110 -18.827 1.00 40.53 ?  17  G   A "C5'" 1 
ATOM   351  C  "C4'" . G   A 1 17 ? -11.471 -17.120 -18.853 1.00 42.37 ?  17  G   A "C4'" 1 
ATOM   352  O  "O4'" . G   A 1 17 ? -10.824 -17.213 -17.563 1.00 38.29 ?  17  G   A "O4'" 1 
ATOM   353  C  "C3'" . G   A 1 17 ? -11.843 -18.558 -19.172 1.00 46.35 ?  17  G   A "C3'" 1 
ATOM   354  O  "O3'" . G   A 1 17 ? -12.056 -18.766 -20.559 1.00 55.11 ?  17  G   A "O3'" 1 
ATOM   355  C  "C2'" . G   A 1 17 ? -10.640 -19.321 -18.650 1.00 38.57 ?  17  G   A "C2'" 1 
ATOM   356  O  "O2'" . G   A 1 17 ? -9.573  -19.195 -19.579 1.00 41.81 ?  17  G   A "O2'" 1 
ATOM   357  C  "C1'" . G   A 1 17 ? -10.273 -18.504 -17.409 1.00 39.77 ?  17  G   A "C1'" 1 
ATOM   358  N  N9    . G   A 1 17 ? -10.770 -19.078 -16.149 1.00 37.59 ?  17  G   A N9    1 
ATOM   359  C  C8    . G   A 1 17 ? -11.859 -18.618 -15.461 1.00 34.44 ?  17  G   A C8    1 
ATOM   360  N  N7    . G   A 1 17 ? -12.059 -19.278 -14.362 1.00 35.30 ?  17  G   A N7    1 
ATOM   361  C  C5    . G   A 1 17 ? -11.035 -20.209 -14.299 1.00 34.29 ?  17  G   A C5    1 
ATOM   362  C  C6    . G   A 1 17 ? -10.758 -21.196 -13.316 1.00 36.46 ?  17  G   A C6    1 
ATOM   363  O  O6    . G   A 1 17 ? -11.371 -21.451 -12.264 1.00 36.78 ?  17  G   A O6    1 
ATOM   364  N  N1    . G   A 1 17 ? -9.631  -21.942 -13.659 1.00 36.97 ?  17  G   A N1    1 
ATOM   365  C  C2    . G   A 1 17 ? -8.863  -21.761 -14.783 1.00 35.72 ?  17  G   A C2    1 
ATOM   366  N  N2    . G   A 1 17 ? -7.803  -22.586 -14.914 1.00 36.41 ?  17  G   A N2    1 
ATOM   367  N  N3    . G   A 1 17 ? -9.123  -20.843 -15.704 1.00 36.29 ?  17  G   A N3    1 
ATOM   368  C  C4    . G   A 1 17 ? -10.219 -20.103 -15.400 1.00 35.16 ?  17  G   A C4    1 
ATOM   369  O  "O5'" . C   B 2 1  ? -2.675  -23.308 -10.926 1.00 49.58 ?  20  C   B "O5'" 1 
ATOM   370  C  "C5'" . C   B 2 1  ? -1.990  -23.673 -12.112 1.00 36.05 ?  20  C   B "C5'" 1 
ATOM   371  C  "C4'" . C   B 2 1  ? -2.336  -22.725 -13.215 1.00 43.62 ?  20  C   B "C4'" 1 
ATOM   372  O  "O4'" . C   B 2 1  ? -3.738  -22.881 -13.545 1.00 42.91 ?  20  C   B "O4'" 1 
ATOM   373  C  "C3'" . C   B 2 1  ? -2.191  -21.256 -12.864 1.00 36.53 ?  20  C   B "C3'" 1 
ATOM   374  O  "O3'" . C   B 2 1  ? -0.874  -20.800 -13.070 1.00 43.10 ?  20  C   B "O3'" 1 
ATOM   375  C  "C2'" . C   B 2 1  ? -3.190  -20.593 -13.792 1.00 37.08 ?  20  C   B "C2'" 1 
ATOM   376  O  "O2'" . C   B 2 1  ? -2.639  -20.534 -15.092 1.00 37.33 ?  20  C   B "O2'" 1 
ATOM   377  C  "C1'" . C   B 2 1  ? -4.315  -21.624 -13.809 1.00 42.02 ?  20  C   B "C1'" 1 
ATOM   378  N  N1    . C   B 2 1  ? -5.353  -21.381 -12.773 1.00 40.46 ?  20  C   B N1    1 
ATOM   379  C  C2    . C   B 2 1  ? -6.361  -20.450 -13.001 1.00 36.01 ?  20  C   B C2    1 
ATOM   380  O  O2    . C   B 2 1  ? -6.351  -19.812 -14.065 1.00 36.41 ?  20  C   B O2    1 
ATOM   381  N  N3    . C   B 2 1  ? -7.297  -20.267 -12.042 1.00 36.09 ?  20  C   B N3    1 
ATOM   382  C  C4    . C   B 2 1  ? -7.283  -20.979 -10.896 1.00 34.03 ?  20  C   B C4    1 
ATOM   383  N  N4    . C   B 2 1  ? -8.233  -20.773 -9.975  1.00 29.99 ?  20  C   B N4    1 
ATOM   384  C  C5    . C   B 2 1  ? -6.271  -21.935 -10.648 1.00 35.18 ?  20  C   B C5    1 
ATOM   385  C  C6    . C   B 2 1  ? -5.351  -22.104 -11.608 1.00 38.60 ?  20  C   B C6    1 
ATOM   386  P  P     . A   B 2 2  ? -0.310  -19.576 -12.207 1.00 44.31 ?  21  A   B P     1 
ATOM   387  O  OP1   . A   B 2 2  ? 1.145   -19.450 -12.438 1.00 42.50 ?  21  A   B OP1   1 
ATOM   388  O  OP2   . A   B 2 2  ? -0.804  -19.690 -10.821 1.00 33.51 -1 21  A   B OP2   1 
ATOM   389  O  "O5'" . A   B 2 2  ? -1.082  -18.337 -12.805 1.00 34.88 ?  21  A   B "O5'" 1 
ATOM   390  C  "C5'" . A   B 2 2  ? -0.849  -17.860 -14.111 1.00 35.65 ?  21  A   B "C5'" 1 
ATOM   391  C  "C4'" . A   B 2 2  ? -1.691  -16.636 -14.346 1.00 35.62 ?  21  A   B "C4'" 1 
ATOM   392  O  "O4'" . A   B 2 2  ? -3.085  -17.035 -14.390 1.00 38.49 ?  21  A   B "O4'" 1 
ATOM   393  C  "C3'" . A   B 2 2  ? -1.659  -15.581 -13.252 1.00 33.96 ?  21  A   B "C3'" 1 
ATOM   394  O  "O3'" . A   B 2 2  ? -0.549  -14.713 -13.345 1.00 41.23 ?  21  A   B "O3'" 1 
ATOM   395  C  "C2'" . A   B 2 2  ? -2.978  -14.862 -13.457 1.00 36.92 ?  21  A   B "C2'" 1 
ATOM   396  O  "O2'" . A   B 2 2  ? -2.890  -14.026 -14.595 1.00 32.70 ?  21  A   B "O2'" 1 
ATOM   397  C  "C1'" . A   B 2 2  ? -3.892  -16.029 -13.823 1.00 38.24 ?  21  A   B "C1'" 1 
ATOM   398  N  N9    . A   B 2 2  ? -4.632  -16.585 -12.667 1.00 29.83 ?  21  A   B N9    1 
ATOM   399  C  C8    . A   B 2 2  ? -4.359  -17.680 -11.915 1.00 33.18 ?  21  A   B C8    1 
ATOM   400  N  N7    . A   B 2 2  ? -5.247  -17.912 -10.975 1.00 34.03 ?  21  A   B N7    1 
ATOM   401  C  C5    . A   B 2 2  ? -6.180  -16.902 -11.104 1.00 32.77 ?  21  A   B C5    1 
ATOM   402  C  C6    . A   B 2 2  ? -7.372  -16.571 -10.419 1.00 31.34 ?  21  A   B C6    1 
ATOM   403  N  N6    . A   B 2 2  ? -7.909  -17.215 -9.382  1.00 29.91 ?  21  A   B N6    1 
ATOM   404  N  N1    . A   B 2 2  ? -8.044  -15.488 -10.826 1.00 32.72 ?  21  A   B N1    1 
ATOM   405  C  C2    . A   B 2 2  ? -7.551  -14.785 -11.849 1.00 34.38 ?  21  A   B C2    1 
ATOM   406  N  N3    . A   B 2 2  ? -6.461  -15.003 -12.577 1.00 34.73 ?  21  A   B N3    1 
ATOM   407  C  C4    . A   B 2 2  ? -5.804  -16.085 -12.151 1.00 32.79 ?  21  A   B C4    1 
ATOM   408  P  P     . G   B 2 3  ? -0.086  -13.862 -12.064 1.00 38.00 ?  22  G   B P     1 
ATOM   409  O  OP1   . G   B 2 3  ? 1.065   -13.032 -12.497 1.00 38.51 ?  22  G   B OP1   1 
ATOM   410  O  OP2   . G   B 2 3  ? -0.002  -14.799 -10.915 1.00 37.82 -1 22  G   B OP2   1 
ATOM   411  O  "O5'" . G   B 2 3  ? -1.234  -12.783 -11.845 1.00 40.26 ?  22  G   B "O5'" 1 
ATOM   412  C  "C5'" . G   B 2 3  ? -1.229  -11.600 -12.628 1.00 33.72 ?  22  G   B "C5'" 1 
ATOM   413  C  "C4'" . G   B 2 3  ? -2.456  -10.769 -12.396 1.00 35.85 ?  22  G   B "C4'" 1 
ATOM   414  O  "O4'" . G   B 2 3  ? -3.636  -11.605 -12.520 1.00 36.63 ?  22  G   B "O4'" 1 
ATOM   415  C  "C3'" . G   B 2 3  ? -2.594  -10.153 -11.022 1.00 32.35 ?  22  G   B "C3'" 1 
ATOM   416  O  "O3'" . G   B 2 3  ? -1.799  -8.992  -10.827 1.00 30.38 ?  22  G   B "O3'" 1 
ATOM   417  C  "C2'" . G   B 2 3  ? -4.092  -9.907  -10.934 1.00 33.19 ?  22  G   B "C2'" 1 
ATOM   418  O  "O2'" . G   B 2 3  ? -4.459  -8.764  -11.693 1.00 35.96 ?  22  G   B "O2'" 1 
ATOM   419  C  "C1'" . G   B 2 3  ? -4.634  -11.156 -11.628 1.00 33.49 ?  22  G   B "C1'" 1 
ATOM   420  N  N9    . G   B 2 3  ? -4.891  -12.250 -10.665 1.00 37.10 ?  22  G   B N9    1 
ATOM   421  C  C8    . G   B 2 3  ? -4.081  -13.343 -10.481 1.00 34.74 ?  22  G   B C8    1 
ATOM   422  N  N7    . G   B 2 3  ? -4.511  -14.179 -9.572  1.00 32.98 ?  22  G   B N7    1 
ATOM   423  C  C5    . G   B 2 3  ? -5.679  -13.610 -9.119  1.00 31.29 ?  22  G   B C5    1 
ATOM   424  C  C6    . G   B 2 3  ? -6.569  -14.076 -8.123  1.00 32.79 ?  22  G   B C6    1 
ATOM   425  O  O6    . G   B 2 3  ? -6.467  -15.112 -7.446  1.00 34.55 ?  22  G   B O6    1 
ATOM   426  N  N1    . G   B 2 3  ? -7.640  -13.197 -7.962  1.00 32.22 ?  22  G   B N1    1 
ATOM   427  C  C2    . G   B 2 3  ? -7.797  -12.026 -8.687  1.00 32.47 ?  22  G   B C2    1 
ATOM   428  N  N2    . G   B 2 3  ? -8.869  -11.270 -8.419  1.00 34.49 ?  22  G   B N2    1 
ATOM   429  N  N3    . G   B 2 3  ? -6.963  -11.588 -9.601  1.00 31.80 ?  22  G   B N3    1 
ATOM   430  C  C4    . G   B 2 3  ? -5.932  -12.422 -9.774  1.00 32.72 ?  22  G   B C4    1 
ATOM   431  P  P     . C   B 2 4  ? -1.006  -8.800  -9.439  1.00 38.84 ?  23  C   B P     1 
ATOM   432  O  OP1   . C   B 2 4  ? -0.014  -7.707  -9.541  1.00 43.30 ?  23  C   B OP1   1 
ATOM   433  O  OP2   . C   B 2 4  ? -0.598  -10.133 -8.969  1.00 34.96 -1 23  C   B OP2   1 
ATOM   434  O  "O5'" . C   B 2 4  ? -2.111  -8.341  -8.401  1.00 33.29 ?  23  C   B "O5'" 1 
ATOM   435  C  "C5'" . C   B 2 4  ? -2.923  -7.218  -8.646  1.00 31.49 ?  23  C   B "C5'" 1 
ATOM   436  C  "C4'" . C   B 2 4  ? -4.128  -7.212  -7.743  1.00 30.56 ?  23  C   B "C4'" 1 
ATOM   437  O  "O4'" . C   B 2 4  ? -5.004  -8.315  -8.085  1.00 35.36 ?  23  C   B "O4'" 1 
ATOM   438  C  "C3'" . C   B 2 4  ? -3.869  -7.429  -6.267  1.00 30.28 ?  23  C   B "C3'" 1 
ATOM   439  O  "O3'" . C   B 2 4  ? -3.377  -6.295  -5.597  1.00 29.68 ?  23  C   B "O3'" 1 
ATOM   440  C  "C2'" . C   B 2 4  ? -5.232  -7.870  -5.779  1.00 29.42 ?  23  C   B "C2'" 1 
ATOM   441  O  "O2'" . C   B 2 4  ? -6.126  -6.770  -5.712  1.00 36.32 ?  23  C   B "O2'" 1 
ATOM   442  C  "C1'" . C   B 2 4  ? -5.661  -8.775  -6.922  1.00 28.11 ?  23  C   B "C1'" 1 
ATOM   443  N  N1    . C   B 2 4  ? -5.248  -10.167 -6.637  1.00 29.81 ?  23  C   B N1    1 
ATOM   444  C  C2    . C   B 2 4  ? -6.068  -10.895 -5.765  1.00 28.95 ?  23  C   B C2    1 
ATOM   445  O  O2    . C   B 2 4  ? -7.089  -10.351 -5.334  1.00 27.23 ?  23  C   B O2    1 
ATOM   446  N  N3    . C   B 2 4  ? -5.748  -12.151 -5.411  1.00 23.29 ?  23  C   B N3    1 
ATOM   447  C  C4    . C   B 2 4  ? -4.639  -12.692 -5.900  1.00 29.19 ?  23  C   B C4    1 
ATOM   448  N  N4    . C   B 2 4  ? -4.344  -13.949 -5.533  1.00 27.47 ?  23  C   B N4    1 
ATOM   449  C  C5    . C   B 2 4  ? -3.765  -11.971 -6.779  1.00 32.17 ?  23  C   B C5    1 
ATOM   450  C  C6    . C   B 2 4  ? -4.099  -10.716 -7.118  1.00 29.85 ?  23  C   B C6    1 
ATOM   451  P  P     . G   B 2 5  ? -2.280  -6.476  -4.455  1.00 36.19 ?  24  G   B P     1 
ATOM   452  O  OP1   . G   B 2 5  ? -1.806  -5.104  -4.173  1.00 29.75 ?  24  G   B OP1   1 
ATOM   453  O  OP2   . G   B 2 5  ? -1.343  -7.570  -4.850  1.00 40.15 -1 24  G   B OP2   1 
ATOM   454  O  "O5'" . G   B 2 5  ? -3.112  -6.974  -3.184  1.00 29.81 ?  24  G   B "O5'" 1 
ATOM   455  C  "C5'" . G   B 2 5  ? -4.140  -6.143  -2.655  1.00 30.11 ?  24  G   B "C5'" 1 
ATOM   456  C  "C4'" . G   B 2 5  ? -5.181  -6.895  -1.861  1.00 24.05 ?  24  G   B "C4'" 1 
ATOM   457  O  "O4'" . G   B 2 5  ? -5.726  -7.989  -2.645  1.00 31.59 ?  24  G   B "O4'" 1 
ATOM   458  C  "C3'" . G   B 2 5  ? -4.703  -7.560  -0.576  1.00 27.59 ?  24  G   B "C3'" 1 
ATOM   459  O  "O3'" . G   B 2 5  ? -4.624  -6.652  0.511   1.00 25.66 ?  24  G   B "O3'" 1 
ATOM   460  C  "C2'" . G   B 2 5  ? -5.744  -8.654  -0.367  1.00 27.38 ?  24  G   B "C2'" 1 
ATOM   461  O  "O2'" . G   B 2 5  ? -6.929  -8.120  0.187   1.00 29.92 ?  24  G   B "O2'" 1 
ATOM   462  C  "C1'" . G   B 2 5  ? -6.032  -9.084  -1.802  1.00 26.25 ?  24  G   B "C1'" 1 
ATOM   463  N  N9    . G   B 2 5  ? -5.171  -10.205 -2.169  1.00 25.48 ?  24  G   B N9    1 
ATOM   464  C  C8    . G   B 2 5  ? -4.134  -10.227 -3.055  1.00 27.87 ?  24  G   B C8    1 
ATOM   465  N  N7    . G   B 2 5  ? -3.563  -11.399 -3.126  1.00 27.02 ?  24  G   B N7    1 
ATOM   466  C  C5    . G   B 2 5  ? -4.252  -12.184 -2.221  1.00 23.77 ?  24  G   B C5    1 
ATOM   467  C  C6    . G   B 2 5  ? -4.078  -13.544 -1.829  1.00 26.29 ?  24  G   B C6    1 
ATOM   468  O  O6    . G   B 2 5  ? -3.255  -14.378 -2.244  1.00 20.34 ?  24  G   B O6    1 
ATOM   469  N  N1    . G   B 2 5  ? -5.015  -13.893 -0.853  1.00 25.59 ?  24  G   B N1    1 
ATOM   470  C  C2    . G   B 2 5  ? -5.980  -13.059 -0.324  1.00 23.67 ?  24  G   B C2    1 
ATOM   471  N  N2    . G   B 2 5  ? -6.818  -13.524 0.614   1.00 26.71 ?  24  G   B N2    1 
ATOM   472  N  N3    . G   B 2 5  ? -6.131  -11.814 -0.686  1.00 28.81 ?  24  G   B N3    1 
ATOM   473  C  C4    . G   B 2 5  ? -5.244  -11.450 -1.629  1.00 26.11 ?  24  G   B C4    1 
HETATM 474  P  P     . 75B B 2 6  ? -3.695  -6.958  1.789   1.00 28.25 ?  25  75B B P     1 
HETATM 475  C  "C5'" . 75B B 2 6  ? -5.604  -8.012  3.234   1.00 24.10 ?  25  75B B "C5'" 1 
HETATM 476  O  "O5'" . 75B B 2 6  ? -4.404  -8.184  2.503   1.00 26.26 ?  25  75B B "O5'" 1 
HETATM 477  C  "C4'" . 75B B 2 6  ? -5.960  -9.266  3.996   1.00 23.42 ?  25  75B B "C4'" 1 
HETATM 478  O  "O4'" . 75B B 2 6  ? -6.101  -10.389 3.082   1.00 28.64 ?  25  75B B "O4'" 1 
HETATM 479  C  "C3'" . 75B B 2 6  ? -4.949  -9.759  5.005   1.00 26.35 ?  25  75B B "C3'" 1 
HETATM 480  O  "O3'" . 75B B 2 6  ? -4.973  -9.019  6.210   1.00 25.98 ?  25  75B B "O3'" 1 
HETATM 481  C  "C2'" . 75B B 2 6  ? -5.358  -11.220 5.180   1.00 24.72 ?  25  75B B "C2'" 1 
HETATM 482  O  "O2'" . 75B B 2 6  ? -6.490  -11.281 6.026   1.00 28.49 ?  25  75B B "O2'" 1 
HETATM 483  C  "C1'" . 75B B 2 6  ? -5.808  -11.591 3.758   1.00 26.73 ?  25  75B B "C1'" 1 
HETATM 484  N  N1    . 75B B 2 6  ? -4.775  -12.333 2.990   1.00 25.80 ?  25  75B B N1    1 
HETATM 485  C  C2    . 75B B 2 6  ? -4.606  -13.638 3.184   1.00 25.26 ?  25  75B B C2    1 
HETATM 486  O  O2    . 75B B 2 6  ? -5.264  -14.218 3.958   1.00 26.34 ?  25  75B B O2    1 
HETATM 487  N  N3    . 75B B 2 6  ? -3.712  -14.344 2.535   1.00 26.44 ?  25  75B B N3    1 
HETATM 488  C  C4    . 75B B 2 6  ? -2.915  -13.787 1.651   1.00 28.35 ?  25  75B B C4    1 
HETATM 489  O  O4    . 75B B 2 6  ? -2.120  -14.461 1.087   1.00 27.67 ?  25  75B B O4    1 
HETATM 490  C  C5    . 75B B 2 6  ? -3.062  -12.418 1.422   1.00 25.39 ?  25  75B B C5    1 
HETATM 491  C  C6    . 75B B 2 6  ? -4.023  -11.695 2.123   1.00 23.59 ?  25  75B B C6    1 
HETATM 492  C  C22   . 75B B 2 6  ? -0.208  -10.847 -1.365  1.00 29.81 ?  25  75B B C22   1 
HETATM 493  C  C33   . 75B B 2 6  ? -1.093  -9.854  -0.841  1.00 25.46 ?  25  75B B C33   1 
HETATM 494  C  C44   . 75B B 2 6  ? -2.104  -10.299 0.142   1.00 25.83 ?  25  75B B C44   1 
HETATM 495  C  C55   . 75B B 2 6  ? -2.139  -11.697 0.428   1.00 27.58 ?  25  75B B C55   1 
HETATM 496  O  OP1   . 75B B 2 6  ? -3.835  -5.861  2.806   1.00 30.47 -1 25  75B B OP1   1 
HETATM 497  O  OP2   . 75B B 2 6  ? -2.337  -7.424  1.318   1.00 25.01 ?  25  75B B OP2   1 
HETATM 498  SE SE1   . 75B B 2 6  ? -0.733  -12.446 -0.554  1.00 33.27 ?  25  75B B SE1   1 
ATOM   499  P  P     . C   B 2 7  ? -3.615  -8.538  6.906   1.00 26.39 ?  26  C   B P     1 
ATOM   500  O  OP1   . C   B 2 7  ? -3.957  -7.389  7.774   1.00 24.17 ?  26  C   B OP1   1 
ATOM   501  O  OP2   . C   B 2 7  ? -2.523  -8.474  5.905   1.00 24.74 -1 26  C   B OP2   1 
ATOM   502  O  "O5'" . C   B 2 7  ? -3.164  -9.737  7.852   1.00 31.01 ?  26  C   B "O5'" 1 
ATOM   503  C  "C5'" . C   B 2 7  ? -4.060  -10.426 8.703   1.00 25.35 ?  26  C   B "C5'" 1 
ATOM   504  C  "C4'" . C   B 2 7  ? -3.616  -11.861 8.889   1.00 29.88 ?  26  C   B "C4'" 1 
ATOM   505  O  "O4'" . C   B 2 7  ? -3.875  -12.633 7.679   1.00 28.06 ?  26  C   B "O4'" 1 
ATOM   506  C  "C3'" . C   B 2 7  ? -2.136  -12.133 9.155   1.00 32.20 ?  26  C   B "C3'" 1 
ATOM   507  O  "O3'" . C   B 2 7  ? -1.681  -11.824 10.470  1.00 32.63 ?  26  C   B "O3'" 1 
ATOM   508  C  "C2'" . C   B 2 7  ? -2.041  -13.612 8.824   1.00 30.82 ?  26  C   B "C2'" 1 
ATOM   509  O  "O2'" . C   B 2 7  ? -2.661  -14.357 9.856   1.00 34.32 ?  26  C   B "O2'" 1 
ATOM   510  C  "C1'" . C   B 2 7  ? -2.941  -13.696 7.589   1.00 30.59 ?  26  C   B "C1'" 1 
ATOM   511  N  N1    . C   B 2 7  ? -2.167  -13.559 6.330   1.00 29.15 ?  26  C   B N1    1 
ATOM   512  C  C2    . C   B 2 7  ? -1.575  -14.681 5.723   1.00 27.60 ?  26  C   B C2    1 
ATOM   513  O  O2    . C   B 2 7  ? -1.696  -15.764 6.270   1.00 26.35 ?  26  C   B O2    1 
ATOM   514  N  N3    . C   B 2 7  ? -0.866  -14.557 4.566   1.00 27.59 ?  26  C   B N3    1 
ATOM   515  C  C4    . C   B 2 7  ? -0.727  -13.337 4.023   1.00 27.09 ?  26  C   B C4    1 
ATOM   516  N  N4    . C   B 2 7  ? -0.025  -13.187 2.902   1.00 22.98 ?  26  C   B N4    1 
ATOM   517  C  C5    . C   B 2 7  ? -1.317  -12.196 4.615   1.00 26.20 ?  26  C   B C5    1 
ATOM   518  C  C6    . C   B 2 7  ? -2.010  -12.338 5.742   1.00 27.95 ?  26  C   B C6    1 
ATOM   519  P  P     . A   B 2 8  ? -0.149  -11.366 10.696  1.00 36.87 ?  27  A   B P     1 
ATOM   520  O  OP1   . A   B 2 8  ? 0.118   -11.072 12.120  1.00 40.52 ?  27  A   B OP1   1 
ATOM   521  O  OP2   . A   B 2 8  ? 0.205   -10.394 9.648   1.00 38.27 -1 27  A   B OP2   1 
ATOM   522  O  "O5'" . A   B 2 8  ? 0.709   -12.636 10.259  1.00 32.57 ?  27  A   B "O5'" 1 
ATOM   523  C  "C5'" . A   B 2 8  ? 0.775   -13.778 11.073  1.00 32.92 ?  27  A   B "C5'" 1 
ATOM   524  C  "C4'" . A   B 2 8  ? 1.516   -14.888 10.391  1.00 34.37 ?  27  A   B "C4'" 1 
ATOM   525  O  "O4'" . A   B 2 8  ? 0.927   -15.204 9.106   1.00 32.06 ?  27  A   B "O4'" 1 
ATOM   526  C  "C3'" . A   B 2 8  ? 2.966   -14.651 10.051  1.00 32.59 ?  27  A   B "C3'" 1 
ATOM   527  O  "O3'" . A   B 2 8  ? 3.799   -14.737 11.184  1.00 34.48 ?  27  A   B "O3'" 1 
ATOM   528  C  "C2'" . A   B 2 8  ? 3.218   -15.774 9.059   1.00 30.89 ?  27  A   B "C2'" 1 
ATOM   529  O  "O2'" . A   B 2 8  ? 3.292   -17.010 9.749   1.00 32.75 ?  27  A   B "O2'" 1 
ATOM   530  C  "C1'" . A   B 2 8  ? 1.915   -15.760 8.265   1.00 27.47 ?  27  A   B "C1'" 1 
ATOM   531  N  N9    . A   B 2 8  ? 2.065   -14.909 7.076   1.00 32.05 ?  27  A   B N9    1 
ATOM   532  C  C8    . A   B 2 8  ? 1.633   -13.628 6.908   1.00 25.96 ?  27  A   B C8    1 
ATOM   533  N  N7    . A   B 2 8  ? 1.964   -13.134 5.747   1.00 31.27 ?  27  A   B N7    1 
ATOM   534  C  C5    . A   B 2 8  ? 2.664   -14.146 5.114   1.00 26.81 ?  27  A   B C5    1 
ATOM   535  C  C6    . A   B 2 8  ? 3.268   -14.251 3.854   1.00 27.11 ?  27  A   B C6    1 
ATOM   536  N  N6    . A   B 2 8  ? 3.287   -13.287 2.962   1.00 28.61 ?  27  A   B N6    1 
ATOM   537  N  N1    . A   B 2 8  ? 3.869   -15.416 3.532   1.00 30.89 ?  27  A   B N1    1 
ATOM   538  C  C2    . A   B 2 8  ? 3.855   -16.416 4.430   1.00 26.49 ?  27  A   B C2    1 
ATOM   539  N  N3    . A   B 2 8  ? 3.311   -16.430 5.636   1.00 25.45 ?  27  A   B N3    1 
ATOM   540  C  C4    . A   B 2 8  ? 2.726   -15.256 5.922   1.00 27.48 ?  27  A   B C4    1 
ATOM   541  P  P     . C   B 2 9  ? 5.217   -13.994 11.199  1.00 41.02 ?  28  C   B P     1 
ATOM   542  O  OP1   . C   B 2 9  ? 5.786   -14.323 12.528  1.00 44.05 ?  28  C   B OP1   1 
ATOM   543  O  OP2   . C   B 2 9  ? 5.066   -12.617 10.673  1.00 34.39 -1 28  C   B OP2   1 
ATOM   544  O  "O5'" . C   B 2 9  ? 6.085   -14.686 10.061  1.00 35.93 ?  28  C   B "O5'" 1 
ATOM   545  C  "C5'" . C   B 2 9  ? 6.597   -15.993 10.209  1.00 33.78 ?  28  C   B "C5'" 1 
ATOM   546  C  "C4'" . C   B 2 9  ? 7.241   -16.442 8.929   1.00 32.18 ?  28  C   B "C4'" 1 
ATOM   547  O  "O4'" . C   B 2 9  ? 6.301   -16.310 7.833   1.00 33.87 ?  28  C   B "O4'" 1 
ATOM   548  C  "C3'" . C   B 2 9  ? 8.424   -15.629 8.456   1.00 32.81 ?  28  C   B "C3'" 1 
ATOM   549  O  "O3'" . C   B 2 9  ? 9.612   -15.909 9.158   1.00 30.74 ?  28  C   B "O3'" 1 
ATOM   550  C  "C2'" . C   B 2 9  ? 8.490   -16.012 6.995   1.00 32.30 ?  28  C   B "C2'" 1 
ATOM   551  O  "O2'" . C   B 2 9  ? 8.993   -17.336 6.882   1.00 32.97 ?  28  C   B "O2'" 1 
ATOM   552  C  "C1'" . C   B 2 9  ? 7.006   -16.033 6.643   1.00 33.51 ?  28  C   B "C1'" 1 
ATOM   553  N  N1    . C   B 2 9  ? 6.548   -14.734 6.088   1.00 28.76 ?  28  C   B N1    1 
ATOM   554  C  C2    . C   B 2 9  ? 6.829   -14.469 4.749   1.00 31.24 ?  28  C   B C2    1 
ATOM   555  O  O2    . C   B 2 9  ? 7.429   -15.334 4.120   1.00 31.61 ?  28  C   B O2    1 
ATOM   556  N  N3    . C   B 2 9  ? 6.447   -13.298 4.160   1.00 31.24 ?  28  C   B N3    1 
ATOM   557  C  C4    . C   B 2 9  ? 5.806   -12.383 4.887   1.00 30.28 ?  28  C   B C4    1 
ATOM   558  N  N4    . C   B 2 9  ? 5.444   -11.244 4.290   1.00 35.66 ?  28  C   B N4    1 
ATOM   559  C  C5    . C   B 2 9  ? 5.501   -12.627 6.265   1.00 33.56 ?  28  C   B C5    1 
ATOM   560  C  C6    . C   B 2 9  ? 5.878   -13.801 6.819   1.00 32.17 ?  28  C   B C6    1 
ATOM   561  P  P     . A   B 2 10 ? 10.742  -14.777 9.278   1.00 30.88 ?  29  A   B P     1 
ATOM   562  O  OP1   . A   B 2 10 ? 11.722  -15.299 10.261  1.00 31.77 ?  29  A   B OP1   1 
ATOM   563  O  OP2   . A   B 2 10 ? 10.156  -13.450 9.538   1.00 24.43 -1 29  A   B OP2   1 
ATOM   564  O  "O5'" . A   B 2 10 ? 11.418  -14.776 7.830   1.00 27.44 ?  29  A   B "O5'" 1 
ATOM   565  C  "C5'" . A   B 2 10 ? 12.027  -15.954 7.326   1.00 28.43 ?  29  A   B "C5'" 1 
ATOM   566  C  "C4'" . A   B 2 10 ? 12.562  -15.771 5.929   1.00 27.81 ?  29  A   B "C4'" 1 
ATOM   567  O  "O4'" . A   B 2 10 ? 11.473  -15.597 4.986   1.00 33.72 ?  29  A   B "O4'" 1 
ATOM   568  C  "C3'" . A   B 2 10 ? 13.447  -14.563 5.708   1.00 28.05 ?  29  A   B "C3'" 1 
ATOM   569  O  "O3'" . A   B 2 10 ? 14.782  -14.802 6.087   1.00 30.98 ?  29  A   B "O3'" 1 
ATOM   570  C  "C2'" . A   B 2 10 ? 13.315  -14.325 4.219   1.00 28.82 ?  29  A   B "C2'" 1 
ATOM   571  O  "O2'" . A   B 2 10 ? 14.136  -15.254 3.534   1.00 25.31 ?  29  A   B "O2'" 1 
ATOM   572  C  "C1'" . A   B 2 10 ? 11.846  -14.682 3.981   1.00 28.51 ?  29  A   B "C1'" 1 
ATOM   573  N  N9    . A   B 2 10 ? 10.941  -13.513 4.090   1.00 33.55 ?  29  A   B N9    1 
ATOM   574  C  C8    . A   B 2 10 ? 10.248  -13.100 5.216   1.00 31.27 ?  29  A   B C8    1 
ATOM   575  N  N7    . A   B 2 10 ? 9.503   -12.025 5.038   1.00 25.75 ?  29  A   B N7    1 
ATOM   576  C  C5    . A   B 2 10 ? 9.705   -11.719 3.694   1.00 26.93 ?  29  A   B C5    1 
ATOM   577  C  C6    . A   B 2 10 ? 9.185   -10.702 2.868   1.00 31.55 ?  29  A   B C6    1 
ATOM   578  N  N6    . A   B 2 10 ? 8.330   -9.755  3.280   1.00 31.11 ?  29  A   B N6    1 
ATOM   579  N  N1    . A   B 2 10 ? 9.573   -10.674 1.576   1.00 28.44 ?  29  A   B N1    1 
ATOM   580  C  C2    . A   B 2 10 ? 10.435  -11.601 1.164   1.00 29.64 ?  29  A   B C2    1 
ATOM   581  N  N3    . A   B 2 10 ? 10.980  -12.603 1.829   1.00 26.09 ?  29  A   B N3    1 
ATOM   582  C  C4    . A   B 2 10 ? 10.569  -12.615 3.101   1.00 26.28 ?  29  A   B C4    1 
ATOM   583  P  P     . C   B 2 11 ? 15.672  -13.566 6.571   1.00 34.38 ?  30  C   B P     1 
ATOM   584  O  OP1   . C   B 2 11 ? 16.900  -14.039 7.244   1.00 35.78 ?  30  C   B OP1   1 
ATOM   585  O  OP2   . C   B 2 11 ? 14.729  -12.685 7.326   1.00 34.33 -1 30  C   B OP2   1 
ATOM   586  O  "O5'" . C   B 2 11 ? 16.041  -12.816 5.222   1.00 33.38 ?  30  C   B "O5'" 1 
ATOM   587  C  "C5'" . C   B 2 11 ? 16.928  -13.374 4.275   1.00 29.68 ?  30  C   B "C5'" 1 
ATOM   588  C  "C4'" . C   B 2 11 ? 16.936  -12.574 3.001   1.00 26.89 ?  30  C   B "C4'" 1 
ATOM   589  O  "O4'" . C   B 2 11 ? 15.594  -12.536 2.452   1.00 28.58 ?  30  C   B "O4'" 1 
ATOM   590  C  "C3'" . C   B 2 11 ? 17.313  -11.107 3.132   1.00 30.95 ?  30  C   B "C3'" 1 
ATOM   591  O  "O3'" . C   B 2 11 ? 18.706  -10.883 3.249   1.00 30.86 ?  30  C   B "O3'" 1 
ATOM   592  C  "C2'" . C   B 2 11 ? 16.672  -10.497 1.892   1.00 31.67 ?  30  C   B "C2'" 1 
ATOM   593  O  "O2'" . C   B 2 11 ? 17.435  -10.771 0.714   1.00 28.92 ?  30  C   B "O2'" 1 
ATOM   594  C  "C1'" . C   B 2 11 ? 15.360  -11.285 1.835   1.00 30.44 ?  30  C   B "C1'" 1 
ATOM   595  N  N1    . C   B 2 11 ? 14.283  -10.609 2.593   1.00 27.60 ?  30  C   B N1    1 
ATOM   596  C  C2    . C   B 2 11 ? 13.628  -9.500  2.046   1.00 28.82 ?  30  C   B C2    1 
ATOM   597  O  O2    . C   B 2 11 ? 13.949  -9.116  0.918   1.00 26.04 ?  30  C   B O2    1 
ATOM   598  N  N3    . C   B 2 11 ? 12.646  -8.886  2.748   1.00 27.20 ?  30  C   B N3    1 
ATOM   599  C  C4    . C   B 2 11 ? 12.329  -9.338  3.959   1.00 31.10 ?  30  C   B C4    1 
ATOM   600  N  N4    . C   B 2 11 ? 11.352  -8.711  4.628   1.00 27.92 ?  30  C   B N4    1 
ATOM   601  C  C5    . C   B 2 11 ? 12.996  -10.463 4.547   1.00 27.42 ?  30  C   B C5    1 
ATOM   602  C  C6    . C   B 2 11 ? 13.954  -11.042 3.834   1.00 25.26 ?  30  C   B C6    1 
ATOM   603  P  P     . C   B 2 12 ? 19.253  -9.686  4.161   1.00 28.31 ?  31  C   B P     1 
ATOM   604  O  OP1   . C   B 2 12 ? 20.717  -9.824  4.320   1.00 33.27 ?  31  C   B OP1   1 
ATOM   605  O  OP2   . C   B 2 12 ? 18.385  -9.556  5.333   1.00 33.53 -1 31  C   B OP2   1 
ATOM   606  O  "O5'" . C   B 2 12 ? 18.943  -8.382  3.307   1.00 32.54 ?  31  C   B "O5'" 1 
ATOM   607  C  "C5'" . C   B 2 12 ? 19.669  -8.074  2.136   1.00 24.97 ?  31  C   B "C5'" 1 
ATOM   608  C  "C4'" . C   B 2 12 ? 19.061  -6.876  1.460   1.00 30.37 ?  31  C   B "C4'" 1 
ATOM   609  O  "O4'" . C   B 2 12 ? 17.657  -7.107  1.245   1.00 28.37 ?  31  C   B "O4'" 1 
ATOM   610  C  "C3'" . C   B 2 12 ? 19.083  -5.590  2.253   1.00 29.95 ?  31  C   B "C3'" 1 
ATOM   611  O  "O3'" . C   B 2 12 ? 20.324  -4.948  2.194   1.00 30.13 ?  31  C   B "O3'" 1 
ATOM   612  C  "C2'" . C   B 2 12 ? 17.967  -4.793  1.620   1.00 27.22 ?  31  C   B "C2'" 1 
ATOM   613  O  "O2'" . C   B 2 12 ? 18.380  -4.260  0.374   1.00 30.36 ?  31  C   B "O2'" 1 
ATOM   614  C  "C1'" . C   B 2 12 ? 16.955  -5.886  1.330   1.00 29.90 ?  31  C   B "C1'" 1 
ATOM   615  N  N1    . C   B 2 12 ? 15.926  -5.992  2.376   1.00 30.43 ?  31  C   B N1    1 
ATOM   616  C  C2    . C   B 2 12 ? 14.843  -5.101  2.320   1.00 30.56 ?  31  C   B C2    1 
ATOM   617  O  O2    . C   B 2 12 ? 14.825  -4.255  1.419   1.00 27.41 ?  31  C   B O2    1 
ATOM   618  N  N3    . C   B 2 12 ? 13.867  -5.166  3.255   1.00 26.35 ?  31  C   B N3    1 
ATOM   619  C  C4    . C   B 2 12 ? 13.955  -6.105  4.200   1.00 25.97 ?  31  C   B C4    1 
ATOM   620  N  N4    . C   B 2 12 ? 12.982  -6.178  5.121   1.00 25.84 ?  31  C   B N4    1 
ATOM   621  C  C5    . C   B 2 12 ? 15.041  -7.020  4.255   1.00 24.86 ?  31  C   B C5    1 
ATOM   622  C  C6    . C   B 2 12 ? 16.006  -6.943  3.340   1.00 27.15 ?  31  C   B C6    1 
ATOM   623  P  P     . A   B 2 13 ? 20.800  -4.092  3.442   1.00 35.32 ?  32  A   B P     1 
ATOM   624  O  OP1   . A   B 2 13 ? 22.251  -3.876  3.227   1.00 46.87 ?  32  A   B OP1   1 
ATOM   625  O  OP2   . A   B 2 13 ? 20.370  -4.750  4.698   1.00 32.62 -1 32  A   B OP2   1 
ATOM   626  O  "O5'" . A   B 2 13 ? 19.961  -2.737  3.320   1.00 35.28 ?  32  A   B "O5'" 1 
ATOM   627  C  "C5'" . A   B 2 13 ? 20.121  -1.870  2.211   1.00 34.98 ?  32  A   B "C5'" 1 
ATOM   628  C  "C4'" . A   B 2 13 ? 19.084  -0.766  2.170   1.00 36.89 ?  32  A   B "C4'" 1 
ATOM   629  O  "O4'" . A   B 2 13 ? 17.755  -1.304  1.933   1.00 37.34 ?  32  A   B "O4'" 1 
ATOM   630  C  "C3'" . A   B 2 13 ? 18.915  0.082   3.418   1.00 38.33 ?  32  A   B "C3'" 1 
ATOM   631  O  "O3'" . A   B 2 13 ? 19.905  1.080   3.527   1.00 41.67 ?  32  A   B "O3'" 1 
ATOM   632  C  "C2'" . A   B 2 13 ? 17.521  0.658   3.229   1.00 35.64 ?  32  A   B "C2'" 1 
ATOM   633  O  "O2'" . A   B 2 13 ? 17.551  1.682   2.244   1.00 37.32 ?  32  A   B "O2'" 1 
ATOM   634  C  "C1'" . A   B 2 13 ? 16.794  -0.535  2.625   1.00 32.28 ?  32  A   B "C1'" 1 
ATOM   635  N  N9    . A   B 2 13 ? 16.176  -1.395  3.657   1.00 34.89 ?  32  A   B N9    1 
ATOM   636  C  C8    . A   B 2 13 ? 16.656  -2.575  4.173   1.00 29.54 ?  32  A   B C8    1 
ATOM   637  N  N7    . A   B 2 13 ? 15.859  -3.132  5.058   1.00 29.97 ?  32  A   B N7    1 
ATOM   638  C  C5    . A   B 2 13 ? 14.786  -2.256  5.138   1.00 30.50 ?  32  A   B C5    1 
ATOM   639  C  C6    . A   B 2 13 ? 13.610  -2.267  5.899   1.00 30.49 ?  32  A   B C6    1 
ATOM   640  N  N6    . A   B 2 13 ? 13.298  -3.238  6.768   1.00 28.82 ?  32  A   B N6    1 
ATOM   641  N  N1    . A   B 2 13 ? 12.748  -1.233  5.743   1.00 27.52 ?  32  A   B N1    1 
ATOM   642  C  C2    . A   B 2 13 ? 13.048  -0.278  4.872   1.00 31.36 ?  32  A   B C2    1 
ATOM   643  N  N3    . A   B 2 13 ? 14.123  -0.160  4.091   1.00 35.46 ?  32  A   B N3    1 
ATOM   644  C  C4    . A   B 2 13 ? 14.964  -1.191  4.280   1.00 33.19 ?  32  A   B C4    1 
ATOM   645  P  P     . C   B 2 14 ? 20.458  1.496   4.962   1.00 38.13 ?  33  C   B P     1 
ATOM   646  O  OP1   . C   B 2 14 ? 21.650  2.298   4.646   1.00 45.78 ?  33  C   B OP1   1 
ATOM   647  O  OP2   . C   B 2 14 ? 20.595  0.306   5.810   1.00 32.55 -1 33  C   B OP2   1 
ATOM   648  O  "O5'" . C   B 2 14 ? 19.296  2.356   5.630   1.00 32.83 ?  33  C   B "O5'" 1 
ATOM   649  C  "C5'" . C   B 2 14 ? 18.754  3.500   4.999   1.00 34.40 ?  33  C   B "C5'" 1 
ATOM   650  C  "C4'" . C   B 2 14 ? 17.395  3.858   5.555   1.00 35.83 ?  33  C   B "C4'" 1 
ATOM   651  O  "O4'" . C   B 2 14 ? 16.440  2.799   5.300   1.00 40.48 ?  33  C   B "O4'" 1 
ATOM   652  C  "C3'" . C   B 2 14 ? 17.302  4.067   7.050   1.00 35.42 ?  33  C   B "C3'" 1 
ATOM   653  O  "O3'" . C   B 2 14 ? 17.780  5.338   7.432   1.00 44.75 ?  33  C   B "O3'" 1 
ATOM   654  C  "C2'" . C   B 2 14 ? 15.813  3.877   7.314   1.00 36.17 ?  33  C   B "C2'" 1 
ATOM   655  O  "O2'" . C   B 2 14 ? 15.073  5.035   6.957   1.00 37.38 ?  33  C   B "O2'" 1 
ATOM   656  C  "C1'" . C   B 2 14 ? 15.468  2.774   6.323   1.00 33.64 ?  33  C   B "C1'" 1 
ATOM   657  N  N1    . C   B 2 14 ? 15.491  1.459   6.984   1.00 33.90 ?  33  C   B N1    1 
ATOM   658  C  C2    . C   B 2 14 ? 14.365  1.117   7.736   1.00 33.38 ?  33  C   B C2    1 
ATOM   659  O  O2    . C   B 2 14 ? 13.400  1.900   7.789   1.00 30.10 ?  33  C   B O2    1 
ATOM   660  N  N3    . C   B 2 14 ? 14.357  -0.060  8.398   1.00 34.07 ?  33  C   B N3    1 
ATOM   661  C  C4    . C   B 2 14 ? 15.413  -0.865  8.313   1.00 31.55 ?  33  C   B C4    1 
ATOM   662  N  N4    . C   B 2 14 ? 15.344  -2.016  8.967   1.00 26.00 ?  33  C   B N4    1 
ATOM   663  C  C5    . C   B 2 14 ? 16.577  -0.518  7.561   1.00 33.13 ?  33  C   B C5    1 
ATOM   664  C  C6    . C   B 2 14 ? 16.589  0.647   6.920   1.00 31.44 ?  33  C   B C6    1 
ATOM   665  P  P     . C   B 2 15 ? 18.287  5.620   8.929   1.00 43.05 ?  34  C   B P     1 
ATOM   666  O  OP1   . C   B 2 15 ? 18.657  7.051   8.922   1.00 43.13 ?  34  C   B OP1   1 
ATOM   667  O  OP2   . C   B 2 15 ? 19.288  4.609   9.326   1.00 41.54 -1 34  C   B OP2   1 
ATOM   668  O  "O5'" . C   B 2 15 ? 16.963  5.589   9.816   1.00 43.78 ?  34  C   B "O5'" 1 
ATOM   669  C  "C5'" . C   B 2 15 ? 16.035  6.667   9.715   1.00 43.75 ?  34  C   B "C5'" 1 
ATOM   670  C  "C4'" . C   B 2 15 ? 14.802  6.461   10.564  1.00 42.19 ?  34  C   B "C4'" 1 
ATOM   671  O  "O4'" . C   B 2 15 ? 14.078  5.279   10.115  1.00 42.01 ?  34  C   B "O4'" 1 
ATOM   672  C  "C3'" . C   B 2 15 ? 15.034  6.198   12.043  1.00 44.55 ?  34  C   B "C3'" 1 
ATOM   673  O  "O3'" . C   B 2 15 ? 15.315  7.362   12.799  1.00 42.16 ?  34  C   B "O3'" 1 
ATOM   674  C  "C2'" . C   B 2 15 ? 13.746  5.511   12.448  1.00 40.41 ?  34  C   B "C2'" 1 
ATOM   675  O  "O2'" . C   B 2 15 ? 12.700  6.465   12.536  1.00 41.17 ?  34  C   B "O2'" 1 
ATOM   676  C  "C1'" . C   B 2 15 ? 13.485  4.641   11.222  1.00 39.80 ?  34  C   B "C1'" 1 
ATOM   677  N  N1    . C   B 2 15 ? 14.072  3.287   11.354  1.00 37.98 ?  34  C   B N1    1 
ATOM   678  C  C2    . C   B 2 15 ? 13.378  2.354   12.140  1.00 35.98 ?  34  C   B C2    1 
ATOM   679  O  O2    . C   B 2 15 ? 12.321  2.738   12.685  1.00 35.14 ?  34  C   B O2    1 
ATOM   680  N  N3    . C   B 2 15 ? 13.862  1.089   12.273  1.00 32.33 ?  34  C   B N3    1 
ATOM   681  C  C4    . C   B 2 15 ? 14.993  0.752   11.637  1.00 34.62 ?  34  C   B C4    1 
ATOM   682  N  N4    . C   B 2 15 ? 15.471  -0.490  11.782  1.00 36.56 ?  34  C   B N4    1 
ATOM   683  C  C5    . C   B 2 15 ? 15.714  1.680   10.836  1.00 34.24 ?  34  C   B C5    1 
ATOM   684  C  C6    . C   B 2 15 ? 15.229  2.933   10.722  1.00 36.42 ?  34  C   B C6    1 
ATOM   685  P  P     . C   B 2 16 ? 16.200  7.247   14.138  1.00 43.69 ?  35  C   B P     1 
ATOM   686  O  OP1   . C   B 2 16 ? 16.440  8.629   14.639  1.00 40.79 ?  35  C   B OP1   1 
ATOM   687  O  OP2   . C   B 2 16 ? 17.358  6.343   13.925  1.00 40.41 -1 35  C   B OP2   1 
ATOM   688  O  "O5'" . C   B 2 16 ? 15.258  6.473   15.166  1.00 43.53 ?  35  C   B "O5'" 1 
ATOM   689  C  "C5'" . C   B 2 16 ? 14.026  7.013   15.621  1.00 35.25 ?  35  C   B "C5'" 1 
ATOM   690  C  "C4'" . C   B 2 16 ? 13.304  6.027   16.510  1.00 41.36 ?  35  C   B "C4'" 1 
ATOM   691  O  "O4'" . C   B 2 16 ? 12.979  4.823   15.762  1.00 42.31 ?  35  C   B "O4'" 1 
ATOM   692  C  "C3'" . C   B 2 16 ? 14.082  5.501   17.707  1.00 42.54 ?  35  C   B "C3'" 1 
ATOM   693  O  "O3'" . C   B 2 16 ? 14.095  6.408   18.791  1.00 43.80 ?  35  C   B "O3'" 1 
ATOM   694  C  "C2'" . C   B 2 16 ? 13.359  4.198   18.023  1.00 39.89 ?  35  C   B "C2'" 1 
ATOM   695  O  "O2'" . C   B 2 16 ? 12.144  4.463   18.711  1.00 47.61 ?  35  C   B "O2'" 1 
ATOM   696  C  "C1'" . C   B 2 16 ? 13.002  3.701   16.622  1.00 39.90 ?  35  C   B "C1'" 1 
ATOM   697  N  N1    . C   B 2 16 ? 13.982  2.723   16.109  1.00 38.69 ?  35  C   B N1    1 
ATOM   698  C  C2    . C   B 2 16 ? 13.852  1.401   16.517  1.00 36.59 ?  35  C   B C2    1 
ATOM   699  O  O2    . C   B 2 16 ? 12.921  1.130   17.288  1.00 43.01 ?  35  C   B O2    1 
ATOM   700  N  N3    . C   B 2 16 ? 14.721  0.468   16.066  1.00 34.21 ?  35  C   B N3    1 
ATOM   701  C  C4    . C   B 2 16 ? 15.695  0.844   15.238  1.00 34.45 ?  35  C   B C4    1 
ATOM   702  N  N4    . C   B 2 16 ? 16.543  -0.086  14.807  1.00 38.52 ?  35  C   B N4    1 
ATOM   703  C  C5    . C   B 2 16 ? 15.855  2.187   14.803  1.00 36.76 ?  35  C   B C5    1 
ATOM   704  C  C6    . C   B 2 16 ? 14.983  3.095   15.257  1.00 38.03 ?  35  C   B C6    1 
ATOM   705  O  "O5'" . G   C 1 1  ? -9.127  -4.691  -8.303  1.00 45.36 ?  1   G   C "O5'" 1 
ATOM   706  C  "C5'" . G   C 1 1  ? -8.183  -5.748  -8.439  1.00 42.92 ?  1   G   C "C5'" 1 
ATOM   707  C  "C4'" . G   C 1 1  ? -7.653  -5.821  -9.845  1.00 39.55 ?  1   G   C "C4'" 1 
ATOM   708  O  "O4'" . G   C 1 1  ? -8.775  -5.971  -10.757 1.00 43.09 ?  1   G   C "O4'" 1 
ATOM   709  C  "C3'" . G   C 1 1  ? -6.937  -4.569  -10.335 1.00 37.89 ?  1   G   C "C3'" 1 
ATOM   710  O  "O3'" . G   C 1 1  ? -5.567  -4.550  -9.988  1.00 36.13 ?  1   G   C "O3'" 1 
ATOM   711  C  "C2'" . G   C 1 1  ? -7.162  -4.622  -11.831 1.00 34.84 ?  1   G   C "C2'" 1 
ATOM   712  O  "O2'" . G   C 1 1  ? -6.280  -5.577  -12.393 1.00 41.57 ?  1   G   C "O2'" 1 
ATOM   713  C  "C1'" . G   C 1 1  ? -8.582  -5.175  -11.900 1.00 34.23 ?  1   G   C "C1'" 1 
ATOM   714  N  N9    . G   C 1 1  ? -9.592  -4.096  -11.867 1.00 35.76 ?  1   G   C N9    1 
ATOM   715  C  C8    . G   C 1 1  ? -10.388 -3.750  -10.802 1.00 33.46 ?  1   G   C C8    1 
ATOM   716  N  N7    . G   C 1 1  ? -11.187 -2.747  -11.074 1.00 33.79 ?  1   G   C N7    1 
ATOM   717  C  C5    . G   C 1 1  ? -10.895 -2.398  -12.380 1.00 29.48 ?  1   G   C C5    1 
ATOM   718  C  C6    . G   C 1 1  ? -11.439 -1.389  -13.196 1.00 27.60 ?  1   G   C C6    1 
ATOM   719  O  O6    . G   C 1 1  ? -12.314 -0.590  -12.867 1.00 29.26 ?  1   G   C O6    1 
ATOM   720  N  N1    . G   C 1 1  ? -10.879 -1.374  -14.476 1.00 28.31 ?  1   G   C N1    1 
ATOM   721  C  C2    . G   C 1 1  ? -9.891  -2.252  -14.879 1.00 29.79 ?  1   G   C C2    1 
ATOM   722  N  N2    . G   C 1 1  ? -9.396  -2.178  -16.125 1.00 28.41 ?  1   G   C N2    1 
ATOM   723  N  N3    . G   C 1 1  ? -9.381  -3.194  -14.104 1.00 33.68 ?  1   G   C N3    1 
ATOM   724  C  C4    . G   C 1 1  ? -9.925  -3.222  -12.880 1.00 30.80 ?  1   G   C C4    1 
ATOM   725  P  P     . G   C 1 2  ? -4.845  -3.167  -9.612  1.00 41.87 ?  2   G   C P     1 
ATOM   726  O  OP1   . G   C 1 2  ? -3.402  -3.468  -9.353  1.00 31.39 ?  2   G   C OP1   1 
ATOM   727  O  OP2   . G   C 1 2  ? -5.683  -2.458  -8.612  1.00 41.35 -1 2   G   C OP2   1 
ATOM   728  O  "O5'" . G   C 1 2  ? -4.919  -2.312  -10.963 1.00 31.58 ?  2   G   C "O5'" 1 
ATOM   729  C  "C5'" . G   C 1 2  ? -4.190  -2.717  -12.111 1.00 27.79 ?  2   G   C "C5'" 1 
ATOM   730  C  "C4'" . G   C 1 2  ? -4.438  -1.818  -13.288 1.00 25.95 ?  2   G   C "C4'" 1 
ATOM   731  O  "O4'" . G   C 1 2  ? -5.808  -1.945  -13.746 1.00 33.41 ?  2   G   C "O4'" 1 
ATOM   732  C  "C3'" . G   C 1 2  ? -4.264  -0.325  -13.057 1.00 23.31 ?  2   G   C "C3'" 1 
ATOM   733  O  "O3'" . G   C 1 2  ? -2.902  0.052   -13.106 1.00 26.06 ?  2   G   C "O3'" 1 
ATOM   734  C  "C2'" . G   C 1 2  ? -5.080  0.276   -14.196 1.00 21.55 ?  2   G   C "C2'" 1 
ATOM   735  O  "O2'" . G   C 1 2  ? -4.357  0.230   -15.406 1.00 21.59 ?  2   G   C "O2'" 1 
ATOM   736  C  "C1'" . G   C 1 2  ? -6.248  -0.711  -14.298 1.00 28.47 ?  2   G   C "C1'" 1 
ATOM   737  N  N9    . G   C 1 2  ? -7.389  -0.204  -13.522 1.00 27.09 ?  2   G   C N9    1 
ATOM   738  C  C8    . G   C 1 2  ? -7.834  -0.640  -12.300 1.00 24.08 ?  2   G   C C8    1 
ATOM   739  N  N7    . G   C 1 2  ? -8.834  0.064   -11.861 1.00 24.29 ?  2   G   C N7    1 
ATOM   740  C  C5    . G   C 1 2  ? -9.041  1.022   -12.841 1.00 25.54 ?  2   G   C C5    1 
ATOM   741  C  C6    . G   C 1 2  ? -9.990  2.061   -12.924 1.00 23.60 ?  2   G   C C6    1 
ATOM   742  O  O6    . G   C 1 2  ? -10.847 2.351   -12.109 1.00 22.05 ?  2   G   C O6    1 
ATOM   743  N  N1    . G   C 1 2  ? -9.853  2.813   -14.080 1.00 25.83 ?  2   G   C N1    1 
ATOM   744  C  C2    . G   C 1 2  ? -8.913  2.587   -15.046 1.00 27.96 ?  2   G   C C2    1 
ATOM   745  N  N2    . G   C 1 2  ? -8.925  3.412   -16.099 1.00 25.57 ?  2   G   C N2    1 
ATOM   746  N  N3    . G   C 1 2  ? -8.027  1.607   -14.988 1.00 27.69 ?  2   G   C N3    1 
ATOM   747  C  C4    . G   C 1 2  ? -8.153  0.876   -13.870 1.00 22.98 ?  2   G   C C4    1 
ATOM   748  P  P     . U   C 1 3  ? -2.363  1.338   -12.322 1.00 27.32 ?  3   U   C P     1 
ATOM   749  O  OP1   . U   C 1 3  ? -0.897  1.219   -12.220 1.00 24.02 ?  3   U   C OP1   1 
ATOM   750  O  OP2   . U   C 1 3  ? -3.136  1.529   -11.098 1.00 24.31 -1 3   U   C OP2   1 
ATOM   751  O  "O5'" . U   C 1 3  ? -2.792  2.550   -13.254 1.00 22.21 ?  3   U   C "O5'" 1 
ATOM   752  C  "C5'" . U   C 1 3  ? -2.339  2.641   -14.593 1.00 24.46 ?  3   U   C "C5'" 1 
ATOM   753  C  "C4'" . U   C 1 3  ? -2.937  3.839   -15.272 1.00 21.99 ?  3   U   C "C4'" 1 
ATOM   754  O  "O4'" . U   C 1 3  ? -4.340  3.580   -15.525 1.00 26.66 ?  3   U   C "O4'" 1 
ATOM   755  C  "C3'" . U   C 1 3  ? -2.960  5.135   -14.472 1.00 26.39 ?  3   U   C "C3'" 1 
ATOM   756  O  "O3'" . U   C 1 3  ? -1.740  5.830   -14.436 1.00 26.04 ?  3   U   C "O3'" 1 
ATOM   757  C  "C2'" . U   C 1 3  ? -4.065  5.906   -15.155 1.00 25.96 ?  3   U   C "C2'" 1 
ATOM   758  O  "O2'" . U   C 1 3  ? -3.599  6.338   -16.419 1.00 21.77 ?  3   U   C "O2'" 1 
ATOM   759  C  "C1'" . U   C 1 3  ? -5.079  4.782   -15.376 1.00 25.77 ?  3   U   C "C1'" 1 
ATOM   760  N  N1    . U   C 1 3  ? -6.008  4.628   -14.222 1.00 27.49 ?  3   U   C N1    1 
ATOM   761  C  C2    . U   C 1 3  ? -7.097  5.467   -14.228 1.00 25.10 ?  3   U   C C2    1 
ATOM   762  O  O2    . U   C 1 3  ? -7.258  6.236   -15.120 1.00 28.15 ?  3   U   C O2    1 
ATOM   763  N  N3    . U   C 1 3  ? -7.985  5.368   -13.209 1.00 24.54 ?  3   U   C N3    1 
ATOM   764  C  C4    . U   C 1 3  ? -7.871  4.488   -12.167 1.00 26.61 ?  3   U   C C4    1 
ATOM   765  O  O4    . U   C 1 3  ? -8.748  4.515   -11.328 1.00 30.20 ?  3   U   C O4    1 
ATOM   766  C  C5    . U   C 1 3  ? -6.719  3.628   -12.172 1.00 23.43 ?  3   U   C C5    1 
ATOM   767  C  C6    . U   C 1 3  ? -5.834  3.729   -13.182 1.00 26.27 ?  3   U   C C6    1 
ATOM   768  P  P     . G   C 1 4  ? -1.395  6.706   -13.146 1.00 24.68 ?  4   G   C P     1 
ATOM   769  O  OP1   . G   C 1 4  ? 0.009   7.146   -13.332 1.00 25.48 ?  4   G   C OP1   1 
ATOM   770  O  OP2   . G   C 1 4  ? -1.757  5.978   -11.910 1.00 26.22 -1 4   G   C OP2   1 
ATOM   771  O  "O5'" . G   C 1 4  ? -2.408  7.936   -13.223 1.00 27.56 ?  4   G   C "O5'" 1 
ATOM   772  C  "C5'" . G   C 1 4  ? -2.170  9.031   -14.098 1.00 24.48 ?  4   G   C "C5'" 1 
ATOM   773  C  "C4'" . G   C 1 4  ? -3.349  9.975   -14.143 1.00 25.55 ?  4   G   C "C4'" 1 
ATOM   774  O  "O4'" . G   C 1 4  ? -4.578  9.228   -14.355 1.00 25.78 ?  4   G   C "O4'" 1 
ATOM   775  C  "C3'" . G   C 1 4  ? -3.630  10.741  -12.871 1.00 26.68 ?  4   G   C "C3'" 1 
ATOM   776  O  "O3'" . G   C 1 4  ? -2.760  11.823  -12.657 1.00 29.38 ?  4   G   C "O3'" 1 
ATOM   777  C  "C2'" . G   C 1 4  ? -5.073  11.140  -13.059 1.00 25.14 ?  4   G   C "C2'" 1 
ATOM   778  O  "O2'" . G   C 1 4  ? -5.163  12.179  -14.005 1.00 26.79 ?  4   G   C "O2'" 1 
ATOM   779  C  "C1'" . G   C 1 4  ? -5.639  9.870   -13.689 1.00 25.51 ?  4   G   C "C1'" 1 
ATOM   780  N  N9    . G   C 1 4  ? -6.134  8.980   -12.639 1.00 29.17 ?  4   G   C N9    1 
ATOM   781  C  C8    . G   C 1 4  ? -5.536  7.856   -12.106 1.00 27.84 ?  4   G   C C8    1 
ATOM   782  N  N7    . G   C 1 4  ? -6.244  7.328   -11.144 1.00 25.29 ?  4   G   C N7    1 
ATOM   783  C  C5    . G   C 1 4  ? -7.360  8.155   -11.041 1.00 26.66 ?  4   G   C C5    1 
ATOM   784  C  C6    . G   C 1 4  ? -8.486  8.087   -10.191 1.00 28.16 ?  4   G   C C6    1 
ATOM   785  O  O6    . G   C 1 4  ? -8.745  7.257   -9.318  1.00 29.71 ?  4   G   C O6    1 
ATOM   786  N  N1    . G   C 1 4  ? -9.376  9.116   -10.413 1.00 26.69 ?  4   G   C N1    1 
ATOM   787  C  C2    . G   C 1 4  ? -9.230  10.111  -11.347 1.00 29.62 ?  4   G   C C2    1 
ATOM   788  N  N2    . G   C 1 4  ? -10.224 11.023  -11.398 1.00 26.87 ?  4   G   C N2    1 
ATOM   789  N  N3    . G   C 1 4  ? -8.178  10.191  -12.158 1.00 28.73 ?  4   G   C N3    1 
ATOM   790  C  C4    . G   C 1 4  ? -7.304  9.181   -11.951 1.00 28.77 ?  4   G   C C4    1 
ATOM   791  P  P     . G   C 1 5  ? -2.414  12.252  -11.152 1.00 28.38 ?  5   G   C P     1 
ATOM   792  O  OP1   . G   C 1 5  ? -1.320  13.226  -11.208 1.00 32.64 ?  5   G   C OP1   1 
ATOM   793  O  OP2   . G   C 1 5  ? -2.313  11.075  -10.280 1.00 28.55 -1 5   G   C OP2   1 
ATOM   794  O  "O5'" . G   C 1 5  ? -3.740  12.961  -10.651 1.00 30.31 ?  5   G   C "O5'" 1 
ATOM   795  C  "C5'" . G   C 1 5  ? -4.316  14.027  -11.377 1.00 27.64 ?  5   G   C "C5'" 1 
ATOM   796  C  "C4'" . G   C 1 5  ? -5.670  14.346  -10.810 1.00 36.08 ?  5   G   C "C4'" 1 
ATOM   797  O  "O4'" . G   C 1 5  ? -6.546  13.202  -10.957 1.00 32.63 ?  5   G   C "O4'" 1 
ATOM   798  C  "C3'" . G   C 1 5  ? -5.709  14.619  -9.320  1.00 33.02 ?  5   G   C "C3'" 1 
ATOM   799  O  "O3'" . G   C 1 5  ? -5.253  15.910  -8.968  1.00 31.23 ?  5   G   C "O3'" 1 
ATOM   800  C  "C2'" . G   C 1 5  ? -7.164  14.363  -8.990  1.00 31.84 ?  5   G   C "C2'" 1 
ATOM   801  O  "O2'" . G   C 1 5  ? -7.984  15.432  -9.443  1.00 34.39 ?  5   G   C "O2'" 1 
ATOM   802  C  "C1'" . G   C 1 5  ? -7.445  13.154  -9.872  1.00 31.38 ?  5   G   C "C1'" 1 
ATOM   803  N  N9    . G   C 1 5  ? -7.255  11.891  -9.136  1.00 28.29 ?  5   G   C N9    1 
ATOM   804  C  C8    . G   C 1 5  ? -6.238  10.970  -9.177  1.00 29.57 ?  5   G   C C8    1 
ATOM   805  N  N7    . G   C 1 5  ? -6.429  9.961   -8.374  1.00 24.94 ?  5   G   C N7    1 
ATOM   806  C  C5    . G   C 1 5  ? -7.647  10.225  -7.767  1.00 26.21 ?  5   G   C C5    1 
ATOM   807  C  C6    . G   C 1 5  ? -8.407  9.528   -6.787  1.00 27.77 ?  5   G   C C6    1 
ATOM   808  O  O6    . G   C 1 5  ? -8.161  8.459   -6.211  1.00 27.74 ?  5   G   C O6    1 
ATOM   809  N  N1    . G   C 1 5  ? -9.585  10.206  -6.457  1.00 26.09 ?  5   G   C N1    1 
ATOM   810  C  C2    . G   C 1 5  ? -9.990  11.397  -6.988  1.00 27.44 ?  5   G   C C2    1 
ATOM   811  N  N2    . G   C 1 5  ? -11.140 11.904  -6.559  1.00 28.54 ?  5   G   C N2    1 
ATOM   812  N  N3    . G   C 1 5  ? -9.300  12.055  -7.889  1.00 31.65 ?  5   G   C N3    1 
ATOM   813  C  C4    . G   C 1 5  ? -8.148  11.423  -8.221  1.00 29.54 ?  5   G   C C4    1 
ATOM   814  P  P     . U   C 1 6  ? -4.551  16.133  -7.547  1.00 35.17 ?  6   U   C P     1 
ATOM   815  O  OP1   . U   C 1 6  ? -3.971  17.497  -7.629  1.00 31.37 ?  6   U   C OP1   1 
ATOM   816  O  OP2   . U   C 1 6  ? -3.689  14.945  -7.194  1.00 26.85 -1 6   U   C OP2   1 
ATOM   817  O  "O5'" . U   C 1 6  ? -5.761  16.135  -6.509  1.00 35.03 ?  6   U   C "O5'" 1 
ATOM   818  C  "C5'" . U   C 1 6  ? -6.768  17.137  -6.557  1.00 32.60 ?  6   U   C "C5'" 1 
ATOM   819  C  "C4'" . U   C 1 6  ? -7.905  16.825  -5.615  1.00 32.62 ?  6   U   C "C4'" 1 
ATOM   820  O  "O4'" . U   C 1 6  ? -8.503  15.563  -5.991  1.00 26.74 ?  6   U   C "O4'" 1 
ATOM   821  C  "C3'" . U   C 1 6  ? -7.553  16.649  -4.142  1.00 28.42 ?  6   U   C "C3'" 1 
ATOM   822  O  "O3'" . U   C 1 6  ? -7.456  17.876  -3.440  1.00 31.09 ?  6   U   C "O3'" 1 
ATOM   823  C  "C2'" . U   C 1 6  ? -8.680  15.764  -3.629  1.00 29.98 ?  6   U   C "C2'" 1 
ATOM   824  O  "O2'" . U   C 1 6  ? -9.846  16.524  -3.350  1.00 33.21 ?  6   U   C "O2'" 1 
ATOM   825  C  "C1'" . U   C 1 6  ? -8.942  14.870  -4.835  1.00 30.71 ?  6   U   C "C1'" 1 
ATOM   826  N  N1    . U   C 1 6  ? -8.196  13.590  -4.717  1.00 30.24 ?  6   U   C N1    1 
ATOM   827  C  C2    . U   C 1 6  ? -8.781  12.627  -3.947  1.00 29.74 ?  6   U   C C2    1 
ATOM   828  O  O2    . U   C 1 6  ? -9.850  12.817  -3.418  1.00 33.17 ?  6   U   C O2    1 
ATOM   829  N  N3    . U   C 1 6  ? -8.090  11.449  -3.818  1.00 27.13 ?  6   U   C N3    1 
ATOM   830  C  C4    . U   C 1 6  ? -6.867  11.149  -4.371  1.00 30.23 ?  6   U   C C4    1 
ATOM   831  O  O4    . U   C 1 6  ? -6.366  10.034  -4.170  1.00 31.16 ?  6   U   C O4    1 
ATOM   832  C  C5    . U   C 1 6  ? -6.304  12.212  -5.143  1.00 25.71 ?  6   U   C C5    1 
ATOM   833  C  C6    . U   C 1 6  ? -6.964  13.360  -5.277  1.00 26.94 ?  6   U   C C6    1 
ATOM   834  P  P     . G   C 1 7  ? -6.341  18.058  -2.296  1.00 31.25 ?  7   G   C P     1 
ATOM   835  O  OP1   . G   C 1 7  ? -6.157  19.508  -2.025  1.00 38.17 ?  7   G   C OP1   1 
ATOM   836  O  OP2   . G   C 1 7  ? -5.147  17.271  -2.684  1.00 31.02 -1 7   G   C OP2   1 
ATOM   837  O  "O5'" . G   C 1 7  ? -6.986  17.388  -1.011  1.00 32.73 ?  7   G   C "O5'" 1 
ATOM   838  C  "C5'" . G   C 1 7  ? -8.346  17.590  -0.671  1.00 31.58 ?  7   G   C "C5'" 1 
ATOM   839  C  "C4'" . G   C 1 7  ? -8.786  16.588  0.363   1.00 39.75 ?  7   G   C "C4'" 1 
ATOM   840  O  "O4'" . G   C 1 7  ? -8.734  15.234  -0.193  1.00 34.69 ?  7   G   C "O4'" 1 
ATOM   841  C  "C3'" . G   C 1 7  ? -7.913  16.561  1.620   1.00 40.84 ?  7   G   C "C3'" 1 
ATOM   842  O  "O3'" . G   C 1 7  ? -8.709  16.199  2.751   1.00 44.03 ?  7   G   C "O3'" 1 
ATOM   843  C  "C2'" . G   C 1 7  ? -6.973  15.417  1.314   1.00 42.81 ?  7   G   C "C2'" 1 
ATOM   844  O  "O2'" . G   C 1 7  ? -6.291  14.887  2.432   1.00 44.00 ?  7   G   C "O2'" 1 
ATOM   845  C  "C1'" . G   C 1 7  ? -7.935  14.433  0.642   1.00 36.93 ?  7   G   C "C1'" 1 
ATOM   846  N  N9    . G   C 1 7  ? -7.234  13.382  -0.110  1.00 35.87 ?  7   G   C N9    1 
ATOM   847  C  C8    . G   C 1 7  ? -6.280  13.501  -1.096  1.00 32.69 ?  7   G   C C8    1 
ATOM   848  N  N7    . G   C 1 7  ? -5.779  12.345  -1.463  1.00 32.40 ?  7   G   C N7    1 
ATOM   849  C  C5    . G   C 1 7  ? -6.406  11.421  -0.641  1.00 31.13 ?  7   G   C C5    1 
ATOM   850  C  C6    . G   C 1 7  ? -6.290  9.997   -0.541  1.00 33.29 ?  7   G   C C6    1 
ATOM   851  O  O6    . G   C 1 7  ? -5.571  9.221   -1.180  1.00 31.91 ?  7   G   C O6    1 
ATOM   852  N  N1    . G   C 1 7  ? -7.137  9.480   0.437   1.00 30.71 ?  7   G   C N1    1 
ATOM   853  C  C2    . G   C 1 7  ? -7.969  10.221  1.229   1.00 29.32 ?  7   G   C C2    1 
ATOM   854  N  N2    . G   C 1 7  ? -8.713  9.575   2.115   1.00 32.50 ?  7   G   C N2    1 
ATOM   855  N  N3    . G   C 1 7  ? -8.075  11.520  1.161   1.00 38.17 ?  7   G   C N3    1 
ATOM   856  C  C4    . G   C 1 7  ? -7.283  12.053  0.204   1.00 33.26 ?  7   G   C C4    1 
ATOM   857  P  P     . A   C 1 8  ? -9.383  17.339  3.673   1.00 51.65 ?  8   A   C P     1 
ATOM   858  O  OP1   . A   C 1 8  ? -10.830 17.003  3.740   1.00 44.12 ?  8   A   C OP1   1 
ATOM   859  O  OP2   . A   C 1 8  ? -8.993  18.689  3.158   1.00 48.50 -1 8   A   C OP2   1 
ATOM   860  O  "O5'" . A   C 1 8  ? -8.655  17.170  5.086   1.00 45.19 ?  8   A   C "O5'" 1 
ATOM   861  C  "C5'" . A   C 1 8  ? -7.243  17.215  5.147   1.00 39.20 ?  8   A   C "C5'" 1 
ATOM   862  C  "C4'" . A   C 1 8  ? -6.700  17.170  6.554   1.00 42.70 ?  8   A   C "C4'" 1 
ATOM   863  O  "O4'" . A   C 1 8  ? -7.035  18.372  7.283   1.00 43.58 ?  8   A   C "O4'" 1 
ATOM   864  C  "C3'" . A   C 1 8  ? -7.141  16.057  7.496   1.00 39.50 ?  8   A   C "C3'" 1 
ATOM   865  O  "O3'" . A   C 1 8  ? -6.546  14.802  7.195   1.00 40.62 ?  8   A   C "O3'" 1 
ATOM   866  C  "C2'" . A   C 1 8  ? -6.681  16.611  8.835   1.00 33.24 ?  8   A   C "C2'" 1 
ATOM   867  O  "O2'" . A   C 1 8  ? -5.273  16.512  8.921   1.00 37.94 ?  8   A   C "O2'" 1 
ATOM   868  C  "C1'" . A   C 1 8  ? -7.000  18.094  8.668   1.00 37.21 ?  8   A   C "C1'" 1 
ATOM   869  N  N9    . A   C 1 8  ? -8.284  18.467  9.282   1.00 34.98 ?  8   A   C N9    1 
ATOM   870  C  C8    . A   C 1 8  ? -9.448  18.903  8.695   1.00 26.84 ?  8   A   C C8    1 
ATOM   871  N  N7    . A   C 1 8  ? -10.380 19.161  9.582   1.00 30.10 ?  8   A   C N7    1 
ATOM   872  C  C5    . A   C 1 8  ? -9.784  18.899  10.808  1.00 28.39 ?  8   A   C C5    1 
ATOM   873  C  C6    . A   C 1 8  ? -10.250 18.973  12.122  1.00 33.28 ?  8   A   C C6    1 
ATOM   874  N  N6    . A   C 1 8  ? -11.497 19.367  12.437  1.00 35.81 ?  8   A   C N6    1 
ATOM   875  N  N1    . A   C 1 8  ? -9.390  18.602  13.103  1.00 32.13 ?  8   A   C N1    1 
ATOM   876  C  C2    . A   C 1 8  ? -8.146  18.198  12.798  1.00 31.31 ?  8   A   C C2    1 
ATOM   877  N  N3    . A   C 1 8  ? -7.590  18.104  11.595  1.00 33.79 ?  8   A   C N3    1 
ATOM   878  C  C4    . A   C 1 8  ? -8.485  18.463  10.643  1.00 32.50 ?  8   A   C C4    1 
ATOM   879  P  P     . A   C 1 9  ? -7.395  13.440  7.268   1.00 37.58 ?  9   A   C P     1 
ATOM   880  O  OP1   . A   C 1 9  ? -6.543  12.377  6.652   1.00 41.60 ?  9   A   C OP1   1 
ATOM   881  O  OP2   . A   C 1 9  ? -8.746  13.638  6.707   1.00 43.16 -1 9   A   C OP2   1 
ATOM   882  O  "O5'" . A   C 1 9  ? -7.543  13.171  8.828   1.00 37.71 ?  9   A   C "O5'" 1 
ATOM   883  C  "C5'" . A   C 1 9  ? -6.402  13.127  9.679   1.00 34.87 ?  9   A   C "C5'" 1 
ATOM   884  C  "C4'" . A   C 1 9  ? -6.793  13.174  11.135  1.00 33.60 ?  9   A   C "C4'" 1 
ATOM   885  O  "O4'" . A   C 1 9  ? -7.299  14.492  11.475  1.00 34.58 ?  9   A   C "O4'" 1 
ATOM   886  C  "C3'" . A   C 1 9  ? -7.895  12.211  11.580  1.00 33.04 ?  9   A   C "C3'" 1 
ATOM   887  O  "O3'" . A   C 1 9  ? -7.374  10.927  11.916  1.00 33.82 ?  9   A   C "O3'" 1 
ATOM   888  C  "C2'" . A   C 1 9  ? -8.467  12.900  12.803  1.00 29.31 ?  9   A   C "C2'" 1 
ATOM   889  O  "O2'" . A   C 1 9  ? -7.640  12.625  13.918  1.00 31.40 ?  9   A   C "O2'" 1 
ATOM   890  C  "C1'" . A   C 1 9  ? -8.316  14.381  12.448  1.00 29.08 ?  9   A   C "C1'" 1 
ATOM   891  N  N9    . A   C 1 9  ? -9.560  14.955  11.899  1.00 29.14 ?  9   A   C N9    1 
ATOM   892  C  C8    . A   C 1 9  ? -9.882  15.034  10.573  1.00 28.40 ?  9   A   C C8    1 
ATOM   893  N  N7    . A   C 1 9  ? -11.040 15.575  10.341  1.00 30.75 ?  9   A   C N7    1 
ATOM   894  C  C5    . A   C 1 9  ? -11.518 15.890  11.596  1.00 29.08 ?  9   A   C C5    1 
ATOM   895  C  C6    . A   C 1 9  ? -12.712 16.510  12.004  1.00 30.28 ?  9   A   C C6    1 
ATOM   896  N  N6    . A   C 1 9  ? -13.650 16.925  11.153  1.00 27.78 ?  9   A   C N6    1 
ATOM   897  N  N1    . A   C 1 9  ? -12.912 16.677  13.332  1.00 34.03 ?  9   A   C N1    1 
ATOM   898  C  C2    . A   C 1 9  ? -11.947 16.244  14.175  1.00 33.11 ?  9   A   C C2    1 
ATOM   899  N  N3    . A   C 1 9  ? -10.773 15.662  13.894  1.00 32.74 ?  9   A   C N3    1 
ATOM   900  C  C4    . A   C 1 9  ? -10.613 15.515  12.570  1.00 27.05 ?  9   A   C C4    1 
ATOM   901  P  P     . G   C 1 10 ? -7.748  9.606   11.081  1.00 27.67 ?  10  G   C P     1 
ATOM   902  O  OP1   . G   C 1 10 ? -7.892  9.907   9.646   1.00 41.25 ?  10  G   C OP1   1 
ATOM   903  O  OP2   . G   C 1 10 ? -8.878  8.924   11.724  1.00 34.24 -1 10  G   C OP2   1 
ATOM   904  O  "O5'" . G   C 1 10 ? -6.378  8.799   11.031  1.00 35.56 ?  10  G   C "O5'" 1 
ATOM   905  C  "C5'" . G   C 1 10 ? -5.780  8.168   12.146  1.00 27.67 ?  10  G   C "C5'" 1 
ATOM   906  C  "C4'" . G   C 1 10 ? -5.288  6.812   11.698  1.00 31.97 ?  10  G   C "C4'" 1 
ATOM   907  O  "O4'" . G   C 1 10 ? -5.825  6.563   10.370  1.00 29.07 ?  10  G   C "O4'" 1 
ATOM   908  C  "C3'" . G   C 1 10 ? -3.781  6.629   11.521  1.00 27.09 ?  10  G   C "C3'" 1 
ATOM   909  O  "O3'" . G   C 1 10 ? -3.112  6.291   12.720  1.00 30.98 ?  10  G   C "O3'" 1 
ATOM   910  C  "C2'" . G   C 1 10 ? -3.718  5.514   10.498  1.00 29.45 ?  10  G   C "C2'" 1 
ATOM   911  O  "O2'" . G   C 1 10 ? -4.074  4.280   11.103  1.00 27.96 ?  10  G   C "O2'" 1 
ATOM   912  C  "C1'" . G   C 1 10 ? -4.859  5.910   9.577   1.00 30.94 ?  10  G   C "C1'" 1 
ATOM   913  N  N9    . G   C 1 10 ? -4.394  6.839   8.530   1.00 32.26 ?  10  G   C N9    1 
ATOM   914  C  C8    . G   C 1 10 ? -4.707  8.165   8.388   1.00 30.96 ?  10  G   C C8    1 
ATOM   915  N  N7    . G   C 1 10 ? -4.118  8.728   7.355   1.00 33.79 ?  10  G   C N7    1 
ATOM   916  C  C5    . G   C 1 10 ? -3.372  7.705   6.786   1.00 32.77 ?  10  G   C C5    1 
ATOM   917  C  C6    . G   C 1 10 ? -2.531  7.695   5.642   1.00 31.00 ?  10  G   C C6    1 
ATOM   918  O  O6    . G   C 1 10 ? -2.249  8.595   4.848   1.00 24.41 ?  10  G   C O6    1 
ATOM   919  N  N1    . G   C 1 10 ? -1.974  6.441   5.440   1.00 31.53 ?  10  G   C N1    1 
ATOM   920  C  C2    . G   C 1 10 ? -2.189  5.324   6.199   1.00 30.10 ?  10  G   C C2    1 
ATOM   921  N  N2    . G   C 1 10 ? -1.537  4.232   5.789   1.00 28.87 ?  10  G   C N2    1 
ATOM   922  N  N3    . G   C 1 10 ? -2.960  5.310   7.271   1.00 28.70 ?  10  G   C N3    1 
ATOM   923  C  C4    . G   C 1 10 ? -3.525  6.528   7.501   1.00 32.63 ?  10  G   C C4    1 
ATOM   924  P  P     . U   C 1 11 ? -1.726  6.997   13.129  1.00 32.26 ?  11  U   C P     1 
ATOM   925  O  OP1   . U   C 1 11 ? -1.552  6.804   14.569  1.00 32.67 ?  11  U   C OP1   1 
ATOM   926  O  OP2   . U   C 1 11 ? -1.703  8.400   12.627  1.00 29.77 -1 11  U   C OP2   1 
ATOM   927  O  "O5'" . U   C 1 11 ? -0.596  6.183   12.353  1.00 34.69 ?  11  U   C "O5'" 1 
ATOM   928  C  "C5'" . U   C 1 11 ? -0.673  4.788   12.068  1.00 28.90 ?  11  U   C "C5'" 1 
ATOM   929  C  "C4'" . U   C 1 11 ? 0.316   4.437   10.975  1.00 30.31 ?  11  U   C "C4'" 1 
ATOM   930  O  "O4'" . U   C 1 11 ? -0.224  4.808   9.674   1.00 32.06 ?  11  U   C "O4'" 1 
ATOM   931  C  "C3'" . U   C 1 11 ? 1.634   5.187   11.053  1.00 27.76 ?  11  U   C "C3'" 1 
ATOM   932  O  "O3'" . U   C 1 11 ? 2.545   4.569   11.929  1.00 29.51 ?  11  U   C "O3'" 1 
ATOM   933  C  "C2'" . U   C 1 11 ? 2.114   5.212   9.607   1.00 31.57 ?  11  U   C "C2'" 1 
ATOM   934  O  "O2'" . U   C 1 11 ? 2.719   3.975   9.269   1.00 34.65 ?  11  U   C "O2'" 1 
ATOM   935  C  "C1'" . U   C 1 11 ? 0.800   5.309   8.844   1.00 29.67 ?  11  U   C "C1'" 1 
ATOM   936  N  N1    . U   C 1 11 ? 0.444   6.684   8.449   1.00 30.37 ?  11  U   C N1    1 
ATOM   937  C  C2    . U   C 1 11 ? 0.957   7.195   7.270   1.00 29.68 ?  11  U   C C2    1 
ATOM   938  O  O2    . U   C 1 11 ? 1.741   6.602   6.567   1.00 29.33 ?  11  U   C O2    1 
ATOM   939  N  N3    . U   C 1 11 ? 0.557   8.457   6.931   1.00 31.67 ?  11  U   C N3    1 
ATOM   940  C  C4    . U   C 1 11 ? -0.306  9.259   7.624   1.00 30.89 ?  11  U   C C4    1 
ATOM   941  O  O4    . U   C 1 11 ? -0.567  10.367  7.165   1.00 36.14 ?  11  U   C O4    1 
ATOM   942  C  C5    . U   C 1 11 ? -0.810  8.665   8.832   1.00 36.22 ?  11  U   C C5    1 
ATOM   943  C  C6    . U   C 1 11 ? -0.432  7.424   9.199   1.00 30.89 ?  11  U   C C6    1 
ATOM   944  P  P     . C   C 1 12 ? 3.544   5.456   12.827  1.00 34.39 ?  12  C   C P     1 
ATOM   945  O  OP1   . C   C 1 12 ? 3.902   4.593   13.979  1.00 32.12 ?  12  C   C OP1   1 
ATOM   946  O  OP2   . C   C 1 12 ? 3.009   6.824   13.042  1.00 32.92 -1 12  C   C OP2   1 
ATOM   947  O  "O5'" . C   C 1 12 ? 4.812   5.661   11.893  1.00 33.01 ?  12  C   C "O5'" 1 
ATOM   948  C  "C5'" . C   C 1 12 ? 5.437   4.550   11.266  1.00 36.04 ?  12  C   C "C5'" 1 
ATOM   949  C  "C4'" . C   C 1 12 ? 6.240   4.990   10.079  1.00 32.49 ?  12  C   C "C4'" 1 
ATOM   950  O  "O4'" . C   C 1 12 ? 5.348   5.387   9.008   1.00 33.22 ?  12  C   C "O4'" 1 
ATOM   951  C  "C3'" . C   C 1 12 ? 7.083   6.223   10.297  1.00 34.55 ?  12  C   C "C3'" 1 
ATOM   952  O  "O3'" . C   C 1 12 ? 8.286   5.965   10.962  1.00 40.32 ?  12  C   C "O3'" 1 
ATOM   953  C  "C2'" . C   C 1 12 ? 7.304   6.703   8.887   1.00 40.53 ?  12  C   C "C2'" 1 
ATOM   954  O  "O2'" . C   C 1 12 ? 8.213   5.807   8.259   1.00 39.78 ?  12  C   C "O2'" 1 
ATOM   955  C  "C1'" . C   C 1 12 ? 5.927   6.457   8.289   1.00 37.52 ?  12  C   C "C1'" 1 
ATOM   956  N  N1    . C   C 1 12 ? 5.009   7.638   8.336   1.00 33.47 ?  12  C   C N1    1 
ATOM   957  C  C2    . C   C 1 12 ? 4.934   8.376   7.156   1.00 31.02 ?  12  C   C C2    1 
ATOM   958  O  O2    . C   C 1 12 ? 5.669   8.030   6.224   1.00 30.64 ?  12  C   C O2    1 
ATOM   959  N  N3    . C   C 1 12 ? 4.089   9.434   7.063   1.00 30.25 ?  12  C   C N3    1 
ATOM   960  C  C4    . C   C 1 12 ? 3.335   9.769   8.103   1.00 29.12 ?  12  C   C C4    1 
ATOM   961  N  N4    . C   C 1 12 ? 2.547   10.830  7.937   1.00 30.95 ?  12  C   C N4    1 
ATOM   962  C  C5    . C   C 1 12 ? 3.382   9.043   9.340   1.00 28.17 ?  12  C   C C5    1 
ATOM   963  C  C6    . C   C 1 12 ? 4.218   7.993   9.403   1.00 27.94 ?  12  C   C C6    1 
ATOM   964  P  P     . G   C 1 13 ? 9.135   7.216   11.462  1.00 51.39 ?  13  G   C P     1 
ATOM   965  O  OP1   . G   C 1 13 ? 9.911   6.812   12.663  1.00 44.06 ?  13  G   C OP1   1 
ATOM   966  O  OP2   . G   C 1 13 ? 8.185   8.369   11.522  1.00 44.94 -1 13  G   C OP2   1 
ATOM   967  O  "O5'" . G   C 1 13 ? 10.135  7.462   10.244  1.00 46.51 ?  13  G   C "O5'" 1 
ATOM   968  C  "C5'" . G   C 1 13 ? 10.563  8.777   9.927   1.00 41.05 ?  13  G   C "C5'" 1 
ATOM   969  C  "C4'" . G   C 1 13 ? 10.967  8.903   8.482   1.00 36.92 ?  13  G   C "C4'" 1 
ATOM   970  O  "O4'" . G   C 1 13 ? 9.822   8.666   7.627   1.00 35.59 ?  13  G   C "O4'" 1 
ATOM   971  C  "C3'" . G   C 1 13 ? 11.453  10.288  8.097   1.00 40.54 ?  13  G   C "C3'" 1 
ATOM   972  O  "O3'" . G   C 1 13 ? 12.824  10.456  8.351   1.00 42.58 ?  13  G   C "O3'" 1 
ATOM   973  C  "C2'" . G   C 1 13 ? 11.102  10.385  6.630   1.00 38.08 ?  13  G   C "C2'" 1 
ATOM   974  O  "O2'" . G   C 1 13 ? 12.049  9.655   5.876   1.00 42.87 ?  13  G   C "O2'" 1 
ATOM   975  C  "C1'" . G   C 1 13 ? 9.772   9.640   6.607   1.00 41.01 ?  13  G   C "C1'" 1 
ATOM   976  N  N9    . G   C 1 13 ? 8.614   10.523  6.904   1.00 34.49 ?  13  G   C N9    1 
ATOM   977  C  C8    . G   C 1 13 ? 7.803   10.357  8.005   1.00 33.74 ?  13  G   C C8    1 
ATOM   978  N  N7    . G   C 1 13 ? 6.840   11.219  8.079   1.00 34.51 ?  13  G   C N7    1 
ATOM   979  C  C5    . G   C 1 13 ? 7.009   11.997  6.952   1.00 32.51 ?  13  G   C C5    1 
ATOM   980  C  C6    . G   C 1 13 ? 6.251   13.105  6.516   1.00 30.52 ?  13  G   C C6    1 
ATOM   981  O  O6    . G   C 1 13 ? 5.254   13.596  7.049   1.00 33.99 ?  13  G   C O6    1 
ATOM   982  N  N1    . G   C 1 13 ? 6.744   13.650  5.345   1.00 29.99 ?  13  G   C N1    1 
ATOM   983  C  C2    . G   C 1 13 ? 7.830   13.190  4.666   1.00 33.04 ?  13  G   C C2    1 
ATOM   984  N  N2    . G   C 1 13 ? 8.127   13.869  3.547   1.00 36.06 ?  13  G   C N2    1 
ATOM   985  N  N3    . G   C 1 13 ? 8.565   12.152  5.063   1.00 36.15 ?  13  G   C N3    1 
ATOM   986  C  C4    . G   C 1 13 ? 8.101   11.597  6.213   1.00 33.57 ?  13  G   C C4    1 
ATOM   987  P  P     . C   C 1 14 ? 13.284  11.637  9.312   1.00 47.60 ?  14  C   C P     1 
ATOM   988  O  OP1   . C   C 1 14 ? 14.630  11.243  9.815   1.00 50.78 ?  14  C   C OP1   1 
ATOM   989  O  OP2   . C   C 1 14 ? 12.203  11.887  10.296  1.00 41.71 -1 14  C   C OP2   1 
ATOM   990  O  "O5'" . C   C 1 14 ? 13.347  12.890  8.328   1.00 43.05 ?  14  C   C "O5'" 1 
ATOM   991  C  "C5'" . C   C 1 14 ? 14.135  12.833  7.146   1.00 44.69 ?  14  C   C "C5'" 1 
ATOM   992  C  "C4'" . C   C 1 14 ? 13.699  13.853  6.129   1.00 39.57 ?  14  C   C "C4'" 1 
ATOM   993  O  "O4'" . C   C 1 14 ? 12.343  13.568  5.704   1.00 41.90 ?  14  C   C "O4'" 1 
ATOM   994  C  "C3'" . C   C 1 14 ? 13.621  15.287  6.611   1.00 38.50 ?  14  C   C "C3'" 1 
ATOM   995  O  "O3'" . C   C 1 14 ? 14.865  15.945  6.666   1.00 45.10 ?  14  C   C "O3'" 1 
ATOM   996  C  "C2'" . C   C 1 14 ? 12.680  15.902  5.602   1.00 42.36 ?  14  C   C "C2'" 1 
ATOM   997  O  "O2'" . C   C 1 14 ? 13.356  16.059  4.368   1.00 47.87 ?  14  C   C "O2'" 1 
ATOM   998  C  "C1'" . C   C 1 14 ? 11.667  14.779  5.443   1.00 39.62 ?  14  C   C "C1'" 1 
ATOM   999  N  N1    . C   C 1 14 ? 10.547  14.915  6.404   1.00 37.13 ?  14  C   C N1    1 
ATOM   1000 C  C2    . C   C 1 14 ? 9.544   15.851  6.125   1.00 36.31 ?  14  C   C C2    1 
ATOM   1001 O  O2    . C   C 1 14 ? 9.636   16.536  5.090   1.00 36.60 ?  14  C   C O2    1 
ATOM   1002 N  N3    . C   C 1 14 ? 8.512   15.994  6.983   1.00 32.78 ?  14  C   C N3    1 
ATOM   1003 C  C4    . C   C 1 14 ? 8.465   15.246  8.086   1.00 35.72 ?  14  C   C C4    1 
ATOM   1004 N  N4    . C   C 1 14 ? 7.436   15.406  8.927   1.00 30.71 ?  14  C   C N4    1 
ATOM   1005 C  C5    . C   C 1 14 ? 9.490   14.308  8.394   1.00 31.60 ?  14  C   C C5    1 
ATOM   1006 C  C6    . C   C 1 14 ? 10.496  14.169  7.533   1.00 32.66 ?  14  C   C C6    1 
ATOM   1007 P  P     . U   C 1 15 ? 15.168  16.897  7.920   1.00 51.43 ?  15  U   C P     1 
ATOM   1008 O  OP1   . U   C 1 15 ? 16.633  17.073  8.016   1.00 49.20 ?  15  U   C OP1   1 
ATOM   1009 O  OP2   . U   C 1 15 ? 14.360  16.400  9.075   1.00 43.57 -1 15  U   C OP2   1 
ATOM   1010 O  "O5'" . U   C 1 15 ? 14.506  18.289  7.530   1.00 46.61 ?  15  U   C "O5'" 1 
ATOM   1011 C  "C5'" . U   C 1 15 ? 14.840  18.955  6.330   1.00 47.69 ?  15  U   C "C5'" 1 
ATOM   1012 C  "C4'" . U   C 1 15 ? 13.800  19.987  5.992   1.00 42.67 ?  15  U   C "C4'" 1 
ATOM   1013 O  "O4'" . U   C 1 15 ? 12.523  19.319  5.816   1.00 38.58 ?  15  U   C "O4'" 1 
ATOM   1014 C  "C3'" . U   C 1 15 ? 13.499  21.018  7.071   1.00 43.71 ?  15  U   C "C3'" 1 
ATOM   1015 O  "O3'" . U   C 1 15 ? 14.454  22.048  7.207   1.00 44.86 ?  15  U   C "O3'" 1 
ATOM   1016 C  "C2'" . U   C 1 15 ? 12.119  21.498  6.671   1.00 42.80 ?  15  U   C "C2'" 1 
ATOM   1017 O  "O2'" . U   C 1 15 ? 12.184  22.350  5.528   1.00 40.48 ?  15  U   C "O2'" 1 
ATOM   1018 C  "C1'" . U   C 1 15 ? 11.481  20.175  6.256   1.00 39.99 ?  15  U   C "C1'" 1 
ATOM   1019 N  N1    . U   C 1 15 ? 10.765  19.526  7.383   1.00 40.90 ?  15  U   C N1    1 
ATOM   1020 C  C2    . U   C 1 15 ? 9.524   20.045  7.719   1.00 39.01 ?  15  U   C C2    1 
ATOM   1021 O  O2    . U   C 1 15 ? 9.031   20.999  7.139   1.00 38.53 ?  15  U   C O2    1 
ATOM   1022 N  N3    . U   C 1 15 ? 8.886   19.415  8.760   1.00 32.72 ?  15  U   C N3    1 
ATOM   1023 C  C4    . U   C 1 15 ? 9.352   18.346  9.480   1.00 32.94 ?  15  U   C C4    1 
ATOM   1024 O  O4    . U   C 1 15 ? 8.653   17.891  10.381  1.00 33.84 ?  15  U   C O4    1 
ATOM   1025 C  C5    . U   C 1 15 ? 10.631  17.872  9.085   1.00 34.16 ?  15  U   C C5    1 
ATOM   1026 C  C6    . U   C 1 15 ? 11.276  18.460  8.076   1.00 38.11 ?  15  U   C C6    1 
ATOM   1027 P  P     . G   C 1 16 ? 14.748  22.638  8.678   1.00 48.85 ?  16  G   C P     1 
ATOM   1028 O  OP1   . G   C 1 16 ? 15.971  23.469  8.511   1.00 45.32 ?  16  G   C OP1   1 
ATOM   1029 O  OP2   . G   C 1 16 ? 14.663  21.591  9.731   1.00 43.46 -1 16  G   C OP2   1 
ATOM   1030 O  "O5'" . G   C 1 16 ? 13.507  23.593  8.969   1.00 41.98 ?  16  G   C "O5'" 1 
ATOM   1031 C  "C5'" . G   C 1 16 ? 13.244  24.694  8.114   1.00 39.28 ?  16  G   C "C5'" 1 
ATOM   1032 C  "C4'" . G   C 1 16 ? 11.878  25.247  8.354   1.00 33.04 ?  16  G   C "C4'" 1 
ATOM   1033 O  "O4'" . G   C 1 16 ? 10.892  24.213  8.128   1.00 40.49 ?  16  G   C "O4'" 1 
ATOM   1034 C  "C3'" . G   C 1 16 ? 11.602  25.681  9.775   1.00 36.05 ?  16  G   C "C3'" 1 
ATOM   1035 O  "O3'" . G   C 1 16 ? 12.184  26.918  10.109  1.00 36.90 ?  16  G   C "O3'" 1 
ATOM   1036 C  "C2'" . G   C 1 16 ? 10.087  25.659  9.810   1.00 36.87 ?  16  G   C "C2'" 1 
ATOM   1037 O  "O2'" . G   C 1 16 ? 9.568   26.710  9.016   1.00 36.25 ?  16  G   C "O2'" 1 
ATOM   1038 C  "C1'" . G   C 1 16 ? 9.825   24.368  9.049   1.00 42.18 ?  16  G   C "C1'" 1 
ATOM   1039 N  N9    . G   C 1 16 ? 9.788   23.175  9.933   1.00 37.87 ?  16  G   C N9    1 
ATOM   1040 C  C8    . G   C 1 16 ? 10.786  22.232  10.032  1.00 39.10 ?  16  G   C C8    1 
ATOM   1041 N  N7    . G   C 1 16 ? 10.510  21.267  10.872  1.00 36.51 ?  16  G   C N7    1 
ATOM   1042 C  C5    . G   C 1 16 ? 9.252   21.588  11.369  1.00 34.65 ?  16  G   C C5    1 
ATOM   1043 C  C6    . G   C 1 16 ? 8.447   20.885  12.311  1.00 35.08 ?  16  G   C C6    1 
ATOM   1044 O  O6    . G   C 1 16 ? 8.669   19.832  12.926  1.00 36.13 ?  16  G   C O6    1 
ATOM   1045 N  N1    . G   C 1 16 ? 7.257   21.544  12.534  1.00 32.53 ?  16  G   C N1    1 
ATOM   1046 C  C2    . G   C 1 16 ? 6.887   22.716  11.936  1.00 33.93 ?  16  G   C C2    1 
ATOM   1047 N  N2    . G   C 1 16 ? 5.682   23.140  12.331  1.00 34.35 ?  16  G   C N2    1 
ATOM   1048 N  N3    . G   C 1 16 ? 7.611   23.390  11.049  1.00 30.53 ?  16  G   C N3    1 
ATOM   1049 C  C4    . G   C 1 16 ? 8.785   22.765  10.808  1.00 31.50 ?  16  G   C C4    1 
ATOM   1050 P  P     . G   C 1 17 ? 12.575  27.226  11.625  1.00 40.90 ?  17  G   C P     1 
ATOM   1051 O  OP1   . G   C 1 17 ? 13.345  28.491  11.602  1.00 39.85 ?  17  G   C OP1   1 
ATOM   1052 O  OP2   . G   C 1 17 ? 13.154  26.036  12.274  1.00 36.15 -1 17  G   C OP2   1 
ATOM   1053 O  "O5'" . G   C 1 17 ? 11.164  27.511  12.315  1.00 41.56 ?  17  G   C "O5'" 1 
ATOM   1054 C  "C5'" . G   C 1 17 ? 10.392  28.635  11.915  1.00 37.50 ?  17  G   C "C5'" 1 
ATOM   1055 C  "C4'" . G   C 1 17 ? 9.179   28.848  12.789  1.00 38.64 ?  17  G   C "C4'" 1 
ATOM   1056 O  "O4'" . G   C 1 17 ? 8.186   27.813  12.555  1.00 33.59 ?  17  G   C "O4'" 1 
ATOM   1057 C  "C3'" . G   C 1 17 ? 9.415   28.809  14.293  1.00 39.82 ?  17  G   C "C3'" 1 
ATOM   1058 O  "O3'" . G   C 1 17 ? 9.916   30.037  14.798  1.00 41.86 ?  17  G   C "O3'" 1 
ATOM   1059 C  "C2'" . G   C 1 17 ? 8.035   28.465  14.827  1.00 35.14 ?  17  G   C "C2'" 1 
ATOM   1060 O  "O2'" . G   C 1 17 ? 7.198   29.617  14.788  1.00 31.90 ?  17  G   C "O2'" 1 
ATOM   1061 C  "C1'" . G   C 1 17 ? 7.541   27.485  13.765  1.00 32.91 ?  17  G   C "C1'" 1 
ATOM   1062 N  N9    . G   C 1 17 ? 7.860   26.081  14.089  1.00 30.84 ?  17  G   C N9    1 
ATOM   1063 C  C8    . G   C 1 17 ? 8.926   25.335  13.645  1.00 35.13 ?  17  G   C C8    1 
ATOM   1064 N  N7    . G   C 1 17 ? 8.937   24.099  14.086  1.00 32.26 ?  17  G   C N7    1 
ATOM   1065 C  C5    . G   C 1 17 ? 7.797   24.018  14.855  1.00 27.64 ?  17  G   C C5    1 
ATOM   1066 C  C6    . G   C 1 17 ? 7.284   22.940  15.581  1.00 28.66 ?  17  G   C C6    1 
ATOM   1067 O  O6    . G   C 1 17 ? 7.749   21.802  15.686  1.00 29.11 ?  17  G   C O6    1 
ATOM   1068 N  N1    . G   C 1 17 ? 6.116   23.277  16.232  1.00 27.78 ?  17  G   C N1    1 
ATOM   1069 C  C2    . G   C 1 17 ? 5.503   24.498  16.200  1.00 31.63 ?  17  G   C C2    1 
ATOM   1070 N  N2    . G   C 1 17 ? 4.368   24.633  16.903  1.00 30.03 ?  17  G   C N2    1 
ATOM   1071 N  N3    . G   C 1 17 ? 5.974   25.527  15.518  1.00 37.39 ?  17  G   C N3    1 
ATOM   1072 C  C4    . G   C 1 17 ? 7.125   25.221  14.875  1.00 35.83 ?  17  G   C C4    1 
ATOM   1073 O  "O5'" . C   D 2 1  ? -0.440  18.734  16.649  1.00 47.66 ?  20  C   D "O5'" 1 
ATOM   1074 C  "C5'" . C   D 2 1  ? -1.063  19.409  15.567  1.00 42.37 ?  20  C   D "C5'" 1 
ATOM   1075 C  "C4'" . C   D 2 1  ? -0.629  20.856  15.468  1.00 42.54 ?  20  C   D "C4'" 1 
ATOM   1076 O  "O4'" . C   D 2 1  ? 0.641   21.043  16.147  1.00 41.02 ?  20  C   D "O4'" 1 
ATOM   1077 C  "C3'" . C   D 2 1  ? -0.387  21.371  14.055  1.00 39.70 ?  20  C   D "C3'" 1 
ATOM   1078 O  "O3'" . C   D 2 1  ? -1.587  21.806  13.433  1.00 40.80 ?  20  C   D "O3'" 1 
ATOM   1079 C  "C2'" . C   D 2 1  ? 0.632   22.490  14.264  1.00 40.03 ?  20  C   D "C2'" 1 
ATOM   1080 O  "O2'" . C   D 2 1  ? -0.020  23.687  14.669  1.00 42.57 ?  20  C   D "O2'" 1 
ATOM   1081 C  "C1'" . C   D 2 1  ? 1.450   21.951  15.437  1.00 34.36 ?  20  C   D "C1'" 1 
ATOM   1082 N  N1    . C   D 2 1  ? 2.650   21.191  15.029  1.00 31.87 ?  20  C   D N1    1 
ATOM   1083 C  C2    . C   D 2 1  ? 3.725   21.744  14.349  1.00 33.85 ?  20  C   D C2    1 
ATOM   1084 O  O2    . C   D 2 1  ? 3.701   22.943  13.996  1.00 31.99 ?  20  C   D O2    1 
ATOM   1085 N  N3    . C   D 2 1  ? 4.774   20.921  14.069  1.00 32.79 ?  20  C   D N3    1 
ATOM   1086 C  C4    . C   D 2 1  ? 4.795   19.646  14.442  1.00 31.45 ?  20  C   D C4    1 
ATOM   1087 N  N4    . C   D 2 1  ? 5.866   18.892  14.144  1.00 35.57 ?  20  C   D N4    1 
ATOM   1088 C  C5    . C   D 2 1  ? 3.720   19.073  15.157  1.00 31.13 ?  20  C   D C5    1 
ATOM   1089 C  C6    . C   D 2 1  ? 2.699   19.888  15.418  1.00 32.13 ?  20  C   D C6    1 
ATOM   1090 P  P     . A   D 2 2  ? -2.093  21.147  12.055  1.00 44.16 ?  21  A   D P     1 
ATOM   1091 O  OP1   . A   D 2 2  ? -3.516  21.535  11.945  1.00 39.53 ?  21  A   D OP1   1 
ATOM   1092 O  OP2   . A   D 2 2  ? -1.707  19.713  11.903  1.00 32.44 -1 21  A   D OP2   1 
ATOM   1093 O  "O5'" . A   D 2 2  ? -1.238  21.910  10.956  1.00 36.69 ?  21  A   D "O5'" 1 
ATOM   1094 C  "C5'" . A   D 2 2  ? -1.324  23.313  10.830  1.00 38.98 ?  21  A   D "C5'" 1 
ATOM   1095 C  "C4'" . A   D 2 2  ? -0.279  23.827  9.884   1.00 35.26 ?  21  A   D "C4'" 1 
ATOM   1096 O  "O4'" . A   D 2 2  ? 1.001   23.935  10.560  1.00 29.40 ?  21  A   D "O4'" 1 
ATOM   1097 C  "C3'" . A   D 2 2  ? 0.030   22.947  8.689   1.00 33.12 ?  21  A   D "C3'" 1 
ATOM   1098 O  "O3'" . A   D 2 2  ? -0.957  23.002  7.673   1.00 37.46 ?  21  A   D "O3'" 1 
ATOM   1099 C  "C2'" . A   D 2 2  ? 1.386   23.480  8.281   1.00 30.78 ?  21  A   D "C2'" 1 
ATOM   1100 O  "O2'" . A   D 2 2  ? 1.234   24.773  7.716   1.00 33.98 ?  21  A   D "O2'" 1 
ATOM   1101 C  "C1'" . A   D 2 2  ? 2.035   23.642  9.651   1.00 30.39 ?  21  A   D "C1'" 1 
ATOM   1102 N  N9    . A   D 2 2  ? 2.697   22.395  10.091  1.00 30.35 ?  21  A   D N9    1 
ATOM   1103 C  C8    . A   D 2 2  ? 2.233   21.403  10.913  1.00 31.94 ?  21  A   D C8    1 
ATOM   1104 N  N7    . A   D 2 2  ? 3.078   20.420  11.086  1.00 30.81 ?  21  A   D N7    1 
ATOM   1105 C  C5    . A   D 2 2  ? 4.173   20.772  10.321  1.00 32.71 ?  21  A   D C5    1 
ATOM   1106 C  C6    . A   D 2 2  ? 5.433   20.163  10.068  1.00 33.60 ?  21  A   D C6    1 
ATOM   1107 N  N6    . A   D 2 2  ? 5.876   19.002  10.565  1.00 25.69 ?  21  A   D N6    1 
ATOM   1108 N  N1    . A   D 2 2  ? 6.277   20.827  9.240   1.00 34.26 ?  21  A   D N1    1 
ATOM   1109 C  C2    . A   D 2 2  ? 5.896   21.998  8.721   1.00 32.40 ?  21  A   D C2    1 
ATOM   1110 N  N3    . A   D 2 2  ? 4.759   22.669  8.892   1.00 29.96 ?  21  A   D N3    1 
ATOM   1111 C  C4    . A   D 2 2  ? 3.935   21.988  9.703   1.00 30.95 ?  21  A   D C4    1 
ATOM   1112 P  P     . G   D 2 3  ? -1.122  21.806  6.609   1.00 33.14 ?  22  G   D P     1 
ATOM   1113 O  OP1   . G   D 2 3  ? -2.255  22.205  5.745   1.00 39.07 ?  22  G   D OP1   1 
ATOM   1114 O  OP2   . G   D 2 3  ? -1.155  20.475  7.256   1.00 39.02 -1 22  G   D OP2   1 
ATOM   1115 O  "O5'" . G   D 2 3  ? 0.202   21.902  5.744   1.00 32.08 ?  22  G   D "O5'" 1 
ATOM   1116 C  "C5'" . G   D 2 3  ? 0.470   23.083  5.004   1.00 32.86 ?  22  G   D "C5'" 1 
ATOM   1117 C  "C4'" . G   D 2 3  ? 1.832   23.032  4.372   1.00 32.18 ?  22  G   D "C4'" 1 
ATOM   1118 O  "O4'" . G   D 2 3  ? 2.841   23.028  5.406   1.00 34.49 ?  22  G   D "O4'" 1 
ATOM   1119 C  "C3'" . G   D 2 3  ? 2.155   21.798  3.543   1.00 29.69 ?  22  G   D "C3'" 1 
ATOM   1120 O  "O3'" . G   D 2 3  ? 1.625   21.860  2.234   1.00 30.34 ?  22  G   D "O3'" 1 
ATOM   1121 C  "C2'" . G   D 2 3  ? 3.671   21.791  3.572   1.00 30.27 ?  22  G   D "C2'" 1 
ATOM   1122 O  "O2'" . G   D 2 3  ? 4.202   22.770  2.692   1.00 30.87 ?  22  G   D "O2'" 1 
ATOM   1123 C  "C1'" . G   D 2 3  ? 3.931   22.226  5.008   1.00 32.96 ?  22  G   D "C1'" 1 
ATOM   1124 N  N9    . G   D 2 3  ? 3.935   21.050  5.881   1.00 32.13 ?  22  G   D N9    1 
ATOM   1125 C  C8    . G   D 2 3  ? 2.932   20.665  6.725   1.00 31.04 ?  22  G   D C8    1 
ATOM   1126 N  N7    . G   D 2 3  ? 3.194   19.568  7.363   1.00 31.97 ?  22  G   D N7    1 
ATOM   1127 C  C5    . G   D 2 3  ? 4.430   19.210  6.861   1.00 32.05 ?  22  G   D C5    1 
ATOM   1128 C  C6    . G   D 2 3  ? 5.228   18.100  7.181   1.00 34.06 ?  22  G   D C6    1 
ATOM   1129 O  O6    . G   D 2 3  ? 4.926   17.212  7.984   1.00 33.93 ?  22  G   D O6    1 
ATOM   1130 N  N1    . G   D 2 3  ? 6.423   18.096  6.462   1.00 30.28 ?  22  G   D N1    1 
ATOM   1131 C  C2    . G   D 2 3  ? 6.795   19.053  5.566   1.00 33.20 ?  22  G   D C2    1 
ATOM   1132 N  N2    . G   D 2 3  ? 7.983   18.895  4.973   1.00 36.78 ?  22  G   D N2    1 
ATOM   1133 N  N3    . G   D 2 3  ? 6.054   20.107  5.262   1.00 33.60 ?  22  G   D N3    1 
ATOM   1134 C  C4    . G   D 2 3  ? 4.901   20.108  5.946   1.00 30.56 ?  22  G   D C4    1 
ATOM   1135 P  P     . C   D 2 4  ? 0.996   20.563  1.540   1.00 38.55 ?  23  C   D P     1 
ATOM   1136 O  OP1   . C   D 2 4  ? 0.263   20.965  0.311   1.00 33.00 ?  23  C   D OP1   1 
ATOM   1137 O  OP2   . C   D 2 4  ? 0.250   19.823  2.580   1.00 32.12 -1 23  C   D OP2   1 
ATOM   1138 O  "O5'" . C   D 2 4  ? 2.274   19.756  1.040   1.00 33.99 ?  23  C   D "O5'" 1 
ATOM   1139 C  "C5'" . C   D 2 4  ? 3.162   20.314  0.082   1.00 28.63 ?  23  C   D "C5'" 1 
ATOM   1140 C  "C4'" . C   D 2 4  ? 4.419   19.500  -0.049  1.00 29.40 ?  23  C   D "C4'" 1 
ATOM   1141 O  "O4'" . C   D 2 4  ? 5.158   19.553  1.204   1.00 35.50 ?  23  C   D "O4'" 1 
ATOM   1142 C  "C3'" . C   D 2 4  ? 4.228   18.006  -0.281  1.00 33.33 ?  23  C   D "C3'" 1 
ATOM   1143 O  "O3'" . C   D 2 4  ? 3.917   17.648  -1.605  1.00 36.26 ?  23  C   D "O3'" 1 
ATOM   1144 C  "C2'" . C   D 2 4  ? 5.546   17.436  0.194   1.00 34.89 ?  23  C   D "C2'" 1 
ATOM   1145 O  "O2'" . C   D 2 4  ? 6.562   17.660  -0.775  1.00 39.16 ?  23  C   D "O2'" 1 
ATOM   1146 C  "C1'" . C   D 2 4  ? 5.808   18.310  1.425   1.00 33.30 ?  23  C   D "C1'" 1 
ATOM   1147 N  N1    . C   D 2 4  ? 5.235   17.669  2.633   1.00 31.29 ?  23  C   D N1    1 
ATOM   1148 C  C2    . C   D 2 4  ? 5.976   16.622  3.211   1.00 33.13 ?  23  C   D C2    1 
ATOM   1149 O  O2    . C   D 2 4  ? 7.076   16.324  2.706   1.00 36.86 ?  23  C   D O2    1 
ATOM   1150 N  N3    . C   D 2 4  ? 5.509   15.971  4.298   1.00 27.80 ?  23  C   D N3    1 
ATOM   1151 C  C4    . C   D 2 4  ? 4.323   16.332  4.778   1.00 33.03 ?  23  C   D C4    1 
ATOM   1152 N  N4    . C   D 2 4  ? 3.890   15.675  5.847   1.00 32.41 ?  23  C   D N4    1 
ATOM   1153 C  C5    . C   D 2 4  ? 3.521   17.379  4.199   1.00 33.21 ?  23  C   D C5    1 
ATOM   1154 C  C6    . C   D 2 4  ? 4.008   18.016  3.132   1.00 29.83 ?  23  C   D C6    1 
ATOM   1155 P  P     . G   D 2 5  ? 2.814   16.509  -1.857  1.00 41.83 ?  24  G   D P     1 
ATOM   1156 O  OP1   . G   D 2 5  ? 2.235   16.786  -3.203  1.00 39.39 ?  24  G   D OP1   1 
ATOM   1157 O  OP2   . G   D 2 5  ? 1.925   16.451  -0.658  1.00 38.61 -1 24  G   D OP2   1 
ATOM   1158 O  "O5'" . G   D 2 5  ? 3.628   15.130  -1.789  1.00 43.28 ?  24  G   D "O5'" 1 
ATOM   1159 C  "C5'" . G   D 2 5  ? 4.887   14.948  -2.432  1.00 36.89 ?  24  G   D "C5'" 1 
ATOM   1160 C  "C4'" . G   D 2 5  ? 5.706   13.860  -1.769  1.00 34.72 ?  24  G   D "C4'" 1 
ATOM   1161 O  "O4'" . G   D 2 5  ? 6.019   14.247  -0.408  1.00 34.30 ?  24  G   D "O4'" 1 
ATOM   1162 C  "C3'" . G   D 2 5  ? 5.050   12.491  -1.615  1.00 37.21 ?  24  G   D "C3'" 1 
ATOM   1163 O  "O3'" . G   D 2 5  ? 5.153   11.700  -2.776  1.00 33.65 ?  24  G   D "O3'" 1 
ATOM   1164 C  "C2'" . G   D 2 5  ? 5.813   11.886  -0.454  1.00 31.96 ?  24  G   D "C2'" 1 
ATOM   1165 O  "O2'" . G   D 2 5  ? 7.066   11.413  -0.908  1.00 37.71 ?  24  G   D "O2'" 1 
ATOM   1166 C  "C1'" . G   D 2 5  ? 6.061   13.109  0.419   1.00 32.07 ?  24  G   D "C1'" 1 
ATOM   1167 N  N9    . G   D 2 5  ? 5.042   13.244  1.465   1.00 30.54 ?  24  G   D N9    1 
ATOM   1168 C  C8    . G   D 2 5  ? 4.026   14.153  1.607   1.00 29.26 ?  24  G   D C8    1 
ATOM   1169 N  N7    . G   D 2 5  ? 3.310   13.938  2.690   1.00 31.33 ?  24  G   D N7    1 
ATOM   1170 C  C5    . G   D 2 5  ? 3.912   12.838  3.293   1.00 32.97 ?  24  G   D C5    1 
ATOM   1171 C  C6    . G   D 2 5  ? 3.615   12.128  4.477   1.00 30.69 ?  24  G   D C6    1 
ATOM   1172 O  O6    . G   D 2 5  ? 2.727   12.313  5.317   1.00 32.87 ?  24  G   D O6    1 
ATOM   1173 N  N1    . G   D 2 5  ? 4.503   11.089  4.655   1.00 29.33 ?  24  G   D N1    1 
ATOM   1174 C  C2    . G   D 2 5  ? 5.530   10.723  3.838   1.00 29.36 ?  24  G   D C2    1 
ATOM   1175 N  N2    . G   D 2 5  ? 6.256   9.656   4.206   1.00 31.39 ?  24  G   D N2    1 
ATOM   1176 N  N3    . G   D 2 5  ? 5.836   11.373  2.745   1.00 32.61 ?  24  G   D N3    1 
ATOM   1177 C  C4    . G   D 2 5  ? 4.985   12.405  2.541   1.00 34.10 ?  24  G   D C4    1 
HETATM 1178 P  P     . 75B D 2 6  ? 4.130   10.501  -3.012  1.00 35.24 ?  25  75B D P     1 
HETATM 1179 C  "C5'" . 75B D 2 6  ? 5.734   8.642   -2.099  1.00 29.43 ?  25  75B D "C5'" 1 
HETATM 1180 O  "O5'" . 75B D 2 6  ? 4.551   9.397   -1.933  1.00 34.72 ?  25  75B D "O5'" 1 
HETATM 1181 C  "C4'" . 75B D 2 6  ? 5.885   7.567   -1.058  1.00 28.58 ?  25  75B D "C4'" 1 
HETATM 1182 O  "O4'" . 75B D 2 6  ? 5.987   8.123   0.279   1.00 35.21 ?  25  75B D "O4'" 1 
HETATM 1183 C  "C3'" . 75B D 2 6  ? 4.771   6.550   -0.934  1.00 32.47 ?  25  75B D "C3'" 1 
HETATM 1184 O  "O3'" . 75B D 2 6  ? 4.746   5.603   -1.987  1.00 29.58 ?  25  75B D "O3'" 1 
HETATM 1185 C  "C2'" . 75B D 2 6  ? 5.059   5.943   0.427   1.00 31.38 ?  25  75B D "C2'" 1 
HETATM 1186 O  "O2'" . 75B D 2 6  ? 6.190   5.087   0.315   1.00 30.31 ?  25  75B D "O2'" 1 
HETATM 1187 C  "C1'" . 75B D 2 6  ? 5.475   7.189   1.216   1.00 32.39 ?  25  75B D "C1'" 1 
HETATM 1188 N  N1    . 75B D 2 6  ? 4.359   7.817   1.987   1.00 32.27 ?  25  75B D N1    1 
HETATM 1189 C  C2    . 75B D 2 6  ? 4.047   7.311   3.167   1.00 33.01 ?  25  75B D C2    1 
HETATM 1190 O  O2    . 75B D 2 6  ? 4.658   6.379   3.529   1.00 34.90 ?  25  75B D O2    1 
HETATM 1191 N  N3    . 75B D 2 6  ? 3.083   7.811   3.930   1.00 28.50 ?  25  75B D N3    1 
HETATM 1192 C  C4    . 75B D 2 6  ? 2.369   8.866   3.555   1.00 31.79 ?  25  75B D C4    1 
HETATM 1193 O  O4    . 75B D 2 6  ? 1.519   9.302   4.256   1.00 30.18 ?  25  75B D O4    1 
HETATM 1194 C  C5    . 75B D 2 6  ? 2.661   9.438   2.319   1.00 30.25 ?  25  75B D C5    1 
HETATM 1195 C  C6    . 75B D 2 6  ? 3.681   8.874   1.542   1.00 31.66 ?  25  75B D C6    1 
HETATM 1196 C  C22   . 75B D 2 6  ? 0.190   12.762  1.146   1.00 33.70 ?  25  75B D C22   1 
HETATM 1197 C  C33   . 75B D 2 6  ? 1.150   12.365  0.159   1.00 32.30 ?  25  75B D C33   1 
HETATM 1198 C  C44   . 75B D 2 6  ? 2.041   11.223  0.502   1.00 27.04 ?  25  75B D C44   1 
HETATM 1199 C  C55   . 75B D 2 6  ? 1.865   10.640  1.784   1.00 27.86 ?  25  75B D C55   1 
HETATM 1200 O  OP1   . 75B D 2 6  ? 4.397   9.941   -4.392  1.00 40.40 -1 25  75B D OP1   1 
HETATM 1201 O  OP2   . 75B D 2 6  ? 2.761   11.019  -2.665  1.00 32.10 ?  25  75B D OP2   1 
HETATM 1202 SE SE1   . 75B D 2 6  ? 0.444   11.585  2.590   1.00 38.05 ?  25  75B D SE1   1 
ATOM   1203 P  P     . C   D 2 7  ? 3.349   5.202   -2.638  1.00 30.64 ?  26  C   D P     1 
ATOM   1204 O  OP1   . C   D 2 7  ? 3.527   4.558   -3.968  1.00 30.23 ?  26  C   D OP1   1 
ATOM   1205 O  OP2   . C   D 2 7  ? 2.547   6.442   -2.546  1.00 35.28 -1 26  C   D OP2   1 
ATOM   1206 O  "O5'" . C   D 2 7  ? 2.703   4.184   -1.598  1.00 32.34 ?  26  C   D "O5'" 1 
ATOM   1207 C  "C5'" . C   D 2 7  ? 3.412   3.051   -1.129  1.00 32.17 ?  26  C   D "C5'" 1 
ATOM   1208 C  "C4'" . C   D 2 7  ? 2.801   2.557   0.153   1.00 33.45 ?  26  C   D "C4'" 1 
ATOM   1209 O  "O4'" . C   D 2 7  ? 3.076   3.506   1.231   1.00 33.55 ?  26  C   D "O4'" 1 
ATOM   1210 C  "C3'" . C   D 2 7  ? 1.287   2.445   0.162   1.00 34.18 ?  26  C   D "C3'" 1 
ATOM   1211 O  "O3'" . C   D 2 7  ? 0.787   1.287   -0.485  1.00 32.68 ?  26  C   D "O3'" 1 
ATOM   1212 C  "C2'" . C   D 2 7  ? 0.989   2.475   1.649   1.00 30.00 ?  26  C   D "C2'" 1 
ATOM   1213 O  "O2'" . C   D 2 7  ? 1.347   1.239   2.220   1.00 34.17 ?  26  C   D "O2'" 1 
ATOM   1214 C  "C1'" . C   D 2 7  ? 1.983   3.527   2.130   1.00 30.83 ?  26  C   D "C1'" 1 
ATOM   1215 N  N1    . C   D 2 7  ? 1.328   4.856   2.100   1.00 32.45 ?  26  C   D N1    1 
ATOM   1216 C  C2    . C   D 2 7  ? 0.488   5.173   3.163   1.00 28.88 ?  26  C   D C2    1 
ATOM   1217 O  O2    . C   D 2 7  ? 0.378   4.367   4.097   1.00 36.45 ?  26  C   D O2    1 
ATOM   1218 N  N3    . C   D 2 7  ? -0.178  6.333   3.174   1.00 28.29 ?  26  C   D N3    1 
ATOM   1219 C  C4    . C   D 2 7  ? -0.059  7.168   2.143   1.00 31.31 ?  26  C   D C4    1 
ATOM   1220 N  N4    . C   D 2 7  ? -0.733  8.309   2.184   1.00 23.88 ?  26  C   D N4    1 
ATOM   1221 C  C5    . C   D 2 7  ? 0.776   6.875   1.027   1.00 31.32 ?  26  C   D C5    1 
ATOM   1222 C  C6    . C   D 2 7  ? 1.441   5.713   1.042   1.00 31.35 ?  26  C   D C6    1 
ATOM   1223 P  P     . A   D 2 8  ? -0.635  1.325   -1.233  1.00 34.43 ?  27  A   D P     1 
ATOM   1224 O  OP1   . A   D 2 8  ? -0.829  0.031   -1.912  1.00 44.08 ?  27  A   D OP1   1 
ATOM   1225 O  OP2   . A   D 2 8  ? -0.674  2.570   -2.021  1.00 33.75 -1 27  A   D OP2   1 
ATOM   1226 O  "O5'" . A   D 2 8  ? -1.721  1.339   -0.073  1.00 33.34 ?  27  A   D "O5'" 1 
ATOM   1227 C  "C5'" . A   D 2 8  ? -1.768  0.275   0.863   1.00 31.14 ?  27  A   D "C5'" 1 
ATOM   1228 C  "C4'" . A   D 2 8  ? -2.554  0.626   2.104   1.00 29.17 ?  27  A   D "C4'" 1 
ATOM   1229 O  "O4'" . A   D 2 8  ? -2.018  1.812   2.738   1.00 28.82 ?  27  A   D "O4'" 1 
ATOM   1230 C  "C3'" . A   D 2 8  ? -4.017  0.954   1.913   1.00 24.88 ?  27  A   D "C3'" 1 
ATOM   1231 O  "O3'" . A   D 2 8  ? -4.798  -0.200  1.772   1.00 26.29 ?  27  A   D "O3'" 1 
ATOM   1232 C  "C2'" . A   D 2 8  ? -4.340  1.729   3.175   1.00 25.86 ?  27  A   D "C2'" 1 
ATOM   1233 O  "O2'" . A   D 2 8  ? -4.462  0.859   4.286   1.00 23.27 ?  27  A   D "O2'" 1 
ATOM   1234 C  "C1'" . A   D 2 8  ? -3.062  2.527   3.363   1.00 25.69 ?  27  A   D "C1'" 1 
ATOM   1235 N  N9    . A   D 2 8  ? -3.159  3.840   2.719   1.00 31.12 ?  27  A   D N9    1 
ATOM   1236 C  C8    . A   D 2 8  ? -2.559  4.220   1.547   1.00 26.82 ?  27  A   D C8    1 
ATOM   1237 N  N7    . A   D 2 8  ? -2.818  5.455   1.236   1.00 29.01 ?  27  A   D N7    1 
ATOM   1238 C  C5    . A   D 2 8  ? -3.639  5.900   2.263   1.00 27.09 ?  27  A   D C5    1 
ATOM   1239 C  C6    . A   D 2 8  ? -4.260  7.126   2.505   1.00 27.29 ?  27  A   D C6    1 
ATOM   1240 N  N6    . A   D 2 8  ? -4.128  8.175   1.695   1.00 30.47 ?  27  A   D N6    1 
ATOM   1241 N  N1    . A   D 2 8  ? -5.020  7.235   3.615   1.00 29.79 ?  27  A   D N1    1 
ATOM   1242 C  C2    . A   D 2 8  ? -5.148  6.181   4.425   1.00 27.47 ?  27  A   D C2    1 
ATOM   1243 N  N3    . A   D 2 8  ? -4.604  4.979   4.293   1.00 30.86 ?  27  A   D N3    1 
ATOM   1244 C  C4    . A   D 2 8  ? -3.863  4.911   3.183   1.00 28.00 ?  27  A   D C4    1 
ATOM   1245 P  P     . C   D 2 9  ? -6.025  -0.205  0.759   1.00 34.32 ?  28  C   D P     1 
ATOM   1246 O  OP1   . C   D 2 9  ? -6.717  -1.508  0.877   1.00 37.14 ?  28  C   D OP1   1 
ATOM   1247 O  OP2   . C   D 2 9  ? -5.506  0.250   -0.544  1.00 24.55 -1 28  C   D OP2   1 
ATOM   1248 O  "O5'" . C   D 2 9  ? -7.058  0.810   1.405   1.00 34.14 ?  28  C   D "O5'" 1 
ATOM   1249 C  "C5'" . C   D 2 9  ? -7.863  0.415   2.512   1.00 28.43 ?  28  C   D "C5'" 1 
ATOM   1250 C  "C4'" . C   D 2 9  ? -8.592  1.599   3.100   1.00 32.07 ?  28  C   D "C4'" 1 
ATOM   1251 O  "O4'" . C   D 2 9  ? -7.638  2.669   3.356   1.00 32.29 ?  28  C   D "O4'" 1 
ATOM   1252 C  "C3'" . C   D 2 9  ? -9.630  2.249   2.199   1.00 35.19 ?  28  C   D "C3'" 1 
ATOM   1253 O  "O3'" . C   D 2 9  ? -10.858 1.537   2.166   1.00 42.45 ?  28  C   D "O3'" 1 
ATOM   1254 C  "C2'" . C   D 2 9  ? -9.707  3.667   2.758   1.00 32.77 ?  28  C   D "C2'" 1 
ATOM   1255 O  "O2'" . C   D 2 9  ? -10.448 3.717   3.973   1.00 31.31 ?  28  C   D "O2'" 1 
ATOM   1256 C  "C1'" . C   D 2 9  ? -8.236  3.921   3.100   1.00 34.90 ?  28  C   D "C1'" 1 
ATOM   1257 N  N1    . C   D 2 9  ? -7.508  4.562   1.979   1.00 33.12 ?  28  C   D N1    1 
ATOM   1258 C  C2    . C   D 2 9  ? -7.670  5.941   1.780   1.00 27.86 ?  28  C   D C2    1 
ATOM   1259 O  O2    . C   D 2 9  ? -8.395  6.580   2.539   1.00 29.03 ?  28  C   D O2    1 
ATOM   1260 N  N3    . C   D 2 9  ? -7.028  6.560   0.776   1.00 27.95 ?  28  C   D N3    1 
ATOM   1261 C  C4    . C   D 2 9  ? -6.245  5.884   -0.047  1.00 28.85 ?  28  C   D C4    1 
ATOM   1262 N  N4    . C   D 2 9  ? -5.660  6.586   -1.030  1.00 24.28 ?  28  C   D N4    1 
ATOM   1263 C  C5    . C   D 2 9  ? -6.060  4.469   0.130   1.00 28.50 ?  28  C   D C5    1 
ATOM   1264 C  C6    . C   D 2 9  ? -6.702  3.855   1.134   1.00 26.61 ?  28  C   D C6    1 
ATOM   1265 P  P     . A   D 2 10 ? -11.771 1.512   0.833   1.00 44.27 ?  29  A   D P     1 
ATOM   1266 O  OP1   . A   D 2 10 ? -12.958 0.651   1.068   1.00 44.75 ?  29  A   D OP1   1 
ATOM   1267 O  OP2   . A   D 2 10 ? -10.937 1.288   -0.360  1.00 42.56 -1 29  A   D OP2   1 
ATOM   1268 O  "O5'" . A   D 2 10 ? -12.363 2.973   0.784   1.00 41.20 ?  29  A   D "O5'" 1 
ATOM   1269 C  "C5'" . A   D 2 10 ? -13.198 3.402   1.839   1.00 38.45 ?  29  A   D "C5'" 1 
ATOM   1270 C  "C4'" . A   D 2 10 ? -13.527 4.853   1.710   1.00 33.01 ?  29  A   D "C4'" 1 
ATOM   1271 O  "O4'" . A   D 2 10 ? -12.323 5.627   1.845   1.00 29.62 ?  29  A   D "O4'" 1 
ATOM   1272 C  "C3'" . A   D 2 10 ? -14.084 5.298   0.375   1.00 35.24 ?  29  A   D "C3'" 1 
ATOM   1273 O  "O3'" . A   D 2 10 ? -15.457 5.007   0.228   1.00 40.40 ?  29  A   D "O3'" 1 
ATOM   1274 C  "C2'" . A   D 2 10 ? -13.802 6.780   0.406   1.00 33.46 ?  29  A   D "C2'" 1 
ATOM   1275 O  "O2'" . A   D 2 10 ? -14.707 7.399   1.309   1.00 37.93 ?  29  A   D "O2'" 1 
ATOM   1276 C  "C1'" . A   D 2 10 ? -12.423 6.794   1.055   1.00 34.81 ?  29  A   D "C1'" 1 
ATOM   1277 N  N9    . A   D 2 10 ? -11.320 6.775   0.079   1.00 33.43 ?  29  A   D N9    1 
ATOM   1278 C  C8    . A   D 2 10 ? -10.654 5.667   -0.392  1.00 33.65 ?  29  A   D C8    1 
ATOM   1279 N  N7    . A   D 2 10 ? -9.673  5.939   -1.225  1.00 30.94 ?  29  A   D N7    1 
ATOM   1280 C  C5    . A   D 2 10 ? -9.699  7.332   -1.303  1.00 30.06 ?  29  A   D C5    1 
ATOM   1281 C  C6    . A   D 2 10 ? -8.909  8.253   -2.006  1.00 29.66 ?  29  A   D C6    1 
ATOM   1282 N  N6    . A   D 2 10 ? -7.924  7.868   -2.804  1.00 33.55 ?  29  A   D N6    1 
ATOM   1283 N  N1    . A   D 2 10 ? -9.161  9.562   -1.886  1.00 26.44 ?  29  A   D N1    1 
ATOM   1284 C  C2    . A   D 2 10 ? -10.153 9.919   -1.078  1.00 31.05 ?  29  A   D C2    1 
ATOM   1285 N  N3    . A   D 2 10 ? -10.971 9.164   -0.346  1.00 29.92 ?  29  A   D N3    1 
ATOM   1286 C  C4    . A   D 2 10 ? -10.699 7.859   -0.506  1.00 33.18 ?  29  A   D C4    1 
ATOM   1287 P  P     . C   D 2 11 ? -16.076 4.799   -1.235  1.00 37.56 ?  30  C   D P     1 
ATOM   1288 O  OP1   . C   D 2 11 ? -17.504 4.445   -1.040  1.00 40.14 ?  30  C   D OP1   1 
ATOM   1289 O  OP2   . C   D 2 11 ? -15.184 3.948   -2.058  1.00 36.91 -1 30  C   D OP2   1 
ATOM   1290 O  "O5'" . C   D 2 11 ? -15.988 6.236   -1.894  1.00 36.01 ?  30  C   D "O5'" 1 
ATOM   1291 C  "C5'" . C   D 2 11 ? -16.877 7.264   -1.496  1.00 37.32 ?  30  C   D "C5'" 1 
ATOM   1292 C  "C4'" . C   D 2 11 ? -16.476 8.578   -2.108  1.00 34.13 ?  30  C   D "C4'" 1 
ATOM   1293 O  "O4'" . C   D 2 11 ? -15.078 8.810   -1.827  1.00 28.49 ?  30  C   D "O4'" 1 
ATOM   1294 C  "C3'" . C   D 2 11 ? -16.542 8.644   -3.622  1.00 38.07 ?  30  C   D "C3'" 1 
ATOM   1295 O  "O3'" . C   D 2 11 ? -17.830 8.854   -4.146  1.00 32.74 ?  30  C   D "O3'" 1 
ATOM   1296 C  "C2'" . C   D 2 11 ? -15.567 9.754   -3.951  1.00 30.09 ?  30  C   D "C2'" 1 
ATOM   1297 O  "O2'" . C   D 2 11 ? -16.162 11.014  -3.704  1.00 35.64 ?  30  C   D "O2'" 1 
ATOM   1298 C  "C1'" . C   D 2 11 ? -14.488 9.511   -2.899  1.00 32.14 ?  30  C   D "C1'" 1 
ATOM   1299 N  N1    . C   D 2 11 ? -13.355 8.715   -3.411  1.00 30.38 ?  30  C   D N1    1 
ATOM   1300 C  C2    . C   D 2 11 ? -12.365 9.413   -4.103  1.00 29.59 ?  30  C   D C2    1 
ATOM   1301 O  O2    . C   D 2 11 ? -12.517 10.631  -4.258  1.00 29.29 ?  30  C   D O2    1 
ATOM   1302 N  N3    . C   D 2 11 ? -11.289 8.758   -4.570  1.00 28.30 ?  30  C   D N3    1 
ATOM   1303 C  C4    . C   D 2 11 ? -11.207 7.460   -4.364  1.00 25.78 ?  30  C   D C4    1 
ATOM   1304 N  N4    . C   D 2 11 ? -10.138 6.855   -4.843  1.00 30.16 ?  30  C   D N4    1 
ATOM   1305 C  C5    . C   D 2 11 ? -12.189 6.724   -3.659  1.00 26.49 ?  30  C   D C5    1 
ATOM   1306 C  C6    . C   D 2 11 ? -13.243 7.385   -3.191  1.00 28.06 ?  30  C   D C6    1 
ATOM   1307 P  P     . C   D 2 12 ? -18.112 8.292   -5.607  1.00 33.18 ?  31  C   D P     1 
ATOM   1308 O  OP1   . C   D 2 12 ? -19.545 8.415   -5.969  1.00 41.72 ?  31  C   D OP1   1 
ATOM   1309 O  OP2   . C   D 2 12 ? -17.367 7.001   -5.691  1.00 33.18 -1 31  C   D OP2   1 
ATOM   1310 O  "O5'" . C   D 2 12 ? -17.358 9.325   -6.543  1.00 34.00 ?  31  C   D "O5'" 1 
ATOM   1311 C  "C5'" . C   D 2 12 ? -17.792 10.659  -6.635  1.00 29.96 ?  31  C   D "C5'" 1 
ATOM   1312 C  "C4'" . C   D 2 12 ? -16.996 11.379  -7.682  1.00 32.51 ?  31  C   D "C4'" 1 
ATOM   1313 O  "O4'" . C   D 2 12 ? -15.625 11.499  -7.253  1.00 29.01 ?  31  C   D "O4'" 1 
ATOM   1314 C  "C3'" . C   D 2 12 ? -16.880 10.683  -9.023  1.00 30.41 ?  31  C   D "C3'" 1 
ATOM   1315 O  "O3'" . C   D 2 12 ? -18.022 10.843  -9.826  1.00 26.41 ?  31  C   D "O3'" 1 
ATOM   1316 C  "C2'" . C   D 2 12 ? -15.664 11.355  -9.605  1.00 29.87 ?  31  C   D "C2'" 1 
ATOM   1317 O  "O2'" . C   D 2 12 ? -16.010 12.659  -10.003 1.00 29.71 ?  31  C   D "O2'" 1 
ATOM   1318 C  "C1'" . C   D 2 12 ? -14.777 11.465  -8.373  1.00 26.31 ?  31  C   D "C1'" 1 
ATOM   1319 N  N1    . C   D 2 12 ? -13.874 10.305  -8.244  1.00 28.68 ?  31  C   D N1    1 
ATOM   1320 C  C2    . C   D 2 12 ? -12.657 10.352  -8.917  1.00 30.19 ?  31  C   D C2    1 
ATOM   1321 O  O2    . C   D 2 12 ? -12.419 11.365  -9.592  1.00 25.11 ?  31  C   D O2    1 
ATOM   1322 N  N3    . C   D 2 12 ? -11.786 9.293   -8.816  1.00 30.49 ?  31  C   D N3    1 
ATOM   1323 C  C4    . C   D 2 12 ? -12.123 8.216   -8.093  1.00 28.19 ?  31  C   D C4    1 
ATOM   1324 N  N4    . C   D 2 12 ? -11.255 7.200   -8.025  1.00 28.35 ?  31  C   D N4    1 
ATOM   1325 C  C5    . C   D 2 12 ? -13.370 8.149   -7.395  1.00 27.22 ?  31  C   D C5    1 
ATOM   1326 C  C6    . C   D 2 12 ? -14.206 9.194   -7.501  1.00 28.68 ?  31  C   D C6    1 
ATOM   1327 P  P     . A   D 2 13 ? -18.337 9.796   -10.984 1.00 34.17 ?  32  A   D P     1 
ATOM   1328 O  OP1   . A   D 2 13 ? -19.669 10.124  -11.519 1.00 35.93 ?  32  A   D OP1   1 
ATOM   1329 O  OP2   . A   D 2 13 ? -18.042 8.446   -10.454 1.00 31.59 -1 32  A   D OP2   1 
ATOM   1330 O  "O5'" . A   D 2 13 ? -17.297 10.155  -12.121 1.00 32.94 ?  32  A   D "O5'" 1 
ATOM   1331 C  "C5'" . A   D 2 13 ? -17.319 11.414  -12.772 1.00 29.20 ?  32  A   D "C5'" 1 
ATOM   1332 C  "C4'" . A   D 2 13 ? -16.179 11.509  -13.740 1.00 29.89 ?  32  A   D "C4'" 1 
ATOM   1333 O  "O4'" . A   D 2 13 ? -14.935 11.512  -12.994 1.00 32.69 ?  32  A   D "O4'" 1 
ATOM   1334 C  "C3'" . A   D 2 13 ? -16.028 10.330  -14.690 1.00 32.21 ?  32  A   D "C3'" 1 
ATOM   1335 O  "O3'" . A   D 2 13 ? -16.851 10.407  -15.836 1.00 34.63 ?  32  A   D "O3'" 1 
ATOM   1336 C  "C2'" . A   D 2 13 ? -14.556 10.370  -15.032 1.00 33.41 ?  32  A   D "C2'" 1 
ATOM   1337 O  "O2'" . A   D 2 13 ? -14.312 11.387  -15.985 1.00 36.59 ?  32  A   D "O2'" 1 
ATOM   1338 C  "C1'" . A   D 2 13 ? -13.948 10.798  -13.702 1.00 30.66 ?  32  A   D "C1'" 1 
ATOM   1339 N  N9    . A   D 2 13 ? -13.551 9.625   -12.905 1.00 31.24 ?  32  A   D N9    1 
ATOM   1340 C  C8    . A   D 2 13 ? -14.305 9.019   -11.922 1.00 29.23 ?  32  A   D C8    1 
ATOM   1341 N  N7    . A   D 2 13 ? -13.719 7.991   -11.383 1.00 27.18 ?  32  A   D N7    1 
ATOM   1342 C  C5    . A   D 2 13 ? -12.508 7.913   -12.050 1.00 26.73 ?  32  A   D C5    1 
ATOM   1343 C  C6    . A   D 2 13 ? -11.459 7.010   -11.904 1.00 27.18 ?  32  A   D C6    1 
ATOM   1344 N  N6    . A   D 2 13 ? -11.527 6.028   -11.011 1.00 27.62 ?  32  A   D N6    1 
ATOM   1345 N  N1    . A   D 2 13 ? -10.378 7.150   -12.683 1.00 23.63 ?  32  A   D N1    1 
ATOM   1346 C  C2    . A   D 2 13 ? -10.396 8.160   -13.575 1.00 27.42 ?  32  A   D C2    1 
ATOM   1347 N  N3    . A   D 2 13 ? -11.319 9.095   -13.813 1.00 27.77 ?  32  A   D N3    1 
ATOM   1348 C  C4    . A   D 2 13 ? -12.378 8.902   -13.001 1.00 28.19 ?  32  A   D C4    1 
ATOM   1349 P  P     . C   D 2 14 ? -17.265 9.059   -16.608 1.00 44.47 ?  33  C   D P     1 
ATOM   1350 O  OP1   . C   D 2 14 ? -18.044 9.491   -17.797 1.00 48.21 ?  33  C   D OP1   1 
ATOM   1351 O  OP2   . C   D 2 14 ? -17.767 8.045   -15.669 1.00 34.73 -1 33  C   D OP2   1 
ATOM   1352 O  "O5'" . C   D 2 14 ? -15.900 8.433   -17.137 1.00 40.97 ?  33  C   D "O5'" 1 
ATOM   1353 C  "C5'" . C   D 2 14 ? -15.258 8.957   -18.286 1.00 32.32 ?  33  C   D "C5'" 1 
ATOM   1354 C  "C4'" . C   D 2 14 ? -13.882 8.375   -18.441 1.00 34.90 ?  33  C   D "C4'" 1 
ATOM   1355 O  "O4'" . C   D 2 14 ? -13.169 8.433   -17.180 1.00 33.13 ?  33  C   D "O4'" 1 
ATOM   1356 C  "C3'" . C   D 2 14 ? -13.816 6.908   -18.819 1.00 29.63 ?  33  C   D "C3'" 1 
ATOM   1357 O  "O3'" . C   D 2 14 ? -14.038 6.704   -20.192 1.00 28.76 ?  33  C   D "O3'" 1 
ATOM   1358 C  "C2'" . C   D 2 14 ? -12.413 6.532   -18.371 1.00 28.22 ?  33  C   D "C2'" 1 
ATOM   1359 O  "O2'" . C   D 2 14 ? -11.450 7.061   -19.262 1.00 31.50 ?  33  C   D "O2'" 1 
ATOM   1360 C  "C1'" . C   D 2 14 ? -12.296 7.324   -17.074 1.00 28.26 ?  33  C   D "C1'" 1 
ATOM   1361 N  N1    . C   D 2 14 ? -12.667 6.499   -15.904 1.00 24.99 ?  33  C   D N1    1 
ATOM   1362 C  C2    . C   D 2 14 ? -11.717 5.567   -15.436 1.00 28.69 ?  33  C   D C2    1 
ATOM   1363 O  O2    . C   D 2 14 ? -10.628 5.481   -16.002 1.00 27.67 ?  33  C   D O2    1 
ATOM   1364 N  N3    . C   D 2 14 ? -12.004 4.754   -14.394 1.00 23.74 ?  33  C   D N3    1 
ATOM   1365 C  C4    . C   D 2 14 ? -13.191 4.858   -13.796 1.00 26.25 ?  33  C   D C4    1 
ATOM   1366 N  N4    . C   D 2 14 ? -13.425 4.061   -12.747 1.00 28.62 ?  33  C   D N4    1 
ATOM   1367 C  C5    . C   D 2 14 ? -14.174 5.799   -14.234 1.00 24.51 ?  33  C   D C5    1 
ATOM   1368 C  C6    . C   D 2 14 ? -13.888 6.584   -15.291 1.00 25.60 ?  33  C   D C6    1 
ATOM   1369 P  P     . C   D 2 15 ? -14.464 5.270   -20.735 1.00 31.33 ?  34  C   D P     1 
ATOM   1370 O  OP1   . C   D 2 15 ? -14.685 5.435   -22.180 1.00 32.60 ?  34  C   D OP1   1 
ATOM   1371 O  OP2   . C   D 2 15 ? -15.490 4.667   -19.853 1.00 29.57 -1 34  C   D OP2   1 
ATOM   1372 O  "O5'" . C   D 2 15 ? -13.172 4.371   -20.549 1.00 26.13 ?  34  C   D "O5'" 1 
ATOM   1373 C  "C5'" . C   D 2 15 ? -12.010 4.607   -21.315 1.00 28.64 ?  34  C   D "C5'" 1 
ATOM   1374 C  "C4'" . C   D 2 15 ? -11.021 3.507   -21.089 1.00 30.12 ?  34  C   D "C4'" 1 
ATOM   1375 O  "O4'" . C   D 2 15 ? -10.598 3.519   -19.706 1.00 28.51 ?  34  C   D "O4'" 1 
ATOM   1376 C  "C3'" . C   D 2 15 ? -11.571 2.114   -21.282 1.00 27.65 ?  34  C   D "C3'" 1 
ATOM   1377 O  "O3'" . C   D 2 15 ? -11.580 1.743   -22.639 1.00 29.90 ?  34  C   D "O3'" 1 
ATOM   1378 C  "C2'" . C   D 2 15 ? -10.621 1.279   -20.453 1.00 26.88 ?  34  C   D "C2'" 1 
ATOM   1379 O  "O2'" . C   D 2 15 ? -9.404  1.158   -21.164 1.00 26.88 ?  34  C   D "O2'" 1 
ATOM   1380 C  "C1'" . C   D 2 15 ? -10.366 2.203   -19.270 1.00 29.14 ?  34  C   D "C1'" 1 
ATOM   1381 N  N1    . C   D 2 15 ? -11.223 1.947   -18.088 1.00 28.13 ?  34  C   D N1    1 
ATOM   1382 C  C2    . C   D 2 15 ? -10.818 1.015   -17.129 1.00 25.77 ?  34  C   D C2    1 
ATOM   1383 O  O2    . C   D 2 15 ? -9.787  0.377   -17.325 1.00 29.36 ?  34  C   D O2    1 
ATOM   1384 N  N3    . C   D 2 15 ? -11.554 0.803   -16.016 1.00 29.13 ?  34  C   D N3    1 
ATOM   1385 C  C4    . C   D 2 15 ? -12.679 1.501   -15.826 1.00 28.45 ?  34  C   D C4    1 
ATOM   1386 N  N4    . C   D 2 15 ? -13.388 1.264   -14.717 1.00 27.06 ?  34  C   D N4    1 
ATOM   1387 C  C5    . C   D 2 15 ? -13.118 2.468   -16.771 1.00 24.90 ?  34  C   D C5    1 
ATOM   1388 C  C6    . C   D 2 15 ? -12.362 2.671   -17.873 1.00 26.65 ?  34  C   D C6    1 
ATOM   1389 P  P     . C   D 2 16 ? -12.635 0.649   -23.150 1.00 32.16 ?  35  C   D P     1 
ATOM   1390 O  OP1   . C   D 2 16 ? -12.600 0.615   -24.637 1.00 41.42 ?  35  C   D OP1   1 
ATOM   1391 O  OP2   . C   D 2 16 ? -13.924 1.001   -22.527 1.00 25.18 -1 35  C   D OP2   1 
ATOM   1392 O  "O5'" . C   D 2 16 ? -12.071 -0.736  -22.581 1.00 28.11 ?  35  C   D "O5'" 1 
ATOM   1393 C  "C5'" . C   D 2 16 ? -10.774 -1.211  -22.910 1.00 28.99 ?  35  C   D "C5'" 1 
ATOM   1394 C  "C4'" . C   D 2 16 ? -10.355 -2.360  -22.017 1.00 29.85 ?  35  C   D "C4'" 1 
ATOM   1395 O  "O4'" . C   D 2 16 ? -10.352 -1.936  -20.632 1.00 30.65 ?  35  C   D "O4'" 1 
ATOM   1396 C  "C3'" . C   D 2 16 ? -11.263 -3.579  -22.036 1.00 38.23 ?  35  C   D "C3'" 1 
ATOM   1397 O  "O3'" . C   D 2 16 ? -10.930 -4.461  -23.091 1.00 38.46 ?  35  C   D "O3'" 1 
ATOM   1398 C  "C2'" . C   D 2 16 ? -11.046 -4.211  -20.666 1.00 32.98 ?  35  C   D "C2'" 1 
ATOM   1399 O  "O2'" . C   D 2 16 ? -9.883  -5.017  -20.693 1.00 30.89 ?  35  C   D "O2'" 1 
ATOM   1400 C  "C1'" . C   D 2 16 ? -10.736 -3.000  -19.793 1.00 29.83 ?  35  C   D "C1'" 1 
ATOM   1401 N  N1    . C   D 2 16 ? -11.837 -2.556  -18.903 1.00 30.00 ?  35  C   D N1    1 
ATOM   1402 C  C2    . C   D 2 16 ? -11.954 -3.138  -17.638 1.00 27.62 ?  35  C   D C2    1 
ATOM   1403 O  O2    . C   D 2 16 ? -11.196 -4.054  -17.333 1.00 32.39 ?  35  C   D O2    1 
ATOM   1404 N  N3    . C   D 2 16 ? -12.884 -2.712  -16.771 1.00 24.00 ?  35  C   D N3    1 
ATOM   1405 C  C4    . C   D 2 16 ? -13.690 -1.730  -17.107 1.00 26.55 ?  35  C   D C4    1 
ATOM   1406 N  N4    . C   D 2 16 ? -14.595 -1.362  -16.219 1.00 25.85 ?  35  C   D N4    1 
ATOM   1407 C  C5    . C   D 2 16 ? -13.613 -1.091  -18.383 1.00 30.14 ?  35  C   D C5    1 
ATOM   1408 C  C6    . C   D 2 16 ? -12.665 -1.522  -19.237 1.00 29.05 ?  35  C   D C6    1 
HETATM 1409 MG MG    . MG  E 3 .  ? 1.305   -1.781  6.884   1.00 39.88 ?  101 MG  A MG    1 
HETATM 1410 MG MG    . MG  F 3 .  ? 7.263   -3.826  5.928   1.00 37.32 ?  102 MG  A MG    1 
HETATM 1411 MG MG    . MG  G 3 .  ? -1.076  -12.413 -4.481  1.00 38.01 ?  101 MG  B MG    1 
HETATM 1412 MG MG    . MG  H 3 .  ? 1.630   -10.453 4.890   1.00 38.57 ?  102 MG  B MG    1 
HETATM 1413 MG MG    . MG  I 3 .  ? -5.448  5.701   -9.403  1.00 41.04 ?  101 MG  C MG    1 
HETATM 1414 MG MG    . MG  J 3 .  ? -12.493 -1.533  -9.978  1.00 37.22 ?  102 MG  C MG    1 
HETATM 1415 MG MG    . MG  K 3 .  ? 2.168   8.859   12.766  1.00 42.07 ?  103 MG  C MG    1 
HETATM 1416 MG MG    . MG  L 3 .  ? 0.891   5.917   -15.817 1.00 35.33 ?  104 MG  C MG    1 
HETATM 1417 MG MG    . MG  M 3 .  ? 0.587   14.862  3.529   1.00 31.45 ?  101 MG  D MG    1 
HETATM 1418 MG MG    . MG  N 3 .  ? -2.146  6.857   -0.966  1.00 34.44 ?  102 MG  D MG    1 
HETATM 1419 O  O     . HOH O 4 .  ? -0.202  -24.682 -1.920  1.00 29.68 ?  201 HOH A O     1 
HETATM 1420 O  O     . HOH O 4 .  ? 6.233   -13.009 -8.790  1.00 33.42 ?  202 HOH A O     1 
HETATM 1421 O  O     . HOH O 4 .  ? -17.999 -15.251 -15.946 1.00 30.06 ?  203 HOH A O     1 
HETATM 1422 O  O     . HOH O 4 .  ? -16.038 -15.065 -8.724  1.00 29.04 ?  204 HOH A O     1 
HETATM 1423 O  O     . HOH O 4 .  ? 4.171   1.510   13.050  1.00 34.21 ?  205 HOH A O     1 
HETATM 1424 O  O     . HOH O 4 .  ? -19.109 -10.503 -11.822 1.00 28.45 ?  206 HOH A O     1 
HETATM 1425 O  O     . HOH O 4 .  ? 4.917   -2.982  7.533   1.00 32.76 ?  207 HOH A O     1 
HETATM 1426 O  O     . HOH O 4 .  ? -13.661 -17.486 -9.469  1.00 33.52 ?  208 HOH A O     1 
HETATM 1427 O  O     . HOH O 4 .  ? 1.246   -14.744 -0.918  1.00 32.09 ?  209 HOH A O     1 
HETATM 1428 O  O     . HOH O 4 .  ? 13.954  -6.259  14.031  1.00 27.68 ?  210 HOH A O     1 
HETATM 1429 O  O     . HOH O 4 .  ? 4.063   -16.754 -5.270  1.00 35.59 ?  211 HOH A O     1 
HETATM 1430 O  O     . HOH O 4 .  ? 5.406   -9.172  -2.423  1.00 33.78 ?  212 HOH A O     1 
HETATM 1431 O  O     . HOH O 4 .  ? 8.585   3.109   11.650  1.00 32.76 ?  213 HOH A O     1 
HETATM 1432 O  O     . HOH O 4 .  ? 2.871   -10.881 0.870   1.00 34.14 ?  214 HOH A O     1 
HETATM 1433 O  O     . HOH O 4 .  ? 3.707   -11.044 -3.651  1.00 35.75 ?  215 HOH A O     1 
HETATM 1434 O  O     . HOH O 4 .  ? -3.207  -22.450 -0.787  1.00 29.30 ?  216 HOH A O     1 
HETATM 1435 O  O     . HOH O 4 .  ? 8.917   -21.005 -8.303  1.00 30.66 ?  217 HOH A O     1 
HETATM 1436 O  O     . HOH O 4 .  ? 10.760  -17.589 0.891   1.00 34.56 ?  218 HOH A O     1 
HETATM 1437 O  O     . HOH O 4 .  ? 2.909   -17.125 -7.782  1.00 30.58 ?  219 HOH A O     1 
HETATM 1438 O  O     . HOH O 4 .  ? 2.051   -15.755 -5.019  1.00 35.70 ?  220 HOH A O     1 
HETATM 1439 O  O     . HOH O 4 .  ? 9.484   -23.611 -9.848  1.00 33.36 ?  221 HOH A O     1 
HETATM 1440 O  O     . HOH O 4 .  ? 11.318  -24.700 -10.800 1.00 32.63 ?  222 HOH A O     1 
HETATM 1441 O  O     . HOH P 4 .  ? -0.800  -8.497  3.016   1.00 37.14 ?  201 HOH B O     1 
HETATM 1442 O  O     . HOH P 4 .  ? -0.407  -13.142 -8.957  1.00 32.67 ?  202 HOH B O     1 
HETATM 1443 O  O     . HOH P 4 .  ? -0.695  -15.053 -3.361  1.00 28.52 ?  203 HOH B O     1 
HETATM 1444 O  O     . HOH P 4 .  ? -5.342  -3.989  -5.759  1.00 34.64 ?  204 HOH B O     1 
HETATM 1445 O  O     . HOH P 4 .  ? 0.328   -9.392  6.909   1.00 33.06 ?  205 HOH B O     1 
HETATM 1446 O  O     . HOH P 4 .  ? 18.367  4.168   12.066  1.00 33.88 ?  206 HOH B O     1 
HETATM 1447 O  O     . HOH P 4 .  ? 0.933   -10.384 2.194   1.00 27.54 ?  207 HOH B O     1 
HETATM 1448 O  O     . HOH P 4 .  ? 13.299  -7.978  7.593   1.00 30.35 ?  208 HOH B O     1 
HETATM 1449 O  O     . HOH P 4 .  ? 4.458   -8.234  4.436   1.00 29.29 ?  209 HOH B O     1 
HETATM 1450 O  O     . HOH P 4 .  ? 5.874   -8.641  6.077   1.00 37.44 ?  210 HOH B O     1 
HETATM 1451 O  O     . HOH P 4 .  ? 7.587   -11.118 8.197   1.00 29.04 ?  211 HOH B O     1 
HETATM 1452 O  O     . HOH Q 4 .  ? 10.135  5.172   9.635   1.00 33.83 ?  201 HOH C O     1 
HETATM 1453 O  O     . HOH Q 4 .  ? -13.223 20.422  11.168  1.00 29.32 ?  202 HOH C O     1 
HETATM 1454 O  O     . HOH Q 4 .  ? -10.252 14.225  -9.143  1.00 33.11 ?  203 HOH C O     1 
HETATM 1455 O  O     . HOH Q 4 .  ? 5.059   28.117  15.705  1.00 35.53 ?  204 HOH C O     1 
HETATM 1456 O  O     . HOH Q 4 .  ? 5.395   11.516  10.446  1.00 27.58 ?  205 HOH C O     1 
HETATM 1457 O  O     . HOH Q 4 .  ? -3.983  2.788   8.645   1.00 30.81 ?  206 HOH C O     1 
HETATM 1458 O  O     . HOH Q 4 .  ? 5.882   9.669   12.769  1.00 37.71 ?  207 HOH C O     1 
HETATM 1459 O  O     . HOH Q 4 .  ? -2.501  1.766   11.269  1.00 35.41 ?  208 HOH C O     1 
HETATM 1460 O  O     . HOH Q 4 .  ? -6.863  -3.150  -17.700 1.00 28.42 ?  209 HOH C O     1 
HETATM 1461 O  O     . HOH Q 4 .  ? -2.869  12.007  0.017   1.00 27.22 ?  210 HOH C O     1 
HETATM 1462 O  O     . HOH Q 4 .  ? 10.537  13.536  1.188   1.00 33.49 ?  211 HOH C O     1 
HETATM 1463 O  O     . HOH Q 4 .  ? 0.768   14.109  8.694   1.00 32.52 ?  212 HOH C O     1 
HETATM 1464 O  O     . HOH Q 4 .  ? -1.947  13.753  3.924   1.00 32.44 ?  213 HOH C O     1 
HETATM 1465 O  O     . HOH R 4 .  ? 1.214   9.304   -2.011  1.00 36.78 ?  201 HOH D O     1 
HETATM 1466 O  O     . HOH R 4 .  ? 3.012   16.387  9.262   1.00 36.62 ?  202 HOH D O     1 
HETATM 1467 O  O     . HOH R 4 .  ? -9.562  -6.356  -18.599 1.00 26.13 ?  203 HOH D O     1 
HETATM 1468 O  O     . HOH R 4 .  ? -15.494 2.803   -23.610 1.00 34.91 ?  204 HOH D O     1 
HETATM 1469 O  O     . HOH R 4 .  ? -1.156  9.220   -0.264  1.00 31.53 ?  205 HOH D O     1 
HETATM 1470 O  O     . HOH R 4 .  ? -13.456 4.752   -9.644  1.00 31.43 ?  206 HOH D O     1 
HETATM 1471 O  O     . HOH R 4 .  ? 0.907   19.052  8.682   1.00 39.92 ?  207 HOH D O     1 
HETATM 1472 O  O     . HOH R 4 .  ? 1.094   16.306  6.296   1.00 34.84 ?  208 HOH D O     1 
HETATM 1473 O  O     . HOH R 4 .  ? -15.697 2.942   -11.330 1.00 32.63 ?  209 HOH D O     1 
HETATM 1474 O  O     . HOH R 4 .  ? -12.218 4.588   -6.784  1.00 25.45 ?  210 HOH D O     1 
HETATM 1475 O  O     . HOH R 4 .  ? -16.571 0.926   -16.798 1.00 24.96 ?  211 HOH D O     1 
HETATM 1476 O  O     . HOH R 4 .  ? 9.034   20.579  2.552   1.00 32.16 ?  212 HOH D O     1 
HETATM 1477 O  O     . HOH R 4 .  ? -5.068  11.231  2.557   1.00 33.65 ?  213 HOH D O     1 
HETATM 1478 O  O     . HOH R 4 .  ? -10.347 3.401   -5.620  1.00 31.55 ?  214 HOH D O     1 
# 
